data_2BZN
#
_entry.id   2BZN
#
_cell.length_a   131.291
_cell.length_b   141.350
_cell.length_c   164.895
_cell.angle_alpha   90.00
_cell.angle_beta   90.00
_cell.angle_gamma   90.00
#
_symmetry.space_group_name_H-M   'P 21 21 21'
#
loop_
_entity.id
_entity.type
_entity.pdbx_description
1 polymer 'GMP REDUCTASE 2'
2 non-polymer 'INOSINIC ACID'
3 water water
#
_entity_poly.entity_id   1
_entity_poly.type   'polypeptide(L)'
_entity_poly.pdbx_seq_one_letter_code
;MGSSHHHHHHSSGLVPRGSLDFKDVLLRPKRSTLKSRSEVDLTRSFSFRNSKQTYSGVPIIAANMDTVGTFEMAKVLCKF
SLFTAVHKHYSLVQWQEFAGQNPDCLEHLAASSGTGSSDFEQLEQILEAIPQVKYICLDVANGYSEHFVEFVKDVRKRFP
QHTIMAGNVVTGEMVEELILSGADIIKVGIGPGSVCTTRKKTGVGYPQLSAVMECADAAHGLKGHIISDGGCSCPGDVAK
AFGAGADFVMLGGMLAGHSESGGELIERDGKKYKLFYGMSSEMAMKKYAGGVAEYRASEGKTVEVPFKGDVEHTIRDILG
GIRSTCTYVGAAKLKELSRRTTFIRVTQQVN
;
_entity_poly.pdbx_strand_id   A,B,C,D,E,F,G,H
#
# COMPACT_ATOMS: atom_id res chain seq x y z
N SER A 19 -12.30 15.01 -32.80
CA SER A 19 -12.48 13.73 -32.03
C SER A 19 -12.52 14.02 -30.54
N LEU A 20 -13.71 14.26 -30.02
CA LEU A 20 -13.86 14.78 -28.68
C LEU A 20 -14.60 13.81 -27.78
N ASP A 21 -14.02 13.58 -26.60
CA ASP A 21 -14.68 12.94 -25.50
C ASP A 21 -15.02 14.05 -24.52
N PHE A 22 -15.82 13.72 -23.52
CA PHE A 22 -16.25 14.69 -22.52
C PHE A 22 -15.09 15.43 -21.83
N LYS A 23 -13.98 14.72 -21.56
CA LYS A 23 -12.86 15.26 -20.82
C LYS A 23 -12.08 16.28 -21.65
N ASP A 24 -12.36 16.33 -22.95
CA ASP A 24 -11.63 17.26 -23.82
C ASP A 24 -12.20 18.67 -23.80
N VAL A 25 -13.36 18.88 -23.19
CA VAL A 25 -14.03 20.19 -23.26
C VAL A 25 -14.49 20.74 -21.94
N LEU A 26 -14.66 22.07 -21.94
CA LEU A 26 -15.44 22.78 -20.93
C LEU A 26 -16.47 23.67 -21.67
N LEU A 27 -17.53 24.04 -20.98
CA LEU A 27 -18.49 25.03 -21.45
C LEU A 27 -18.11 26.44 -21.00
N ARG A 28 -18.17 27.38 -21.93
CA ARG A 28 -17.88 28.77 -21.61
C ARG A 28 -19.04 29.39 -20.83
N PRO A 29 -18.73 30.05 -19.71
CA PRO A 29 -19.80 30.85 -19.07
C PRO A 29 -20.22 32.00 -20.00
N LYS A 30 -21.45 32.48 -19.86
CA LYS A 30 -21.98 33.53 -20.69
C LYS A 30 -22.88 34.48 -19.92
N ARG A 31 -22.97 35.72 -20.42
CA ARG A 31 -23.80 36.75 -19.79
C ARG A 31 -25.23 36.25 -19.75
N SER A 32 -25.86 36.41 -18.60
CA SER A 32 -27.25 36.06 -18.48
C SER A 32 -28.05 37.09 -17.68
N THR A 33 -29.35 36.97 -17.90
CA THR A 33 -30.32 37.89 -17.42
C THR A 33 -31.27 37.15 -16.49
N LEU A 34 -30.91 35.91 -16.15
CA LEU A 34 -31.72 35.05 -15.29
C LEU A 34 -31.95 35.70 -13.93
N LYS A 35 -32.98 35.28 -13.22
CA LYS A 35 -33.22 35.79 -11.87
C LYS A 35 -32.27 35.11 -10.85
N SER A 36 -32.51 33.81 -10.61
CA SER A 36 -31.63 32.92 -9.83
C SER A 36 -31.43 31.62 -10.63
N ARG A 37 -31.04 30.53 -9.95
CA ARG A 37 -30.89 29.21 -10.59
C ARG A 37 -32.05 28.27 -10.29
N SER A 38 -32.95 28.72 -9.41
CA SER A 38 -34.21 28.00 -9.10
C SER A 38 -35.20 28.21 -10.24
N GLU A 39 -34.96 29.27 -10.99
CA GLU A 39 -35.73 29.56 -12.17
C GLU A 39 -35.49 28.56 -13.32
N VAL A 40 -34.54 27.62 -13.16
CA VAL A 40 -34.15 26.78 -14.30
C VAL A 40 -35.08 25.56 -14.44
N ASP A 41 -35.60 25.40 -15.64
CA ASP A 41 -36.50 24.28 -15.91
C ASP A 41 -35.75 23.18 -16.67
N LEU A 42 -35.57 22.03 -16.05
CA LEU A 42 -34.93 20.85 -16.68
C LEU A 42 -35.87 19.94 -17.44
N THR A 43 -37.17 20.20 -17.35
CA THR A 43 -38.20 19.52 -18.16
C THR A 43 -38.07 19.87 -19.64
N ARG A 44 -38.26 18.88 -20.50
CA ARG A 44 -38.39 19.11 -21.93
C ARG A 44 -39.70 18.55 -22.42
N SER A 45 -40.16 19.10 -23.55
CA SER A 45 -41.35 18.62 -24.26
C SER A 45 -40.97 18.22 -25.68
N PHE A 46 -41.31 16.99 -26.06
CA PHE A 46 -40.93 16.45 -27.33
C PHE A 46 -42.18 15.86 -28.01
N SER A 47 -42.21 15.96 -29.34
CA SER A 47 -43.17 15.23 -30.19
C SER A 47 -42.35 14.35 -31.08
N PHE A 48 -42.65 13.07 -31.05
CA PHE A 48 -41.83 12.09 -31.72
C PHE A 48 -42.31 11.89 -33.16
N ARG A 49 -41.32 11.78 -34.03
CA ARG A 49 -41.52 11.83 -35.46
C ARG A 49 -42.45 10.75 -35.97
N ASN A 50 -42.25 9.52 -35.49
CA ASN A 50 -42.87 8.37 -36.10
C ASN A 50 -44.05 7.87 -35.31
N SER A 51 -43.92 7.84 -33.97
CA SER A 51 -45.00 7.42 -33.09
C SER A 51 -46.06 8.51 -32.98
N LYS A 52 -45.68 9.76 -33.26
CA LYS A 52 -46.55 10.92 -33.09
C LYS A 52 -46.94 11.15 -31.62
N GLN A 53 -46.27 10.48 -30.68
CA GLN A 53 -46.59 10.63 -29.28
C GLN A 53 -45.84 11.82 -28.68
N THR A 54 -46.30 12.32 -27.54
CA THR A 54 -45.69 13.48 -26.92
C THR A 54 -45.05 13.10 -25.59
N TYR A 55 -43.96 13.78 -25.25
CA TYR A 55 -43.24 13.51 -24.02
C TYR A 55 -43.12 14.80 -23.23
N SER A 56 -43.34 14.74 -21.92
CA SER A 56 -42.89 15.82 -21.02
C SER A 56 -42.17 15.24 -19.79
N GLY A 57 -40.89 15.59 -19.60
CA GLY A 57 -40.17 15.14 -18.40
C GLY A 57 -38.73 15.64 -18.36
N VAL A 58 -37.99 15.24 -17.33
CA VAL A 58 -36.55 15.44 -17.28
C VAL A 58 -35.88 14.29 -18.05
N PRO A 59 -35.26 14.63 -19.18
CA PRO A 59 -34.80 13.64 -20.13
C PRO A 59 -33.45 12.96 -19.77
N ILE A 60 -33.40 12.40 -18.56
CA ILE A 60 -32.34 11.52 -18.12
C ILE A 60 -32.94 10.13 -17.89
N ILE A 61 -32.29 9.13 -18.45
CA ILE A 61 -32.80 7.74 -18.50
C ILE A 61 -31.87 6.78 -17.80
N ALA A 62 -32.44 6.06 -16.84
CA ALA A 62 -31.77 4.92 -16.23
C ALA A 62 -31.62 3.81 -17.28
N ALA A 63 -30.39 3.33 -17.47
CA ALA A 63 -30.07 2.33 -18.49
C ALA A 63 -30.74 0.98 -18.23
N ASN A 64 -31.08 0.30 -19.31
CA ASN A 64 -31.73 -1.01 -19.26
C ASN A 64 -30.77 -2.17 -18.94
N MET A 65 -29.79 -1.89 -18.10
CA MET A 65 -28.92 -2.90 -17.53
C MET A 65 -29.66 -3.52 -16.35
N ASP A 66 -29.39 -4.79 -16.08
CA ASP A 66 -30.12 -5.49 -15.00
C ASP A 66 -29.83 -4.98 -13.62
N THR A 67 -28.75 -4.24 -13.45
CA THR A 67 -28.44 -3.64 -12.15
C THR A 67 -28.92 -2.19 -12.07
N VAL A 68 -29.40 -1.65 -13.17
CA VAL A 68 -29.78 -0.23 -13.18
C VAL A 68 -31.25 0.01 -13.44
N GLY A 69 -31.78 -0.61 -14.49
CA GLY A 69 -33.18 -0.36 -14.89
C GLY A 69 -34.16 -1.23 -14.14
N THR A 70 -34.28 -1.00 -12.83
CA THR A 70 -35.04 -1.83 -11.94
C THR A 70 -36.31 -1.11 -11.58
N PHE A 71 -37.31 -1.87 -11.10
CA PHE A 71 -38.54 -1.24 -10.69
C PHE A 71 -38.31 -0.33 -9.49
N GLU A 72 -37.37 -0.69 -8.63
CA GLU A 72 -37.08 0.14 -7.47
C GLU A 72 -36.44 1.47 -7.90
N MET A 73 -35.60 1.42 -8.93
CA MET A 73 -35.02 2.62 -9.52
C MET A 73 -36.12 3.53 -10.10
N ALA A 74 -36.98 2.92 -10.89
CA ALA A 74 -38.11 3.64 -11.51
C ALA A 74 -39.01 4.36 -10.50
N LYS A 75 -39.26 3.75 -9.34
CA LYS A 75 -40.14 4.36 -8.35
C LYS A 75 -39.55 5.65 -7.80
N VAL A 76 -38.24 5.67 -7.58
CA VAL A 76 -37.62 6.89 -7.10
C VAL A 76 -37.54 7.91 -8.22
N LEU A 77 -37.09 7.47 -9.38
CA LEU A 77 -36.82 8.40 -10.47
C LEU A 77 -38.11 9.07 -10.97
N CYS A 78 -39.23 8.35 -10.91
CA CYS A 78 -40.54 8.94 -11.25
C CYS A 78 -40.82 10.19 -10.46
N LYS A 79 -40.42 10.20 -9.20
CA LYS A 79 -40.64 11.36 -8.34
C LYS A 79 -39.87 12.61 -8.83
N PHE A 80 -38.81 12.42 -9.60
CA PHE A 80 -38.11 13.57 -10.19
C PHE A 80 -38.42 13.80 -11.69
N SER A 81 -39.44 13.10 -12.19
CA SER A 81 -39.83 13.11 -13.60
C SER A 81 -38.72 12.59 -14.52
N LEU A 82 -37.91 11.68 -13.97
CA LEU A 82 -36.88 10.98 -14.77
C LEU A 82 -37.43 9.68 -15.34
N PHE A 83 -36.72 9.14 -16.34
CA PHE A 83 -37.18 8.01 -17.17
C PHE A 83 -36.37 6.75 -16.88
N THR A 84 -37.04 5.60 -16.93
CA THR A 84 -36.39 4.32 -16.73
C THR A 84 -36.60 3.39 -17.91
N ALA A 85 -35.50 2.96 -18.55
CA ALA A 85 -35.54 1.84 -19.47
C ALA A 85 -35.36 0.56 -18.67
N VAL A 86 -36.45 -0.19 -18.51
CA VAL A 86 -36.44 -1.38 -17.68
C VAL A 86 -35.68 -2.50 -18.37
N HIS A 87 -34.95 -3.27 -17.57
CA HIS A 87 -34.17 -4.37 -18.05
C HIS A 87 -35.09 -5.48 -18.52
N LYS A 88 -34.52 -6.49 -19.16
CA LYS A 88 -35.37 -7.46 -19.84
C LYS A 88 -35.42 -8.81 -19.16
N HIS A 89 -35.19 -8.78 -17.85
CA HIS A 89 -35.15 -9.98 -17.04
C HIS A 89 -36.19 -9.97 -15.93
N TYR A 90 -37.28 -9.24 -16.10
CA TYR A 90 -38.44 -9.41 -15.23
C TYR A 90 -39.46 -10.25 -15.96
N SER A 91 -40.20 -11.05 -15.19
CA SER A 91 -41.27 -11.89 -15.73
C SER A 91 -42.46 -10.99 -15.91
N LEU A 92 -43.41 -11.47 -16.70
CA LEU A 92 -44.70 -10.77 -16.87
C LEU A 92 -45.44 -10.58 -15.55
N VAL A 93 -45.39 -11.57 -14.68
CA VAL A 93 -46.04 -11.46 -13.36
C VAL A 93 -45.40 -10.33 -12.54
N GLN A 94 -44.07 -10.28 -12.51
CA GLN A 94 -43.36 -9.13 -11.89
C GLN A 94 -43.82 -7.77 -12.45
N TRP A 95 -43.93 -7.68 -13.77
CA TRP A 95 -44.40 -6.44 -14.37
C TRP A 95 -45.82 -6.07 -13.91
N GLN A 96 -46.74 -7.03 -13.98
CA GLN A 96 -48.17 -6.78 -13.61
C GLN A 96 -48.31 -6.41 -12.13
N GLU A 97 -47.50 -7.03 -11.28
CA GLU A 97 -47.45 -6.65 -9.85
C GLU A 97 -46.99 -5.17 -9.68
N PHE A 98 -45.91 -4.82 -10.37
CA PHE A 98 -45.39 -3.46 -10.32
C PHE A 98 -46.42 -2.46 -10.82
N ALA A 99 -46.97 -2.75 -11.99
CA ALA A 99 -47.96 -1.87 -12.59
C ALA A 99 -49.20 -1.71 -11.68
N GLY A 100 -49.67 -2.81 -11.11
CA GLY A 100 -50.74 -2.77 -10.12
C GLY A 100 -50.44 -1.88 -8.94
N GLN A 101 -49.25 -2.01 -8.35
CA GLN A 101 -48.88 -1.24 -7.18
C GLN A 101 -48.40 0.19 -7.48
N ASN A 102 -47.95 0.43 -8.70
CA ASN A 102 -47.32 1.72 -9.04
C ASN A 102 -47.85 2.29 -10.33
N PRO A 103 -49.19 2.51 -10.37
CA PRO A 103 -49.90 2.98 -11.55
C PRO A 103 -49.37 4.30 -12.03
N ASP A 104 -48.94 5.16 -11.11
CA ASP A 104 -48.40 6.46 -11.52
C ASP A 104 -46.90 6.43 -11.87
N CYS A 105 -46.33 5.25 -12.15
CA CYS A 105 -44.92 5.16 -12.57
C CYS A 105 -44.73 4.72 -14.00
N LEU A 106 -45.83 4.56 -14.73
CA LEU A 106 -45.80 3.84 -15.99
C LEU A 106 -45.53 4.73 -17.21
N GLU A 107 -45.67 6.04 -17.07
CA GLU A 107 -45.58 6.90 -18.24
C GLU A 107 -44.14 7.24 -18.67
N HIS A 108 -43.18 7.24 -17.74
CA HIS A 108 -41.78 7.41 -18.15
C HIS A 108 -41.01 6.12 -17.95
N LEU A 109 -41.50 5.11 -18.67
CA LEU A 109 -41.03 3.78 -18.55
C LEU A 109 -40.99 3.12 -19.92
N ALA A 110 -39.90 2.42 -20.22
CA ALA A 110 -39.80 1.60 -21.43
C ALA A 110 -39.54 0.12 -21.15
N ALA A 111 -40.19 -0.73 -21.93
CA ALA A 111 -39.88 -2.14 -22.02
C ALA A 111 -38.83 -2.38 -23.08
N SER A 112 -37.87 -3.25 -22.77
CA SER A 112 -36.68 -3.47 -23.57
C SER A 112 -36.68 -4.82 -24.26
N SER A 113 -36.05 -4.89 -25.42
CA SER A 113 -35.87 -6.15 -26.16
C SER A 113 -34.64 -6.12 -27.04
N GLY A 114 -34.02 -7.27 -27.20
CA GLY A 114 -33.11 -7.50 -28.31
C GLY A 114 -33.92 -7.93 -29.54
N THR A 115 -33.23 -8.48 -30.53
CA THR A 115 -33.84 -8.96 -31.77
C THR A 115 -34.28 -10.46 -31.69
N GLY A 116 -34.01 -11.14 -30.58
CA GLY A 116 -34.48 -12.54 -30.39
C GLY A 116 -36.00 -12.73 -30.45
N SER A 117 -36.43 -13.91 -30.91
CA SER A 117 -37.88 -14.17 -31.04
C SER A 117 -38.47 -14.23 -29.62
N SER A 118 -37.71 -14.82 -28.72
CA SER A 118 -38.04 -14.91 -27.30
C SER A 118 -38.10 -13.52 -26.61
N ASP A 119 -37.10 -12.68 -26.87
CA ASP A 119 -37.12 -11.28 -26.44
C ASP A 119 -38.41 -10.61 -26.93
N PHE A 120 -38.63 -10.66 -28.24
CA PHE A 120 -39.79 -10.02 -28.85
C PHE A 120 -41.14 -10.48 -28.27
N GLU A 121 -41.30 -11.80 -28.13
CA GLU A 121 -42.46 -12.41 -27.46
C GLU A 121 -42.78 -11.76 -26.12
N GLN A 122 -41.76 -11.78 -25.26
CA GLN A 122 -41.84 -11.27 -23.91
C GLN A 122 -42.22 -9.80 -23.91
N LEU A 123 -41.60 -9.03 -24.79
CA LEU A 123 -41.94 -7.62 -24.94
C LEU A 123 -43.41 -7.46 -25.29
N GLU A 124 -43.86 -8.29 -26.23
CA GLU A 124 -45.23 -8.19 -26.72
C GLU A 124 -46.25 -8.50 -25.62
N GLN A 125 -45.96 -9.50 -24.79
CA GLN A 125 -46.82 -9.79 -23.64
C GLN A 125 -46.91 -8.66 -22.61
N ILE A 126 -45.79 -7.97 -22.37
CA ILE A 126 -45.79 -6.84 -21.46
C ILE A 126 -46.64 -5.70 -22.04
N LEU A 127 -46.39 -5.37 -23.30
CA LEU A 127 -47.10 -4.29 -23.98
C LEU A 127 -48.64 -4.58 -24.10
N GLU A 128 -49.01 -5.84 -24.27
CA GLU A 128 -50.43 -6.21 -24.32
C GLU A 128 -51.04 -6.13 -22.93
N ALA A 129 -50.34 -6.69 -21.94
CA ALA A 129 -50.86 -6.75 -20.58
C ALA A 129 -50.87 -5.39 -19.91
N ILE A 130 -50.00 -4.49 -20.36
CA ILE A 130 -49.78 -3.22 -19.67
C ILE A 130 -49.78 -2.05 -20.66
N PRO A 131 -50.99 -1.67 -21.12
CA PRO A 131 -51.18 -0.65 -22.13
C PRO A 131 -50.61 0.72 -21.76
N GLN A 132 -50.39 0.95 -20.47
CA GLN A 132 -49.86 2.23 -20.00
C GLN A 132 -48.37 2.40 -20.40
N VAL A 133 -47.68 1.30 -20.71
CA VAL A 133 -46.29 1.35 -21.16
C VAL A 133 -46.31 1.72 -22.64
N LYS A 134 -45.76 2.88 -22.96
CA LYS A 134 -45.91 3.49 -24.28
C LYS A 134 -44.57 3.67 -24.99
N TYR A 135 -43.51 3.09 -24.41
CA TYR A 135 -42.16 3.20 -24.94
C TYR A 135 -41.53 1.84 -25.00
N ILE A 136 -40.75 1.66 -26.07
CA ILE A 136 -40.01 0.48 -26.36
C ILE A 136 -38.54 0.85 -26.59
N CYS A 137 -37.65 0.10 -25.95
CA CYS A 137 -36.21 0.26 -26.11
C CYS A 137 -35.68 -0.99 -26.80
N LEU A 138 -35.26 -0.83 -28.04
CA LEU A 138 -34.69 -1.91 -28.83
C LEU A 138 -33.17 -1.72 -28.87
N ASP A 139 -32.46 -2.74 -28.44
CA ASP A 139 -31.10 -2.59 -27.98
C ASP A 139 -30.28 -3.73 -28.52
N VAL A 140 -29.24 -3.38 -29.25
CA VAL A 140 -28.22 -4.33 -29.70
C VAL A 140 -26.86 -3.64 -29.56
N ALA A 141 -25.79 -4.40 -29.52
CA ALA A 141 -24.45 -3.80 -29.43
C ALA A 141 -24.12 -3.16 -30.80
N ASN A 142 -24.50 -3.84 -31.89
CA ASN A 142 -24.21 -3.34 -33.23
C ASN A 142 -25.46 -2.94 -34.02
N GLY A 143 -25.80 -1.67 -33.93
CA GLY A 143 -26.99 -1.13 -34.58
C GLY A 143 -26.83 -0.89 -36.07
N TYR A 144 -25.68 -1.27 -36.62
CA TYR A 144 -25.34 -1.06 -38.03
C TYR A 144 -25.74 -2.24 -38.93
N SER A 145 -26.26 -3.32 -38.37
CA SER A 145 -26.62 -4.48 -39.21
C SER A 145 -27.97 -4.29 -39.89
N GLU A 146 -28.09 -4.82 -41.10
CA GLU A 146 -29.39 -4.89 -41.80
C GLU A 146 -30.47 -5.62 -41.00
N HIS A 147 -30.07 -6.66 -40.29
CA HIS A 147 -30.99 -7.44 -39.46
C HIS A 147 -31.66 -6.59 -38.38
N PHE A 148 -30.89 -5.71 -37.75
CA PHE A 148 -31.47 -4.80 -36.77
C PHE A 148 -32.40 -3.77 -37.41
N VAL A 149 -31.98 -3.20 -38.53
CA VAL A 149 -32.84 -2.29 -39.29
C VAL A 149 -34.21 -2.96 -39.60
N GLU A 150 -34.20 -4.17 -40.10
CA GLU A 150 -35.44 -4.86 -40.46
C GLU A 150 -36.27 -5.14 -39.22
N PHE A 151 -35.60 -5.44 -38.11
CA PHE A 151 -36.27 -5.64 -36.84
C PHE A 151 -36.96 -4.38 -36.36
N VAL A 152 -36.27 -3.24 -36.43
CA VAL A 152 -36.90 -1.98 -36.08
C VAL A 152 -38.17 -1.72 -36.92
N LYS A 153 -38.08 -1.95 -38.24
CA LYS A 153 -39.26 -1.78 -39.13
C LYS A 153 -40.44 -2.63 -38.65
N ASP A 154 -40.20 -3.90 -38.38
CA ASP A 154 -41.26 -4.80 -37.85
C ASP A 154 -41.91 -4.38 -36.54
N VAL A 155 -41.10 -3.92 -35.58
CA VAL A 155 -41.65 -3.45 -34.31
C VAL A 155 -42.52 -2.21 -34.55
N ARG A 156 -42.03 -1.33 -35.42
CA ARG A 156 -42.78 -0.17 -35.83
C ARG A 156 -44.16 -0.55 -36.44
N LYS A 157 -44.18 -1.57 -37.29
CA LYS A 157 -45.45 -2.05 -37.85
C LYS A 157 -46.37 -2.63 -36.79
N ARG A 158 -45.79 -3.31 -35.81
CA ARG A 158 -46.61 -3.98 -34.79
C ARG A 158 -47.14 -3.02 -33.74
N PHE A 159 -46.39 -1.95 -33.44
CA PHE A 159 -46.84 -1.00 -32.44
C PHE A 159 -46.70 0.42 -32.94
N PRO A 160 -47.65 0.84 -33.82
CA PRO A 160 -47.62 2.17 -34.46
C PRO A 160 -47.71 3.35 -33.52
N GLN A 161 -48.36 3.20 -32.38
CA GLN A 161 -48.43 4.27 -31.43
C GLN A 161 -47.39 4.21 -30.27
N HIS A 162 -46.47 3.25 -30.28
CA HIS A 162 -45.41 3.17 -29.23
C HIS A 162 -44.16 3.92 -29.69
N THR A 163 -43.60 4.75 -28.82
CA THR A 163 -42.38 5.48 -29.12
C THR A 163 -41.20 4.52 -29.01
N ILE A 164 -40.41 4.46 -30.06
CA ILE A 164 -39.32 3.48 -30.16
C ILE A 164 -37.95 4.15 -29.99
N MET A 165 -37.20 3.70 -28.97
CA MET A 165 -35.76 3.97 -28.85
C MET A 165 -35.00 2.83 -29.50
N ALA A 166 -33.99 3.13 -30.28
CA ALA A 166 -33.25 2.09 -30.96
C ALA A 166 -31.77 2.43 -31.06
N GLY A 167 -30.93 1.40 -30.87
CA GLY A 167 -29.50 1.60 -31.01
C GLY A 167 -28.72 0.32 -30.75
N ASN A 168 -27.39 0.39 -30.76
CA ASN A 168 -26.63 1.64 -30.74
C ASN A 168 -25.80 1.87 -31.98
N VAL A 169 -25.51 3.14 -32.26
CA VAL A 169 -24.72 3.59 -33.38
C VAL A 169 -23.98 4.86 -32.98
N VAL A 170 -23.01 5.30 -33.78
CA VAL A 170 -22.24 6.49 -33.46
C VAL A 170 -22.09 7.51 -34.63
N THR A 171 -22.73 7.20 -35.77
CA THR A 171 -22.62 8.04 -36.98
C THR A 171 -23.98 8.36 -37.64
N GLY A 172 -23.98 9.48 -38.36
CA GLY A 172 -25.19 10.11 -38.88
C GLY A 172 -25.93 9.27 -39.90
N GLU A 173 -25.20 8.64 -40.80
CA GLU A 173 -25.85 7.82 -41.82
C GLU A 173 -26.75 6.77 -41.16
N MET A 174 -26.22 6.12 -40.12
CA MET A 174 -26.99 5.05 -39.46
C MET A 174 -28.15 5.64 -38.65
N VAL A 175 -27.95 6.83 -38.09
CA VAL A 175 -29.03 7.52 -37.39
C VAL A 175 -30.23 7.74 -38.35
N GLU A 176 -29.95 8.28 -39.54
CA GLU A 176 -31.00 8.59 -40.52
C GLU A 176 -31.78 7.34 -40.92
N GLU A 177 -31.03 6.30 -41.25
CA GLU A 177 -31.62 5.08 -41.67
C GLU A 177 -32.52 4.48 -40.59
N LEU A 178 -32.09 4.50 -39.33
CA LEU A 178 -32.94 3.97 -38.26
C LEU A 178 -34.21 4.80 -38.05
N ILE A 179 -34.13 6.13 -38.13
CA ILE A 179 -35.30 6.98 -38.00
C ILE A 179 -36.30 6.75 -39.18
N LEU A 180 -35.77 6.63 -40.40
CA LEU A 180 -36.58 6.39 -41.60
C LEU A 180 -37.17 4.99 -41.57
N SER A 181 -36.48 4.06 -40.88
CA SER A 181 -37.01 2.71 -40.70
C SER A 181 -38.07 2.63 -39.59
N GLY A 182 -38.26 3.68 -38.82
CA GLY A 182 -39.38 3.71 -37.86
C GLY A 182 -39.05 4.02 -36.42
N ALA A 183 -37.76 4.13 -36.09
CA ALA A 183 -37.37 4.49 -34.72
C ALA A 183 -37.55 6.00 -34.49
N ASP A 184 -38.06 6.36 -33.33
CA ASP A 184 -38.16 7.77 -32.93
C ASP A 184 -36.88 8.39 -32.34
N ILE A 185 -36.18 7.59 -31.53
CA ILE A 185 -35.07 8.05 -30.68
C ILE A 185 -33.92 7.09 -30.86
N ILE A 186 -32.78 7.60 -31.31
CA ILE A 186 -31.65 6.75 -31.60
C ILE A 186 -30.65 6.79 -30.43
N LYS A 187 -30.23 5.61 -29.98
CA LYS A 187 -29.30 5.49 -28.84
C LYS A 187 -27.89 5.52 -29.39
N VAL A 188 -27.12 6.48 -28.89
CA VAL A 188 -25.81 6.77 -29.46
C VAL A 188 -24.70 6.38 -28.44
N GLY A 189 -23.82 5.49 -28.88
CA GLY A 189 -22.65 5.14 -28.09
C GLY A 189 -22.25 3.73 -28.38
N ILE A 190 -21.01 3.58 -28.84
CA ILE A 190 -20.37 2.27 -28.97
C ILE A 190 -19.00 2.30 -28.25
N GLY A 191 -18.90 1.55 -27.17
CA GLY A 191 -17.65 1.47 -26.39
C GLY A 191 -17.39 2.46 -25.28
N PRO A 192 -18.25 3.48 -25.07
CA PRO A 192 -17.87 4.47 -24.03
C PRO A 192 -18.23 4.04 -22.61
N GLY A 193 -19.02 2.99 -22.48
CA GLY A 193 -19.61 2.65 -21.20
C GLY A 193 -18.58 2.22 -20.15
N SER A 194 -18.81 2.63 -18.89
CA SER A 194 -17.91 2.28 -17.78
C SER A 194 -17.58 0.80 -17.61
N VAL A 195 -18.50 -0.11 -17.90
CA VAL A 195 -18.13 -1.56 -17.80
C VAL A 195 -18.15 -2.28 -19.17
N CYS A 196 -17.95 -1.48 -20.22
CA CYS A 196 -17.85 -1.98 -21.54
C CYS A 196 -16.38 -2.29 -21.86
N THR A 197 -16.13 -3.41 -22.52
CA THR A 197 -14.77 -3.73 -23.03
C THR A 197 -14.71 -3.81 -24.59
N THR A 198 -15.71 -3.31 -25.28
CA THR A 198 -15.71 -3.35 -26.78
C THR A 198 -14.40 -2.78 -27.37
N ARG A 199 -13.94 -1.66 -26.86
CA ARG A 199 -12.72 -1.05 -27.41
C ARG A 199 -11.47 -1.89 -27.30
N LYS A 200 -11.27 -2.55 -26.15
CA LYS A 200 -10.14 -3.46 -25.94
C LYS A 200 -10.27 -4.77 -26.69
N LYS A 201 -11.48 -5.28 -26.84
CA LYS A 201 -11.67 -6.57 -27.47
C LYS A 201 -11.73 -6.51 -28.99
N THR A 202 -12.12 -5.37 -29.54
CA THR A 202 -12.36 -5.21 -30.96
C THR A 202 -11.72 -4.00 -31.61
N GLY A 203 -11.31 -3.00 -30.83
CA GLY A 203 -10.81 -1.76 -31.36
C GLY A 203 -11.82 -0.83 -31.99
N VAL A 204 -13.11 -1.14 -31.88
CA VAL A 204 -14.15 -0.34 -32.47
C VAL A 204 -14.74 0.65 -31.49
N GLY A 205 -15.00 1.84 -31.98
CA GLY A 205 -15.78 2.79 -31.22
C GLY A 205 -15.67 4.18 -31.77
N TYR A 206 -16.01 5.15 -30.94
CA TYR A 206 -16.11 6.51 -31.40
C TYR A 206 -16.13 7.43 -30.18
N PRO A 207 -15.32 8.52 -30.17
CA PRO A 207 -15.38 9.50 -29.07
C PRO A 207 -16.78 10.02 -28.87
N GLN A 208 -17.25 9.96 -27.64
CA GLN A 208 -18.68 10.09 -27.39
C GLN A 208 -19.27 11.46 -27.67
N LEU A 209 -18.53 12.51 -27.33
CA LEU A 209 -18.99 13.85 -27.54
C LEU A 209 -19.11 14.11 -29.03
N SER A 210 -18.08 13.76 -29.81
CA SER A 210 -18.14 13.83 -31.28
C SER A 210 -19.31 13.01 -31.85
N ALA A 211 -19.53 11.81 -31.31
CA ALA A 211 -20.67 11.00 -31.70
C ALA A 211 -22.00 11.74 -31.48
N VAL A 212 -22.14 12.34 -30.31
CA VAL A 212 -23.35 13.04 -29.98
C VAL A 212 -23.55 14.22 -30.95
N MET A 213 -22.52 15.03 -31.17
CA MET A 213 -22.66 16.20 -32.03
C MET A 213 -23.16 15.81 -33.45
N GLU A 214 -22.50 14.83 -34.05
CA GLU A 214 -22.85 14.31 -35.37
C GLU A 214 -24.24 13.67 -35.39
N CYS A 215 -24.50 12.77 -34.44
CA CYS A 215 -25.77 12.10 -34.41
C CYS A 215 -26.93 13.06 -34.11
N ALA A 216 -26.70 14.02 -33.24
CA ALA A 216 -27.71 15.00 -32.92
C ALA A 216 -28.15 15.78 -34.17
N ASP A 217 -27.19 16.32 -34.93
CA ASP A 217 -27.50 17.04 -36.18
C ASP A 217 -28.25 16.13 -37.15
N ALA A 218 -27.77 14.90 -37.32
CA ALA A 218 -28.37 13.99 -38.27
C ALA A 218 -29.83 13.71 -37.90
N ALA A 219 -30.11 13.51 -36.60
CA ALA A 219 -31.45 13.17 -36.16
C ALA A 219 -32.38 14.37 -36.22
N HIS A 220 -31.88 15.52 -35.76
CA HIS A 220 -32.69 16.72 -35.72
C HIS A 220 -33.10 17.20 -37.14
N GLY A 221 -32.27 16.93 -38.13
CA GLY A 221 -32.58 17.20 -39.50
C GLY A 221 -33.83 16.48 -39.95
N LEU A 222 -34.16 15.34 -39.32
CA LEU A 222 -35.33 14.56 -39.66
C LEU A 222 -36.43 14.69 -38.63
N LYS A 223 -36.28 15.60 -37.68
CA LYS A 223 -37.24 15.82 -36.58
C LYS A 223 -37.31 14.63 -35.62
N GLY A 224 -36.25 13.83 -35.65
CA GLY A 224 -36.06 12.76 -34.68
C GLY A 224 -35.21 13.26 -33.50
N HIS A 225 -34.85 12.32 -32.64
CA HIS A 225 -34.15 12.60 -31.37
C HIS A 225 -33.07 11.56 -31.09
N ILE A 226 -32.14 11.87 -30.18
CA ILE A 226 -31.11 10.91 -29.76
C ILE A 226 -31.00 10.77 -28.23
N ILE A 227 -30.44 9.63 -27.84
CA ILE A 227 -29.97 9.42 -26.49
C ILE A 227 -28.44 9.32 -26.53
N SER A 228 -27.77 10.11 -25.69
CA SER A 228 -26.32 9.91 -25.46
C SER A 228 -26.22 8.81 -24.42
N ASP A 229 -25.77 7.63 -24.85
CA ASP A 229 -25.80 6.45 -24.04
C ASP A 229 -24.36 5.98 -23.66
N GLY A 230 -23.99 6.25 -22.41
CA GLY A 230 -22.74 5.79 -21.84
C GLY A 230 -21.68 6.88 -21.72
N GLY A 231 -20.67 6.57 -20.88
CA GLY A 231 -19.53 7.42 -20.75
C GLY A 231 -19.67 8.60 -19.80
N CYS A 232 -20.83 8.82 -19.20
CA CYS A 232 -20.93 9.89 -18.22
C CYS A 232 -20.52 9.35 -16.84
N SER A 233 -19.62 10.08 -16.17
CA SER A 233 -19.15 9.72 -14.84
C SER A 233 -19.36 10.83 -13.79
N CYS A 234 -19.85 11.99 -14.20
CA CYS A 234 -20.11 13.10 -13.28
C CYS A 234 -21.21 13.94 -13.89
N PRO A 235 -21.90 14.78 -13.09
CA PRO A 235 -22.97 15.62 -13.66
C PRO A 235 -22.49 16.52 -14.81
N GLY A 236 -21.23 16.93 -14.72
CA GLY A 236 -20.60 17.73 -15.76
C GLY A 236 -20.63 17.08 -17.13
N ASP A 237 -20.44 15.76 -17.17
CA ASP A 237 -20.52 15.01 -18.42
C ASP A 237 -21.95 14.99 -18.98
N VAL A 238 -22.91 14.83 -18.10
CA VAL A 238 -24.31 14.87 -18.51
C VAL A 238 -24.62 16.23 -19.18
N ALA A 239 -24.17 17.31 -18.55
CA ALA A 239 -24.39 18.67 -19.09
C ALA A 239 -23.74 18.90 -20.44
N LYS A 240 -22.53 18.36 -20.59
CA LYS A 240 -21.84 18.43 -21.87
C LYS A 240 -22.58 17.68 -22.96
N ALA A 241 -23.12 16.50 -22.64
CA ALA A 241 -23.85 15.72 -23.64
C ALA A 241 -25.09 16.49 -24.09
N PHE A 242 -25.79 17.10 -23.14
CA PHE A 242 -26.95 17.90 -23.46
C PHE A 242 -26.49 19.12 -24.27
N GLY A 243 -25.38 19.73 -23.84
CA GLY A 243 -24.80 20.87 -24.52
C GLY A 243 -24.43 20.59 -25.96
N ALA A 244 -24.05 19.35 -26.21
CA ALA A 244 -23.69 18.92 -27.55
C ALA A 244 -24.90 18.59 -28.42
N GLY A 245 -26.10 18.62 -27.85
CA GLY A 245 -27.36 18.42 -28.62
C GLY A 245 -28.15 17.15 -28.33
N ALA A 246 -27.67 16.33 -27.41
CA ALA A 246 -28.43 15.15 -26.98
C ALA A 246 -29.77 15.58 -26.42
N ASP A 247 -30.82 14.86 -26.81
CA ASP A 247 -32.15 15.12 -26.33
C ASP A 247 -32.33 14.48 -24.95
N PHE A 248 -31.83 13.24 -24.86
CA PHE A 248 -31.80 12.45 -23.64
C PHE A 248 -30.35 12.04 -23.35
N VAL A 249 -30.06 11.81 -22.07
CA VAL A 249 -28.82 11.17 -21.64
C VAL A 249 -29.16 9.91 -20.84
N MET A 250 -28.50 8.80 -21.18
CA MET A 250 -28.65 7.54 -20.48
C MET A 250 -27.43 7.24 -19.59
N LEU A 251 -27.75 6.83 -18.37
CA LEU A 251 -26.80 6.58 -17.30
C LEU A 251 -26.85 5.12 -16.80
N GLY A 252 -25.70 4.42 -16.85
CA GLY A 252 -25.51 3.15 -16.17
C GLY A 252 -24.73 3.29 -14.85
N GLY A 253 -23.41 3.37 -14.96
CA GLY A 253 -22.53 3.44 -13.78
C GLY A 253 -22.87 4.50 -12.72
N MET A 254 -23.32 5.69 -13.12
CA MET A 254 -23.69 6.71 -12.11
C MET A 254 -24.84 6.29 -11.17
N LEU A 255 -25.71 5.43 -11.66
CA LEU A 255 -26.89 4.95 -10.96
C LEU A 255 -26.72 3.54 -10.36
N ALA A 256 -25.64 2.87 -10.71
CA ALA A 256 -25.26 1.57 -10.07
C ALA A 256 -24.78 1.80 -8.66
N GLY A 257 -24.87 0.77 -7.84
CA GLY A 257 -24.36 0.81 -6.46
C GLY A 257 -25.22 1.45 -5.42
N HIS A 258 -26.47 1.77 -5.77
CA HIS A 258 -27.41 2.35 -4.82
C HIS A 258 -28.31 1.28 -4.23
N SER A 259 -29.00 1.63 -3.15
CA SER A 259 -29.99 0.69 -2.55
C SER A 259 -30.94 0.16 -3.60
N GLU A 260 -31.38 1.05 -4.49
CA GLU A 260 -32.40 0.72 -5.48
C GLU A 260 -31.83 -0.03 -6.66
N SER A 261 -30.51 -0.06 -6.76
CA SER A 261 -29.86 -0.74 -7.85
C SER A 261 -29.96 -2.25 -7.67
N GLY A 262 -29.91 -2.99 -8.77
CA GLY A 262 -29.63 -4.40 -8.69
C GLY A 262 -28.15 -4.59 -8.38
N GLY A 263 -27.70 -5.82 -8.38
CA GLY A 263 -26.32 -6.12 -8.10
C GLY A 263 -26.25 -6.54 -6.64
N GLU A 264 -25.57 -7.67 -6.44
CA GLU A 264 -25.45 -8.29 -5.13
C GLU A 264 -24.77 -7.32 -4.16
N LEU A 265 -25.34 -7.17 -2.97
CA LEU A 265 -24.64 -6.49 -1.89
C LEU A 265 -23.56 -7.39 -1.29
N ILE A 266 -22.33 -6.90 -1.34
CA ILE A 266 -21.22 -7.63 -0.78
C ILE A 266 -20.53 -6.84 0.33
N GLU A 267 -20.54 -7.38 1.55
CA GLU A 267 -19.84 -6.76 2.68
C GLU A 267 -18.62 -7.56 2.96
N ARG A 268 -17.47 -6.99 2.68
CA ARG A 268 -16.24 -7.69 2.93
C ARG A 268 -15.19 -6.70 3.38
N ASP A 269 -14.32 -7.18 4.25
CA ASP A 269 -13.22 -6.37 4.79
C ASP A 269 -13.70 -5.01 5.35
N GLY A 270 -14.84 -5.06 6.03
CA GLY A 270 -15.42 -3.90 6.70
C GLY A 270 -16.10 -2.86 5.82
N LYS A 271 -16.17 -3.11 4.50
CA LYS A 271 -16.77 -2.16 3.56
C LYS A 271 -17.96 -2.80 2.85
N LYS A 272 -18.78 -1.96 2.22
CA LYS A 272 -19.91 -2.42 1.43
C LYS A 272 -19.75 -2.08 -0.05
N TYR A 273 -20.05 -3.08 -0.87
CA TYR A 273 -19.94 -2.99 -2.33
C TYR A 273 -21.21 -3.55 -2.97
N LYS A 274 -21.46 -3.09 -4.20
CA LYS A 274 -22.48 -3.69 -5.08
C LYS A 274 -21.85 -4.11 -6.39
N LEU A 275 -22.25 -5.27 -6.88
CA LEU A 275 -21.81 -5.71 -8.21
C LEU A 275 -22.45 -4.85 -9.27
N PHE A 276 -21.64 -4.54 -10.27
CA PHE A 276 -22.07 -3.87 -11.47
C PHE A 276 -21.28 -4.50 -12.63
N TYR A 277 -21.96 -4.82 -13.72
CA TYR A 277 -21.34 -5.62 -14.79
C TYR A 277 -22.07 -5.34 -16.09
N GLY A 278 -21.33 -5.45 -17.19
CA GLY A 278 -21.86 -5.21 -18.53
C GLY A 278 -22.81 -6.34 -18.94
N MET A 279 -23.79 -6.01 -19.78
CA MET A 279 -24.80 -7.00 -20.17
C MET A 279 -24.23 -8.06 -21.13
N SER A 280 -23.05 -7.80 -21.66
CA SER A 280 -22.32 -8.86 -22.38
C SER A 280 -21.06 -9.36 -21.64
N SER A 281 -20.95 -9.05 -20.33
CA SER A 281 -19.93 -9.63 -19.50
C SER A 281 -20.19 -11.13 -19.35
N GLU A 282 -19.14 -11.88 -19.00
CA GLU A 282 -19.30 -13.31 -18.59
C GLU A 282 -20.27 -13.51 -17.40
N MET A 283 -20.24 -12.60 -16.45
CA MET A 283 -21.16 -12.64 -15.33
C MET A 283 -22.59 -12.60 -15.82
N ALA A 284 -22.92 -11.65 -16.69
CA ALA A 284 -24.28 -11.57 -17.21
C ALA A 284 -24.65 -12.82 -18.01
N MET A 285 -23.73 -13.29 -18.86
CA MET A 285 -24.00 -14.43 -19.75
C MET A 285 -24.19 -15.72 -18.96
N LYS A 286 -23.44 -15.87 -17.87
CA LYS A 286 -23.63 -17.01 -16.98
C LYS A 286 -24.96 -16.95 -16.25
N LYS A 287 -25.31 -15.76 -15.77
CA LYS A 287 -26.51 -15.58 -15.00
C LYS A 287 -27.78 -15.94 -15.82
N TYR A 288 -27.78 -15.65 -17.12
CA TYR A 288 -28.98 -15.82 -17.93
C TYR A 288 -28.87 -16.98 -18.95
N ALA A 297 -18.00 -15.26 -26.24
CA ALA A 297 -17.29 -13.99 -26.54
C ALA A 297 -17.91 -12.87 -25.70
N SER A 298 -17.07 -12.05 -25.08
CA SER A 298 -17.50 -11.06 -24.10
C SER A 298 -17.05 -9.66 -24.48
N GLU A 299 -17.95 -8.70 -24.37
CA GLU A 299 -17.61 -7.28 -24.56
C GLU A 299 -17.96 -6.42 -23.32
N GLY A 300 -17.99 -7.05 -22.15
CA GLY A 300 -18.25 -6.39 -20.87
C GLY A 300 -17.42 -6.99 -19.74
N LYS A 301 -17.33 -6.26 -18.65
CA LYS A 301 -16.61 -6.70 -17.48
C LYS A 301 -17.46 -6.46 -16.22
N THR A 302 -16.91 -6.90 -15.09
CA THR A 302 -17.48 -6.77 -13.75
C THR A 302 -16.61 -5.87 -12.91
N VAL A 303 -17.28 -5.05 -12.09
CA VAL A 303 -16.65 -4.28 -11.04
C VAL A 303 -17.49 -4.43 -9.75
N GLU A 304 -16.86 -4.08 -8.63
CA GLU A 304 -17.57 -3.90 -7.38
C GLU A 304 -17.51 -2.43 -7.06
N VAL A 305 -18.67 -1.81 -6.96
CA VAL A 305 -18.85 -0.39 -6.67
C VAL A 305 -19.05 -0.17 -5.15
N PRO A 306 -18.26 0.73 -4.52
CA PRO A 306 -18.58 1.12 -3.17
C PRO A 306 -20.04 1.52 -3.08
N PHE A 307 -20.70 0.98 -2.05
CA PHE A 307 -22.12 1.15 -1.87
C PHE A 307 -22.39 2.64 -1.69
N LYS A 308 -23.45 3.14 -2.31
CA LYS A 308 -23.71 4.60 -2.38
C LYS A 308 -24.90 5.07 -1.58
N GLY A 309 -25.69 4.15 -1.05
CA GLY A 309 -26.87 4.53 -0.34
C GLY A 309 -28.03 4.76 -1.31
N ASP A 310 -28.96 5.64 -0.91
CA ASP A 310 -30.15 5.87 -1.66
C ASP A 310 -29.90 6.77 -2.89
N VAL A 311 -30.52 6.37 -4.00
CA VAL A 311 -30.33 7.06 -5.29
C VAL A 311 -30.86 8.47 -5.32
N GLU A 312 -31.83 8.80 -4.48
CA GLU A 312 -32.37 10.16 -4.52
C GLU A 312 -31.30 11.24 -4.30
N HIS A 313 -30.31 10.98 -3.45
CA HIS A 313 -29.23 11.97 -3.24
C HIS A 313 -28.40 12.17 -4.51
N THR A 314 -28.25 11.10 -5.27
CA THR A 314 -27.48 11.14 -6.48
C THR A 314 -28.20 11.93 -7.56
N ILE A 315 -29.50 11.70 -7.69
CA ILE A 315 -30.36 12.41 -8.64
C ILE A 315 -30.32 13.94 -8.36
N ARG A 316 -30.51 14.30 -7.09
CA ARG A 316 -30.39 15.71 -6.64
C ARG A 316 -29.08 16.36 -7.01
N ASP A 317 -27.98 15.63 -6.82
CA ASP A 317 -26.64 16.11 -7.24
C ASP A 317 -26.58 16.31 -8.76
N ILE A 318 -27.10 15.35 -9.49
CA ILE A 318 -27.02 15.44 -10.96
C ILE A 318 -27.83 16.67 -11.45
N LEU A 319 -29.06 16.79 -10.96
CA LEU A 319 -29.94 17.84 -11.44
C LEU A 319 -29.44 19.22 -11.00
N GLY A 320 -28.95 19.31 -9.75
CA GLY A 320 -28.33 20.54 -9.25
C GLY A 320 -27.16 20.98 -10.12
N GLY A 321 -26.31 20.03 -10.52
CA GLY A 321 -25.18 20.32 -11.36
C GLY A 321 -25.57 20.84 -12.75
N ILE A 322 -26.55 20.22 -13.35
CA ILE A 322 -27.06 20.67 -14.63
C ILE A 322 -27.78 22.05 -14.52
N ARG A 323 -28.51 22.29 -13.44
CA ARG A 323 -29.15 23.59 -13.21
C ARG A 323 -28.10 24.70 -13.17
N SER A 324 -26.97 24.44 -12.50
CA SER A 324 -25.90 25.42 -12.44
C SER A 324 -25.26 25.65 -13.77
N THR A 325 -25.12 24.57 -14.55
CA THR A 325 -24.59 24.71 -15.90
C THR A 325 -25.46 25.68 -16.71
N CYS A 326 -26.76 25.47 -16.61
CA CYS A 326 -27.74 26.30 -17.29
C CYS A 326 -27.59 27.75 -16.86
N THR A 327 -27.43 27.93 -15.56
CA THR A 327 -27.27 29.25 -14.96
C THR A 327 -25.98 29.88 -15.48
N TYR A 328 -24.87 29.14 -15.50
CA TYR A 328 -23.61 29.69 -15.99
C TYR A 328 -23.68 30.11 -17.47
N VAL A 329 -24.43 29.40 -18.29
CA VAL A 329 -24.46 29.76 -19.72
C VAL A 329 -25.67 30.60 -20.10
N GLY A 330 -26.53 30.92 -19.14
CA GLY A 330 -27.71 31.74 -19.39
C GLY A 330 -28.91 31.05 -20.06
N ALA A 331 -29.00 29.73 -19.94
CA ALA A 331 -30.14 28.96 -20.44
C ALA A 331 -31.15 28.90 -19.30
N ALA A 332 -32.33 29.49 -19.50
CA ALA A 332 -33.39 29.42 -18.50
C ALA A 332 -34.13 28.09 -18.53
N LYS A 333 -33.98 27.35 -19.61
CA LYS A 333 -34.61 26.03 -19.71
C LYS A 333 -33.61 25.13 -20.38
N LEU A 334 -33.69 23.83 -20.12
CA LEU A 334 -32.73 22.88 -20.69
C LEU A 334 -32.78 22.92 -22.19
N LYS A 335 -33.95 23.25 -22.73
CA LYS A 335 -34.12 23.43 -24.17
C LYS A 335 -33.13 24.43 -24.76
N GLU A 336 -32.71 25.40 -23.98
CA GLU A 336 -31.82 26.46 -24.47
C GLU A 336 -30.33 26.15 -24.33
N LEU A 337 -30.00 25.04 -23.66
CA LEU A 337 -28.61 24.70 -23.29
C LEU A 337 -27.70 24.50 -24.48
N SER A 338 -28.07 23.64 -25.42
CA SER A 338 -27.22 23.42 -26.61
C SER A 338 -27.05 24.66 -27.45
N ARG A 339 -28.07 25.51 -27.53
CA ARG A 339 -27.94 26.78 -28.25
C ARG A 339 -26.94 27.71 -27.58
N ARG A 340 -26.92 27.70 -26.24
CA ARG A 340 -26.03 28.61 -25.51
C ARG A 340 -24.63 28.04 -25.21
N THR A 341 -24.34 26.87 -25.78
CA THR A 341 -23.15 26.12 -25.46
C THR A 341 -22.04 26.50 -26.46
N THR A 342 -20.90 26.92 -25.94
CA THR A 342 -19.68 27.05 -26.72
C THR A 342 -18.66 26.23 -25.97
N PHE A 343 -18.13 25.22 -26.63
CA PHE A 343 -17.12 24.37 -26.02
C PHE A 343 -15.76 25.05 -26.12
N ILE A 344 -15.02 25.01 -25.02
CA ILE A 344 -13.60 25.37 -24.99
C ILE A 344 -12.83 24.03 -24.93
N ARG A 345 -11.88 23.89 -25.84
CA ARG A 345 -10.99 22.74 -25.88
C ARG A 345 -9.92 22.88 -24.80
N VAL A 346 -9.72 21.83 -24.00
CA VAL A 346 -8.74 21.87 -22.92
C VAL A 346 -7.62 20.83 -23.13
N SER B 19 2.19 9.96 -36.50
CA SER B 19 2.98 9.01 -35.62
C SER B 19 2.05 8.25 -34.68
N LEU B 20 1.50 7.14 -35.17
CA LEU B 20 0.45 6.43 -34.45
C LEU B 20 0.87 5.10 -33.83
N ASP B 21 0.44 4.92 -32.58
CA ASP B 21 0.35 3.60 -31.95
C ASP B 21 -1.09 3.08 -31.97
N PHE B 22 -1.25 1.77 -31.71
CA PHE B 22 -2.59 1.16 -31.60
C PHE B 22 -3.49 1.95 -30.69
N LYS B 23 -2.96 2.47 -29.59
CA LYS B 23 -3.79 3.27 -28.64
C LYS B 23 -4.33 4.58 -29.18
N ASP B 24 -3.79 5.07 -30.30
CA ASP B 24 -4.21 6.37 -30.87
C ASP B 24 -5.46 6.30 -31.76
N VAL B 25 -5.97 5.10 -31.99
CA VAL B 25 -7.09 4.91 -32.93
C VAL B 25 -8.22 3.98 -32.47
N LEU B 26 -9.39 4.19 -33.08
CA LEU B 26 -10.48 3.25 -33.03
C LEU B 26 -10.92 2.96 -34.47
N LEU B 27 -11.51 1.80 -34.71
CA LEU B 27 -12.15 1.51 -36.00
C LEU B 27 -13.58 2.04 -35.99
N ARG B 28 -13.95 2.75 -37.05
CA ARG B 28 -15.32 3.18 -37.25
C ARG B 28 -16.21 1.97 -37.60
N PRO B 29 -17.34 1.81 -36.89
CA PRO B 29 -18.29 0.78 -37.32
C PRO B 29 -18.97 1.17 -38.64
N LYS B 30 -19.37 0.17 -39.44
CA LYS B 30 -19.99 0.40 -40.75
C LYS B 30 -21.24 -0.43 -40.98
N ARG B 31 -22.15 0.13 -41.76
CA ARG B 31 -23.33 -0.64 -42.24
C ARG B 31 -22.92 -1.98 -42.79
N SER B 32 -23.55 -3.02 -42.28
CA SER B 32 -23.35 -4.37 -42.78
C SER B 32 -24.68 -5.04 -43.13
N THR B 33 -24.51 -6.13 -43.86
CA THR B 33 -25.60 -6.87 -44.40
C THR B 33 -25.30 -8.36 -44.18
N LEU B 34 -24.50 -8.66 -43.16
CA LEU B 34 -24.07 -10.03 -42.89
C LEU B 34 -25.22 -10.84 -42.27
N GLU B 39 -20.72 -17.28 -39.60
CA GLU B 39 -19.43 -17.02 -38.98
C GLU B 39 -18.50 -16.24 -39.95
N VAL B 40 -17.85 -15.21 -39.43
CA VAL B 40 -16.82 -14.48 -40.15
C VAL B 40 -15.70 -15.45 -40.47
N ASP B 41 -15.15 -15.41 -41.67
CA ASP B 41 -14.00 -16.26 -42.01
C ASP B 41 -12.68 -15.55 -41.72
N LEU B 42 -11.95 -16.06 -40.72
CA LEU B 42 -10.68 -15.46 -40.30
C LEU B 42 -9.47 -16.05 -41.02
N THR B 43 -9.69 -17.07 -41.84
CA THR B 43 -8.65 -17.66 -42.68
C THR B 43 -8.21 -16.69 -43.78
N ARG B 44 -6.94 -16.80 -44.19
CA ARG B 44 -6.40 -16.06 -45.35
C ARG B 44 -5.70 -17.01 -46.29
N SER B 45 -5.61 -16.62 -47.55
CA SER B 45 -4.86 -17.36 -48.58
C SER B 45 -3.85 -16.42 -49.18
N PHE B 46 -2.59 -16.79 -49.16
CA PHE B 46 -1.54 -15.96 -49.64
C PHE B 46 -0.74 -16.75 -50.68
N SER B 47 -0.17 -16.01 -51.63
CA SER B 47 0.83 -16.55 -52.54
C SER B 47 2.03 -15.69 -52.45
N PHE B 48 3.14 -16.31 -52.10
CA PHE B 48 4.34 -15.60 -51.71
C PHE B 48 5.17 -15.28 -52.93
N ARG B 49 5.67 -14.05 -52.98
CA ARG B 49 6.30 -13.47 -54.16
C ARG B 49 7.56 -14.19 -54.60
N ASN B 50 8.39 -14.64 -53.66
CA ASN B 50 9.69 -15.17 -54.03
C ASN B 50 9.69 -16.67 -53.96
N SER B 51 9.13 -17.24 -52.89
CA SER B 51 9.10 -18.70 -52.75
C SER B 51 8.09 -19.32 -53.71
N LYS B 52 7.09 -18.54 -54.09
CA LYS B 52 5.95 -19.01 -54.92
C LYS B 52 5.10 -20.05 -54.22
N GLN B 53 5.26 -20.18 -52.90
CA GLN B 53 4.47 -21.16 -52.15
C GLN B 53 3.15 -20.52 -51.78
N THR B 54 2.19 -21.33 -51.39
CA THR B 54 0.91 -20.77 -50.95
C THR B 54 0.65 -21.11 -49.48
N TYR B 55 -0.20 -20.29 -48.86
CA TYR B 55 -0.54 -20.42 -47.45
C TYR B 55 -2.03 -20.32 -47.34
N SER B 56 -2.61 -21.14 -46.46
CA SER B 56 -3.98 -20.99 -46.03
C SER B 56 -4.03 -21.18 -44.53
N GLY B 57 -4.50 -20.19 -43.78
CA GLY B 57 -4.65 -20.35 -42.33
C GLY B 57 -5.06 -19.06 -41.67
N VAL B 58 -5.14 -19.08 -40.34
CA VAL B 58 -5.38 -17.88 -39.57
C VAL B 58 -4.02 -17.25 -39.29
N PRO B 59 -3.75 -16.06 -39.88
CA PRO B 59 -2.43 -15.40 -39.95
C PRO B 59 -2.03 -14.68 -38.65
N ILE B 60 -2.11 -15.42 -37.55
CA ILE B 60 -1.62 -14.96 -36.28
C ILE B 60 -0.50 -15.94 -35.90
N ILE B 61 0.65 -15.37 -35.51
CA ILE B 61 1.86 -16.16 -35.30
C ILE B 61 2.37 -16.06 -33.85
N ALA B 62 2.62 -17.21 -33.23
CA ALA B 62 3.35 -17.26 -31.96
C ALA B 62 4.80 -16.83 -32.16
N ALA B 63 5.24 -15.84 -31.38
CA ALA B 63 6.64 -15.34 -31.55
C ALA B 63 7.68 -16.41 -31.28
N ASN B 64 8.76 -16.33 -32.01
CA ASN B 64 9.90 -17.20 -31.81
C ASN B 64 10.69 -16.90 -30.53
N MET B 65 10.03 -16.42 -29.49
CA MET B 65 10.66 -16.29 -28.18
C MET B 65 10.71 -17.66 -27.52
N ASP B 66 11.71 -17.89 -26.66
CA ASP B 66 11.87 -19.21 -26.03
C ASP B 66 10.74 -19.56 -25.06
N THR B 67 10.03 -18.56 -24.57
CA THR B 67 8.88 -18.77 -23.71
C THR B 67 7.55 -18.88 -24.46
N VAL B 68 7.57 -18.74 -25.79
CA VAL B 68 6.30 -18.62 -26.54
C VAL B 68 6.24 -19.59 -27.73
N GLY B 69 7.29 -19.58 -28.55
CA GLY B 69 7.34 -20.43 -29.73
C GLY B 69 7.76 -21.86 -29.43
N THR B 70 6.98 -22.51 -28.58
CA THR B 70 7.31 -23.85 -28.09
C THR B 70 6.48 -24.84 -28.86
N PHE B 71 6.85 -26.10 -28.78
CA PHE B 71 6.13 -27.16 -29.49
C PHE B 71 4.76 -27.35 -28.83
N GLU B 72 4.69 -27.17 -27.51
CA GLU B 72 3.42 -27.28 -26.81
C GLU B 72 2.48 -26.18 -27.29
N MET B 73 3.00 -24.97 -27.45
CA MET B 73 2.24 -23.88 -28.05
C MET B 73 1.75 -24.25 -29.46
N ALA B 74 2.65 -24.79 -30.25
CA ALA B 74 2.33 -25.19 -31.64
C ALA B 74 1.19 -26.18 -31.71
N LYS B 75 1.25 -27.24 -30.88
CA LYS B 75 0.21 -28.27 -30.88
C LYS B 75 -1.21 -27.72 -30.67
N VAL B 76 -1.36 -26.68 -29.87
CA VAL B 76 -2.69 -26.15 -29.62
C VAL B 76 -3.09 -25.21 -30.74
N LEU B 77 -2.14 -24.35 -31.12
CA LEU B 77 -2.38 -23.36 -32.16
C LEU B 77 -2.77 -23.99 -33.51
N CYS B 78 -2.20 -25.16 -33.81
CA CYS B 78 -2.59 -25.96 -34.97
C CYS B 78 -4.05 -26.31 -35.04
N LYS B 79 -4.65 -26.58 -33.89
CA LYS B 79 -6.05 -26.93 -33.83
C LYS B 79 -6.91 -25.75 -34.27
N PHE B 80 -6.42 -24.54 -34.10
CA PHE B 80 -7.10 -23.32 -34.59
C PHE B 80 -6.57 -22.77 -35.92
N SER B 81 -5.68 -23.53 -36.56
CA SER B 81 -4.99 -23.11 -37.79
C SER B 81 -4.12 -21.86 -37.62
N LEU B 82 -3.58 -21.67 -36.42
CA LEU B 82 -2.61 -20.57 -36.19
C LEU B 82 -1.21 -21.09 -36.41
N PHE B 83 -0.30 -20.13 -36.57
CA PHE B 83 1.10 -20.35 -36.96
C PHE B 83 2.05 -20.12 -35.77
N THR B 84 3.11 -20.91 -35.74
CA THR B 84 4.13 -20.85 -34.70
C THR B 84 5.51 -20.72 -35.35
N ALA B 85 6.19 -19.60 -35.07
CA ALA B 85 7.62 -19.48 -35.33
C ALA B 85 8.34 -20.10 -34.15
N VAL B 86 8.91 -21.27 -34.35
CA VAL B 86 9.58 -21.99 -33.26
C VAL B 86 10.90 -21.29 -32.86
N HIS B 87 11.16 -21.29 -31.55
CA HIS B 87 12.38 -20.73 -31.02
C HIS B 87 13.64 -21.53 -31.43
N LYS B 88 14.81 -20.94 -31.25
CA LYS B 88 16.01 -21.54 -31.83
C LYS B 88 16.86 -22.29 -30.81
N HIS B 89 16.21 -22.84 -29.80
CA HIS B 89 16.90 -23.48 -28.69
C HIS B 89 16.38 -24.88 -28.42
N TYR B 90 15.85 -25.53 -29.46
CA TYR B 90 15.57 -26.95 -29.40
C TYR B 90 16.67 -27.68 -30.15
N SER B 91 16.94 -28.91 -29.78
CA SER B 91 17.93 -29.74 -30.46
C SER B 91 17.33 -30.39 -31.68
N LEU B 92 18.17 -30.88 -32.58
CA LEU B 92 17.66 -31.61 -33.75
C LEU B 92 16.85 -32.84 -33.31
N VAL B 93 17.37 -33.57 -32.31
CA VAL B 93 16.67 -34.74 -31.77
C VAL B 93 15.26 -34.36 -31.28
N GLN B 94 15.18 -33.28 -30.52
CA GLN B 94 13.91 -32.75 -30.09
C GLN B 94 12.97 -32.43 -31.28
N TRP B 95 13.50 -31.79 -32.32
CA TRP B 95 12.70 -31.47 -33.52
C TRP B 95 12.19 -32.73 -34.19
N GLN B 96 13.10 -33.67 -34.40
CA GLN B 96 12.76 -34.94 -35.02
C GLN B 96 11.72 -35.70 -34.23
N GLU B 97 11.80 -35.57 -32.91
CA GLU B 97 10.84 -36.21 -32.01
C GLU B 97 9.45 -35.64 -32.19
N PHE B 98 9.33 -34.32 -32.05
CA PHE B 98 8.08 -33.61 -32.28
C PHE B 98 7.45 -33.88 -33.65
N ALA B 99 8.28 -33.83 -34.69
CA ALA B 99 7.78 -34.01 -36.06
C ALA B 99 7.22 -35.41 -36.29
N GLY B 100 7.88 -36.42 -35.73
CA GLY B 100 7.44 -37.79 -35.91
C GLY B 100 6.14 -38.11 -35.21
N GLN B 101 5.89 -37.43 -34.08
CA GLN B 101 4.65 -37.59 -33.35
C GLN B 101 3.57 -36.59 -33.71
N ASN B 102 3.93 -35.51 -34.42
CA ASN B 102 2.95 -34.46 -34.77
C ASN B 102 3.04 -34.05 -36.23
N PRO B 103 2.88 -35.03 -37.14
CA PRO B 103 3.01 -34.74 -38.59
C PRO B 103 2.13 -33.61 -39.11
N ASP B 104 1.00 -33.35 -38.45
CA ASP B 104 0.05 -32.36 -38.94
C ASP B 104 0.26 -30.93 -38.38
N CYS B 105 1.24 -30.74 -37.49
CA CYS B 105 1.58 -29.40 -37.04
C CYS B 105 2.60 -28.76 -37.95
N LEU B 106 3.21 -29.56 -38.81
CA LEU B 106 4.44 -29.14 -39.46
C LEU B 106 4.22 -28.09 -40.55
N GLU B 107 2.99 -28.01 -41.07
CA GLU B 107 2.71 -27.14 -42.21
C GLU B 107 2.56 -25.67 -41.79
N HIS B 108 2.23 -25.42 -40.52
CA HIS B 108 2.19 -24.03 -40.02
C HIS B 108 3.26 -23.79 -38.95
N LEU B 109 4.49 -24.11 -39.31
CA LEU B 109 5.66 -24.00 -38.45
C LEU B 109 6.78 -23.32 -39.23
N ALA B 110 7.48 -22.40 -38.58
CA ALA B 110 8.75 -21.87 -39.09
C ALA B 110 9.92 -22.25 -38.14
N ALA B 111 11.04 -22.63 -38.73
CA ALA B 111 12.29 -22.73 -38.02
C ALA B 111 12.97 -21.38 -38.08
N SER B 112 13.63 -21.01 -36.99
CA SER B 112 14.16 -19.66 -36.82
C SER B 112 15.68 -19.67 -36.78
N SER B 113 16.28 -18.57 -37.21
CA SER B 113 17.73 -18.38 -37.16
C SER B 113 18.11 -16.91 -37.09
N GLY B 114 19.18 -16.62 -36.37
CA GLY B 114 19.91 -15.37 -36.51
C GLY B 114 20.95 -15.50 -37.60
N THR B 115 21.86 -14.54 -37.68
CA THR B 115 22.85 -14.47 -38.77
C THR B 115 24.10 -15.28 -38.48
N GLY B 116 24.23 -15.77 -37.25
CA GLY B 116 25.35 -16.60 -36.89
C GLY B 116 25.60 -17.81 -37.80
N SER B 117 26.86 -18.17 -37.88
CA SER B 117 27.33 -19.39 -38.54
C SER B 117 26.69 -20.64 -37.89
N SER B 118 26.77 -20.67 -36.56
CA SER B 118 26.14 -21.70 -35.75
C SER B 118 24.60 -21.76 -35.90
N ASP B 119 23.96 -20.60 -35.90
CA ASP B 119 22.52 -20.52 -36.15
C ASP B 119 22.16 -21.09 -37.53
N PHE B 120 22.87 -20.67 -38.57
CA PHE B 120 22.57 -21.14 -39.91
C PHE B 120 22.76 -22.66 -40.01
N GLU B 121 23.81 -23.17 -39.38
CA GLU B 121 24.06 -24.61 -39.34
C GLU B 121 22.92 -25.40 -38.68
N GLN B 122 22.53 -25.00 -37.46
CA GLN B 122 21.36 -25.57 -36.76
C GLN B 122 20.16 -25.57 -37.71
N LEU B 123 19.93 -24.42 -38.35
CA LEU B 123 18.77 -24.27 -39.24
C LEU B 123 18.79 -25.30 -40.37
N GLU B 124 19.90 -25.33 -41.09
CA GLU B 124 20.09 -26.26 -42.21
C GLU B 124 19.84 -27.72 -41.81
N GLN B 125 20.43 -28.17 -40.70
CA GLN B 125 20.16 -29.52 -40.18
C GLN B 125 18.66 -29.80 -39.99
N ILE B 126 17.94 -28.86 -39.40
CA ILE B 126 16.49 -29.02 -39.21
C ILE B 126 15.74 -29.14 -40.55
N LEU B 127 16.03 -28.23 -41.48
CA LEU B 127 15.28 -28.19 -42.73
C LEU B 127 15.59 -29.41 -43.60
N GLU B 128 16.83 -29.92 -43.49
CA GLU B 128 17.25 -31.14 -44.18
C GLU B 128 16.54 -32.36 -43.61
N ALA B 129 16.54 -32.51 -42.29
CA ALA B 129 15.96 -33.68 -41.66
C ALA B 129 14.40 -33.67 -41.64
N ILE B 130 13.81 -32.48 -41.72
CA ILE B 130 12.37 -32.33 -41.68
C ILE B 130 11.88 -31.53 -42.87
N PRO B 131 11.76 -32.18 -44.03
CA PRO B 131 11.33 -31.51 -45.25
C PRO B 131 9.94 -30.88 -45.18
N GLN B 132 9.12 -31.34 -44.24
CA GLN B 132 7.79 -30.74 -44.00
C GLN B 132 7.82 -29.29 -43.52
N VAL B 133 8.95 -28.85 -42.96
CA VAL B 133 9.07 -27.47 -42.52
C VAL B 133 9.42 -26.59 -43.70
N LYS B 134 8.48 -25.74 -44.07
CA LYS B 134 8.56 -24.99 -45.30
C LYS B 134 8.67 -23.48 -45.11
N TYR B 135 8.86 -23.06 -43.85
CA TYR B 135 9.03 -21.66 -43.52
C TYR B 135 10.30 -21.45 -42.68
N ILE B 136 10.94 -20.30 -42.92
CA ILE B 136 12.14 -19.86 -42.23
C ILE B 136 11.91 -18.47 -41.68
N CYS B 137 12.19 -18.31 -40.39
CA CYS B 137 12.08 -17.02 -39.76
C CYS B 137 13.48 -16.52 -39.46
N LEU B 138 13.95 -15.57 -40.26
CA LEU B 138 15.26 -14.93 -40.07
C LEU B 138 15.07 -13.64 -39.30
N ASP B 139 15.70 -13.57 -38.13
CA ASP B 139 15.28 -12.62 -37.15
C ASP B 139 16.51 -12.02 -36.48
N VAL B 140 16.67 -10.71 -36.64
CA VAL B 140 17.63 -9.92 -35.90
C VAL B 140 16.95 -8.64 -35.36
N ALA B 141 17.56 -8.06 -34.35
CA ALA B 141 17.10 -6.78 -33.79
C ALA B 141 17.20 -5.65 -34.82
N ASN B 142 18.27 -5.65 -35.63
CA ASN B 142 18.46 -4.58 -36.61
C ASN B 142 18.48 -5.10 -38.03
N GLY B 143 17.32 -5.03 -38.67
CA GLY B 143 17.17 -5.51 -40.06
C GLY B 143 17.72 -4.56 -41.12
N TYR B 144 18.35 -3.48 -40.70
CA TYR B 144 18.90 -2.46 -41.60
C TYR B 144 20.36 -2.70 -41.99
N SER B 145 20.98 -3.76 -41.47
CA SER B 145 22.40 -3.98 -41.75
C SER B 145 22.61 -4.71 -43.08
N GLU B 146 23.58 -4.22 -43.86
CA GLU B 146 23.98 -4.89 -45.08
C GLU B 146 24.26 -6.35 -44.79
N HIS B 147 24.93 -6.60 -43.67
CA HIS B 147 25.21 -7.95 -43.22
C HIS B 147 23.94 -8.82 -43.18
N PHE B 148 22.85 -8.30 -42.60
CA PHE B 148 21.57 -9.03 -42.61
C PHE B 148 21.04 -9.21 -44.04
N VAL B 149 21.07 -8.15 -44.83
CA VAL B 149 20.67 -8.24 -46.25
C VAL B 149 21.38 -9.37 -47.01
N GLU B 150 22.68 -9.45 -46.82
CA GLU B 150 23.48 -10.52 -47.45
C GLU B 150 23.15 -11.91 -46.91
N PHE B 151 22.85 -12.00 -45.61
CA PHE B 151 22.38 -13.25 -45.04
C PHE B 151 21.09 -13.72 -45.70
N VAL B 152 20.16 -12.79 -45.97
CA VAL B 152 18.86 -13.16 -46.54
C VAL B 152 19.07 -13.76 -47.95
N LYS B 153 19.92 -13.09 -48.73
CA LYS B 153 20.26 -13.53 -50.08
C LYS B 153 20.82 -14.93 -50.06
N ASP B 154 21.77 -15.17 -49.17
CA ASP B 154 22.37 -16.49 -48.99
C ASP B 154 21.32 -17.55 -48.62
N VAL B 155 20.38 -17.21 -47.76
CA VAL B 155 19.32 -18.17 -47.39
C VAL B 155 18.35 -18.37 -48.56
N ARG B 156 18.04 -17.32 -49.29
CA ARG B 156 17.22 -17.50 -50.51
C ARG B 156 17.90 -18.45 -51.55
N LYS B 157 19.21 -18.30 -51.76
CA LYS B 157 20.01 -19.22 -52.62
C LYS B 157 19.95 -20.66 -52.15
N ARG B 158 20.14 -20.83 -50.86
CA ARG B 158 20.21 -22.15 -50.27
C ARG B 158 18.87 -22.84 -50.27
N PHE B 159 17.80 -22.08 -50.05
CA PHE B 159 16.46 -22.68 -49.90
C PHE B 159 15.49 -21.97 -50.82
N PRO B 160 15.61 -22.24 -52.16
CA PRO B 160 14.81 -21.50 -53.16
C PRO B 160 13.31 -21.68 -53.04
N GLN B 161 12.89 -22.82 -52.49
CA GLN B 161 11.49 -23.16 -52.37
C GLN B 161 10.85 -22.82 -50.99
N HIS B 162 11.67 -22.43 -50.00
CA HIS B 162 11.17 -22.11 -48.65
C HIS B 162 10.68 -20.66 -48.54
N THR B 163 9.58 -20.46 -47.83
CA THR B 163 9.09 -19.12 -47.57
C THR B 163 9.92 -18.49 -46.43
N ILE B 164 10.42 -17.28 -46.68
CA ILE B 164 11.29 -16.62 -45.73
C ILE B 164 10.59 -15.41 -45.13
N MET B 165 10.47 -15.42 -43.79
CA MET B 165 10.15 -14.24 -43.00
C MET B 165 11.46 -13.63 -42.58
N ALA B 166 11.58 -12.32 -42.69
CA ALA B 166 12.81 -11.66 -42.31
C ALA B 166 12.53 -10.31 -41.69
N GLY B 167 13.21 -10.03 -40.56
CA GLY B 167 13.09 -8.75 -39.89
C GLY B 167 14.14 -8.56 -38.80
N ASN B 168 14.11 -7.45 -38.08
CA ASN B 168 13.01 -6.49 -38.13
C ASN B 168 13.40 -5.14 -38.64
N VAL B 169 12.41 -4.51 -39.28
CA VAL B 169 12.52 -3.16 -39.79
C VAL B 169 11.24 -2.41 -39.49
N VAL B 170 11.23 -1.10 -39.72
CA VAL B 170 10.05 -0.29 -39.47
C VAL B 170 9.71 0.69 -40.60
N THR B 171 10.49 0.70 -41.68
CA THR B 171 10.28 1.64 -42.80
C THR B 171 10.32 0.96 -44.18
N GLY B 172 9.66 1.64 -45.13
CA GLY B 172 9.38 1.11 -46.47
C GLY B 172 10.58 0.76 -47.31
N GLU B 173 11.62 1.59 -47.28
CA GLU B 173 12.76 1.38 -48.16
C GLU B 173 13.44 0.08 -47.78
N MET B 174 13.53 -0.17 -46.48
CA MET B 174 14.12 -1.41 -46.03
C MET B 174 13.24 -2.62 -46.32
N VAL B 175 11.94 -2.48 -46.17
CA VAL B 175 11.02 -3.57 -46.52
C VAL B 175 11.22 -3.97 -48.01
N GLU B 176 11.23 -2.94 -48.88
CA GLU B 176 11.54 -3.13 -50.31
C GLU B 176 12.87 -3.83 -50.50
N GLU B 177 13.91 -3.31 -49.87
CA GLU B 177 15.21 -3.94 -50.10
C GLU B 177 15.19 -5.40 -49.70
N LEU B 178 14.52 -5.75 -48.61
CA LEU B 178 14.52 -7.14 -48.09
C LEU B 178 13.75 -8.09 -48.99
N ILE B 179 12.61 -7.64 -49.49
CA ILE B 179 11.82 -8.45 -50.44
C ILE B 179 12.62 -8.71 -51.74
N LEU B 180 13.25 -7.65 -52.27
CA LEU B 180 14.04 -7.81 -53.50
C LEU B 180 15.24 -8.69 -53.24
N SER B 181 15.74 -8.68 -52.00
CA SER B 181 16.82 -9.60 -51.62
C SER B 181 16.36 -11.04 -51.42
N GLY B 182 15.06 -11.28 -51.51
CA GLY B 182 14.55 -12.65 -51.48
C GLY B 182 13.56 -12.96 -50.36
N ALA B 183 13.39 -12.02 -49.42
CA ALA B 183 12.46 -12.27 -48.32
C ALA B 183 11.04 -12.22 -48.88
N ASP B 184 10.21 -13.18 -48.46
CA ASP B 184 8.77 -13.15 -48.78
C ASP B 184 7.94 -12.25 -47.85
N ILE B 185 8.25 -12.32 -46.55
CA ILE B 185 7.41 -11.71 -45.51
C ILE B 185 8.31 -10.91 -44.60
N ILE B 186 8.03 -9.62 -44.42
CA ILE B 186 8.92 -8.79 -43.63
C ILE B 186 8.32 -8.57 -42.23
N LYS B 187 9.11 -8.88 -41.20
CA LYS B 187 8.71 -8.61 -39.80
C LYS B 187 8.96 -7.14 -39.46
N VAL B 188 7.89 -6.48 -39.05
CA VAL B 188 7.86 -5.07 -38.77
C VAL B 188 7.68 -4.82 -37.26
N GLY B 189 8.63 -4.06 -36.72
CA GLY B 189 8.62 -3.66 -35.32
C GLY B 189 10.02 -3.51 -34.76
N ILE B 190 10.35 -2.34 -34.27
CA ILE B 190 11.55 -2.13 -33.49
C ILE B 190 11.16 -1.32 -32.28
N GLY B 191 11.18 -2.00 -31.14
CA GLY B 191 10.93 -1.37 -29.87
C GLY B 191 9.54 -1.40 -29.30
N PRO B 192 8.51 -1.92 -30.02
CA PRO B 192 7.19 -1.89 -29.41
C PRO B 192 6.89 -3.05 -28.42
N GLY B 193 7.72 -4.10 -28.41
CA GLY B 193 7.40 -5.31 -27.66
C GLY B 193 7.30 -5.14 -26.14
N SER B 194 6.48 -5.98 -25.51
CA SER B 194 6.16 -5.84 -24.07
C SER B 194 7.39 -6.06 -23.18
N VAL B 195 8.39 -6.82 -23.62
CA VAL B 195 9.58 -6.98 -22.77
C VAL B 195 10.84 -6.44 -23.44
N CYS B 196 10.62 -5.53 -24.39
CA CYS B 196 11.70 -4.88 -25.10
C CYS B 196 12.11 -3.58 -24.39
N THR B 197 13.41 -3.31 -24.33
CA THR B 197 13.90 -2.06 -23.74
C THR B 197 14.74 -1.22 -24.71
N THR B 198 14.74 -1.60 -25.98
CA THR B 198 15.38 -0.85 -27.06
C THR B 198 15.16 0.69 -26.96
N ARG B 199 13.92 1.11 -26.79
CA ARG B 199 13.63 2.56 -26.75
C ARG B 199 14.31 3.30 -25.58
N LYS B 200 14.41 2.66 -24.40
CA LYS B 200 15.05 3.27 -23.22
C LYS B 200 16.55 3.18 -23.34
N LYS B 201 17.05 2.07 -23.87
CA LYS B 201 18.49 1.84 -23.98
C LYS B 201 19.18 2.61 -25.11
N THR B 202 18.44 2.86 -26.21
CA THR B 202 19.01 3.37 -27.47
C THR B 202 18.31 4.61 -28.04
N GLY B 203 17.07 4.83 -27.64
CA GLY B 203 16.30 5.95 -28.15
C GLY B 203 15.75 5.66 -29.53
N VAL B 204 15.93 4.44 -30.01
CA VAL B 204 15.58 4.07 -31.37
C VAL B 204 14.22 3.41 -31.40
N GLY B 205 13.42 3.76 -32.39
CA GLY B 205 12.24 2.98 -32.67
C GLY B 205 11.29 3.72 -33.55
N TYR B 206 10.03 3.29 -33.48
CA TYR B 206 9.01 3.75 -34.41
C TYR B 206 7.61 3.33 -33.98
N PRO B 207 6.65 4.29 -33.98
CA PRO B 207 5.33 3.89 -33.50
C PRO B 207 4.77 2.78 -34.36
N GLN B 208 4.20 1.76 -33.74
CA GLN B 208 3.93 0.52 -34.46
C GLN B 208 2.84 0.65 -35.50
N LEU B 209 1.82 1.46 -35.24
CA LEU B 209 0.71 1.49 -36.19
C LEU B 209 1.18 2.12 -37.52
N SER B 210 1.91 3.23 -37.40
CA SER B 210 2.52 3.95 -38.54
C SER B 210 3.51 3.10 -39.27
N ALA B 211 4.34 2.37 -38.53
CA ALA B 211 5.23 1.43 -39.14
C ALA B 211 4.43 0.43 -40.01
N VAL B 212 3.38 -0.15 -39.44
CA VAL B 212 2.61 -1.16 -40.16
C VAL B 212 1.98 -0.55 -41.44
N MET B 213 1.37 0.62 -41.33
CA MET B 213 0.71 1.25 -42.49
C MET B 213 1.69 1.46 -43.63
N GLU B 214 2.81 2.12 -43.32
CA GLU B 214 3.88 2.36 -44.28
C GLU B 214 4.52 1.07 -44.83
N CYS B 215 4.84 0.12 -43.96
CA CYS B 215 5.53 -1.08 -44.43
C CYS B 215 4.58 -1.95 -45.24
N ALA B 216 3.30 -1.95 -44.87
CA ALA B 216 2.29 -2.68 -45.62
C ALA B 216 2.18 -2.12 -47.06
N ASP B 217 2.15 -0.81 -47.22
CA ASP B 217 2.08 -0.22 -48.55
C ASP B 217 3.30 -0.60 -49.38
N ALA B 218 4.48 -0.59 -48.74
CA ALA B 218 5.73 -0.92 -49.41
C ALA B 218 5.77 -2.36 -49.83
N ALA B 219 5.43 -3.27 -48.93
CA ALA B 219 5.46 -4.71 -49.27
C ALA B 219 4.45 -5.00 -50.39
N HIS B 220 3.24 -4.45 -50.23
CA HIS B 220 2.16 -4.82 -51.13
C HIS B 220 2.40 -4.32 -52.56
N GLY B 221 3.14 -3.21 -52.69
CA GLY B 221 3.58 -2.69 -53.98
C GLY B 221 4.44 -3.65 -54.78
N LEU B 222 5.20 -4.50 -54.07
CA LEU B 222 5.97 -5.57 -54.67
C LEU B 222 5.26 -6.92 -54.59
N LYS B 223 4.00 -6.97 -54.19
CA LYS B 223 3.28 -8.25 -54.01
C LYS B 223 3.86 -9.14 -52.90
N GLY B 224 4.57 -8.50 -51.95
CA GLY B 224 5.09 -9.22 -50.80
C GLY B 224 4.11 -9.06 -49.64
N HIS B 225 4.58 -9.34 -48.43
CA HIS B 225 3.70 -9.41 -47.26
C HIS B 225 4.46 -8.93 -46.01
N ILE B 226 3.72 -8.56 -44.95
CA ILE B 226 4.34 -8.23 -43.66
C ILE B 226 3.70 -8.92 -42.45
N ILE B 227 4.51 -9.01 -41.38
CA ILE B 227 4.10 -9.36 -40.01
C ILE B 227 4.22 -8.10 -39.14
N SER B 228 3.10 -7.71 -38.50
CA SER B 228 3.17 -6.78 -37.36
C SER B 228 3.72 -7.55 -36.16
N ASP B 229 4.98 -7.25 -35.81
CA ASP B 229 5.66 -7.96 -34.73
C ASP B 229 5.82 -7.11 -33.48
N GLY B 230 5.02 -7.40 -32.47
CA GLY B 230 5.10 -6.68 -31.17
C GLY B 230 4.02 -5.64 -30.90
N GLY B 231 3.75 -5.44 -29.63
CA GLY B 231 2.99 -4.25 -29.18
C GLY B 231 1.51 -4.49 -29.00
N CYS B 232 1.04 -5.72 -29.30
CA CYS B 232 -0.36 -6.07 -29.08
C CYS B 232 -0.55 -6.63 -27.68
N SER B 233 -1.43 -6.00 -26.91
CA SER B 233 -1.71 -6.44 -25.56
C SER B 233 -3.21 -6.75 -25.35
N CYS B 234 -4.00 -6.69 -26.44
CA CYS B 234 -5.42 -7.04 -26.38
C CYS B 234 -5.90 -7.45 -27.79
N PRO B 235 -7.04 -8.17 -27.88
CA PRO B 235 -7.52 -8.51 -29.25
C PRO B 235 -7.80 -7.27 -30.15
N GLY B 236 -8.22 -6.14 -29.57
CA GLY B 236 -8.39 -4.95 -30.35
C GLY B 236 -7.14 -4.45 -31.08
N ASP B 237 -5.97 -4.58 -30.42
CA ASP B 237 -4.69 -4.21 -31.04
C ASP B 237 -4.43 -5.05 -32.29
N VAL B 238 -4.71 -6.34 -32.16
CA VAL B 238 -4.54 -7.29 -33.26
C VAL B 238 -5.42 -6.93 -34.45
N ALA B 239 -6.64 -6.47 -34.16
CA ALA B 239 -7.58 -6.01 -35.16
C ALA B 239 -7.08 -4.73 -35.81
N LYS B 240 -6.54 -3.82 -35.01
CA LYS B 240 -6.00 -2.60 -35.59
C LYS B 240 -4.81 -2.88 -36.52
N ALA B 241 -3.98 -3.83 -36.14
CA ALA B 241 -2.84 -4.20 -36.99
C ALA B 241 -3.34 -4.76 -38.31
N PHE B 242 -4.27 -5.70 -38.24
CA PHE B 242 -4.86 -6.25 -39.46
C PHE B 242 -5.56 -5.15 -40.29
N GLY B 243 -6.29 -4.27 -39.62
CA GLY B 243 -7.02 -3.21 -40.27
C GLY B 243 -6.10 -2.22 -40.99
N ALA B 244 -4.89 -2.05 -40.46
CA ALA B 244 -3.89 -1.19 -41.03
C ALA B 244 -3.12 -1.87 -42.18
N GLY B 245 -3.40 -3.13 -42.46
CA GLY B 245 -2.84 -3.82 -43.63
C GLY B 245 -1.83 -4.90 -43.34
N ALA B 246 -1.55 -5.16 -42.07
CA ALA B 246 -0.68 -6.32 -41.73
C ALA B 246 -1.31 -7.57 -42.33
N ASP B 247 -0.50 -8.42 -42.95
CA ASP B 247 -0.98 -9.71 -43.44
C ASP B 247 -1.06 -10.72 -42.31
N PHE B 248 -0.04 -10.68 -41.44
CA PHE B 248 0.10 -11.50 -40.21
C PHE B 248 0.31 -10.57 -39.01
N VAL B 249 -0.12 -11.03 -37.82
CA VAL B 249 0.25 -10.40 -36.54
C VAL B 249 1.02 -11.39 -35.70
N MET B 250 2.15 -10.95 -35.15
CA MET B 250 2.97 -11.79 -34.28
C MET B 250 2.83 -11.35 -32.83
N LEU B 251 2.70 -12.32 -31.95
CA LEU B 251 2.36 -12.12 -30.55
C LEU B 251 3.35 -12.85 -29.65
N GLY B 252 3.92 -12.11 -28.70
CA GLY B 252 4.70 -12.73 -27.62
C GLY B 252 3.95 -12.65 -26.29
N GLY B 253 3.98 -11.46 -25.68
CA GLY B 253 3.32 -11.24 -24.38
C GLY B 253 1.94 -11.86 -24.19
N MET B 254 1.06 -11.75 -25.19
CA MET B 254 -0.31 -12.27 -25.08
C MET B 254 -0.33 -13.79 -24.98
N LEU B 255 0.69 -14.46 -25.51
CA LEU B 255 0.81 -15.92 -25.43
C LEU B 255 1.73 -16.45 -24.29
N ALA B 256 2.49 -15.55 -23.67
CA ALA B 256 3.28 -15.89 -22.49
C ALA B 256 2.35 -16.17 -21.30
N GLY B 257 2.84 -16.94 -20.33
CA GLY B 257 2.11 -17.15 -19.10
C GLY B 257 1.14 -18.31 -19.02
N HIS B 258 1.04 -19.08 -20.11
CA HIS B 258 0.14 -20.22 -20.21
C HIS B 258 0.88 -21.54 -19.89
N SER B 259 0.11 -22.62 -19.75
CA SER B 259 0.68 -23.94 -19.51
C SER B 259 1.65 -24.34 -20.59
N GLU B 260 1.28 -23.96 -21.82
CA GLU B 260 2.05 -24.31 -23.02
C GLU B 260 3.28 -23.43 -23.22
N SER B 261 3.27 -22.25 -22.59
CA SER B 261 4.40 -21.33 -22.64
C SER B 261 5.58 -21.89 -21.85
N GLY B 262 6.78 -21.46 -22.23
CA GLY B 262 7.94 -21.68 -21.40
C GLY B 262 7.96 -20.63 -20.30
N GLY B 263 9.05 -20.62 -19.55
CA GLY B 263 9.22 -19.69 -18.45
C GLY B 263 8.84 -20.44 -17.18
N GLU B 264 9.70 -20.37 -16.16
CA GLU B 264 9.47 -21.12 -14.94
C GLU B 264 8.16 -20.68 -14.25
N LEU B 265 7.44 -21.68 -13.75
CA LEU B 265 6.31 -21.50 -12.84
C LEU B 265 6.82 -21.21 -11.42
N ILE B 266 6.43 -20.07 -10.89
CA ILE B 266 6.86 -19.58 -9.61
C ILE B 266 5.61 -19.31 -8.77
N GLU B 267 5.46 -20.10 -7.70
CA GLU B 267 4.37 -19.90 -6.75
C GLU B 267 4.92 -19.18 -5.55
N ARG B 268 4.49 -17.96 -5.36
CA ARG B 268 4.95 -17.14 -4.25
C ARG B 268 3.84 -16.23 -3.76
N ASP B 269 3.81 -15.99 -2.45
CA ASP B 269 2.74 -15.24 -1.78
C ASP B 269 1.37 -15.78 -2.19
N GLY B 270 1.22 -17.10 -2.18
CA GLY B 270 -0.03 -17.75 -2.56
C GLY B 270 -0.58 -17.48 -3.97
N LYS B 271 0.28 -17.00 -4.89
CA LYS B 271 -0.08 -16.72 -6.29
C LYS B 271 0.87 -17.44 -7.24
N LYS B 272 0.44 -17.60 -8.49
CA LYS B 272 1.25 -18.30 -9.47
C LYS B 272 1.63 -17.37 -10.61
N TYR B 273 2.92 -17.41 -10.97
CA TYR B 273 3.48 -16.59 -12.02
C TYR B 273 4.36 -17.42 -12.94
N LYS B 274 4.59 -16.87 -14.13
CA LYS B 274 5.46 -17.45 -15.14
C LYS B 274 6.42 -16.36 -15.54
N LEU B 275 7.69 -16.71 -15.61
CA LEU B 275 8.69 -15.78 -16.14
C LEU B 275 8.41 -15.59 -17.64
N PHE B 276 8.57 -14.33 -18.08
CA PHE B 276 8.56 -13.94 -19.48
C PHE B 276 9.68 -12.88 -19.66
N TYR B 277 10.52 -13.01 -20.68
CA TYR B 277 11.70 -12.15 -20.82
C TYR B 277 12.13 -11.92 -22.27
N GLY B 278 12.73 -10.77 -22.53
CA GLY B 278 13.20 -10.46 -23.86
C GLY B 278 14.33 -11.40 -24.25
N MET B 279 14.43 -11.70 -25.54
CA MET B 279 15.54 -12.55 -25.99
C MET B 279 16.90 -11.87 -25.96
N SER B 280 16.94 -10.57 -25.73
CA SER B 280 18.24 -9.91 -25.51
C SER B 280 18.36 -9.38 -24.07
N SER B 281 17.47 -9.87 -23.20
CA SER B 281 17.55 -9.60 -21.77
C SER B 281 18.77 -10.29 -21.16
N GLU B 282 19.26 -9.76 -20.04
CA GLU B 282 20.32 -10.43 -19.28
C GLU B 282 19.90 -11.83 -18.91
N MET B 283 18.62 -12.07 -18.65
CA MET B 283 18.16 -13.43 -18.31
C MET B 283 18.35 -14.39 -19.47
N ALA B 284 17.95 -13.98 -20.67
CA ALA B 284 18.13 -14.82 -21.85
C ALA B 284 19.60 -15.05 -22.14
N MET B 285 20.39 -13.99 -22.07
CA MET B 285 21.82 -14.07 -22.42
C MET B 285 22.54 -15.02 -21.44
N LYS B 286 22.28 -14.87 -20.16
CA LYS B 286 22.86 -15.76 -19.16
C LYS B 286 22.50 -17.22 -19.47
N LYS B 287 21.25 -17.44 -19.87
CA LYS B 287 20.72 -18.80 -20.07
C LYS B 287 21.38 -19.53 -21.23
N TYR B 288 21.78 -18.80 -22.27
CA TYR B 288 22.32 -19.44 -23.44
C TYR B 288 23.78 -19.05 -23.65
N ALA B 297 25.52 -6.11 -23.58
CA ALA B 297 24.59 -4.98 -23.73
C ALA B 297 23.15 -5.49 -23.94
N SER B 298 22.22 -5.02 -23.10
CA SER B 298 20.86 -5.59 -23.05
C SER B 298 19.77 -4.69 -23.63
N GLU B 299 18.87 -5.26 -24.44
CA GLU B 299 17.69 -4.53 -24.91
C GLU B 299 16.37 -5.25 -24.61
N GLY B 300 16.38 -6.06 -23.55
CA GLY B 300 15.16 -6.68 -23.06
C GLY B 300 15.15 -6.79 -21.55
N LYS B 301 13.95 -7.00 -21.01
CA LYS B 301 13.73 -7.13 -19.58
C LYS B 301 13.00 -8.42 -19.25
N THR B 302 12.85 -8.63 -17.95
CA THR B 302 12.18 -9.78 -17.39
C THR B 302 10.95 -9.26 -16.66
N VAL B 303 9.83 -9.97 -16.84
CA VAL B 303 8.64 -9.77 -16.00
C VAL B 303 8.16 -11.15 -15.47
N GLU B 304 7.37 -11.11 -14.41
CA GLU B 304 6.60 -12.26 -13.96
C GLU B 304 5.15 -12.00 -14.34
N VAL B 305 4.56 -12.94 -15.06
CA VAL B 305 3.20 -12.80 -15.58
C VAL B 305 2.28 -13.64 -14.69
N PRO B 306 1.21 -13.07 -14.13
CA PRO B 306 0.28 -14.00 -13.47
C PRO B 306 -0.17 -15.16 -14.39
N PHE B 307 -0.19 -16.38 -13.84
CA PHE B 307 -0.44 -17.60 -14.61
C PHE B 307 -1.83 -17.56 -15.25
N LYS B 308 -1.91 -17.99 -16.52
CA LYS B 308 -3.11 -17.82 -17.32
C LYS B 308 -3.85 -19.12 -17.63
N GLY B 309 -3.27 -20.25 -17.28
CA GLY B 309 -3.85 -21.56 -17.62
C GLY B 309 -3.63 -21.91 -19.07
N ASP B 310 -4.56 -22.67 -19.63
CA ASP B 310 -4.47 -23.15 -21.00
C ASP B 310 -4.63 -22.05 -22.05
N VAL B 311 -3.75 -22.08 -23.06
CA VAL B 311 -3.75 -21.06 -24.09
C VAL B 311 -5.01 -21.12 -24.96
N GLU B 312 -5.63 -22.29 -25.05
CA GLU B 312 -6.82 -22.45 -25.89
C GLU B 312 -7.83 -21.34 -25.60
N HIS B 313 -8.05 -21.06 -24.33
CA HIS B 313 -9.06 -20.06 -23.95
C HIS B 313 -8.63 -18.65 -24.39
N THR B 314 -7.34 -18.37 -24.37
CA THR B 314 -6.83 -17.09 -24.89
C THR B 314 -7.06 -16.98 -26.41
N ILE B 315 -6.78 -18.06 -27.12
CA ILE B 315 -6.90 -18.07 -28.58
C ILE B 315 -8.35 -17.76 -29.00
N ARG B 316 -9.31 -18.36 -28.31
CA ARG B 316 -10.74 -18.11 -28.54
C ARG B 316 -11.10 -16.67 -28.23
N ASP B 317 -10.62 -16.16 -27.12
CA ASP B 317 -10.84 -14.78 -26.81
C ASP B 317 -10.29 -13.88 -27.95
N ILE B 318 -9.08 -14.14 -28.43
CA ILE B 318 -8.52 -13.31 -29.51
C ILE B 318 -9.36 -13.40 -30.80
N LEU B 319 -9.65 -14.62 -31.23
CA LEU B 319 -10.38 -14.84 -32.47
C LEU B 319 -11.78 -14.26 -32.38
N GLY B 320 -12.43 -14.46 -31.24
CA GLY B 320 -13.74 -13.90 -30.98
C GLY B 320 -13.77 -12.38 -31.02
N GLY B 321 -12.73 -11.76 -30.47
CA GLY B 321 -12.56 -10.30 -30.63
C GLY B 321 -12.52 -9.84 -32.08
N ILE B 322 -11.66 -10.48 -32.87
CA ILE B 322 -11.43 -10.07 -34.26
C ILE B 322 -12.67 -10.33 -35.16
N ARG B 323 -13.34 -11.47 -34.93
CA ARG B 323 -14.63 -11.73 -35.60
C ARG B 323 -15.62 -10.61 -35.35
N SER B 324 -15.71 -10.17 -34.10
CA SER B 324 -16.60 -9.10 -33.78
C SER B 324 -16.19 -7.77 -34.48
N THR B 325 -14.88 -7.50 -34.58
CA THR B 325 -14.38 -6.33 -35.32
C THR B 325 -14.92 -6.34 -36.78
N CYS B 326 -14.75 -7.49 -37.42
CA CYS B 326 -15.20 -7.76 -38.78
C CYS B 326 -16.69 -7.52 -38.93
N THR B 327 -17.45 -8.06 -37.99
CA THR B 327 -18.89 -7.83 -37.96
C THR B 327 -19.21 -6.33 -37.84
N TYR B 328 -18.54 -5.62 -36.92
CA TYR B 328 -18.79 -4.20 -36.72
C TYR B 328 -18.52 -3.34 -37.98
N VAL B 329 -17.55 -3.72 -38.80
CA VAL B 329 -17.19 -2.96 -40.00
C VAL B 329 -17.76 -3.59 -41.31
N GLY B 330 -18.55 -4.64 -41.18
CA GLY B 330 -19.19 -5.30 -42.31
C GLY B 330 -18.29 -6.16 -43.16
N ALA B 331 -17.21 -6.67 -42.59
CA ALA B 331 -16.31 -7.58 -43.29
C ALA B 331 -16.73 -9.02 -43.03
N ALA B 332 -17.08 -9.72 -44.10
CA ALA B 332 -17.48 -11.14 -44.03
C ALA B 332 -16.27 -12.06 -43.82
N LYS B 333 -15.10 -11.57 -44.23
CA LYS B 333 -13.85 -12.27 -44.04
C LYS B 333 -12.69 -11.30 -43.76
N LEU B 334 -11.68 -11.84 -43.08
CA LEU B 334 -10.51 -11.08 -42.68
C LEU B 334 -9.84 -10.36 -43.86
N LYS B 335 -9.87 -11.02 -45.03
CA LYS B 335 -9.36 -10.40 -46.27
C LYS B 335 -9.95 -9.00 -46.54
N GLU B 336 -11.21 -8.78 -46.15
CA GLU B 336 -11.91 -7.50 -46.35
C GLU B 336 -11.66 -6.41 -45.29
N LEU B 337 -11.02 -6.77 -44.19
CA LEU B 337 -10.97 -5.89 -43.02
C LEU B 337 -10.23 -4.60 -43.28
N SER B 338 -9.03 -4.69 -43.85
CA SER B 338 -8.26 -3.45 -44.11
C SER B 338 -8.99 -2.51 -45.09
N ARG B 339 -9.68 -3.07 -46.06
CA ARG B 339 -10.43 -2.28 -47.02
C ARG B 339 -11.59 -1.57 -46.32
N ARG B 340 -12.23 -2.26 -45.37
CA ARG B 340 -13.36 -1.68 -44.64
C ARG B 340 -12.99 -0.88 -43.37
N THR B 341 -11.70 -0.66 -43.14
CA THR B 341 -11.21 0.04 -41.94
C THR B 341 -11.05 1.53 -42.23
N THR B 342 -11.74 2.32 -41.43
CA THR B 342 -11.52 3.74 -41.33
C THR B 342 -11.15 4.00 -39.87
N PHE B 343 -9.90 4.43 -39.64
CA PHE B 343 -9.45 4.72 -38.28
C PHE B 343 -9.92 6.06 -37.84
N ILE B 344 -10.39 6.14 -36.60
CA ILE B 344 -10.77 7.38 -35.96
C ILE B 344 -9.72 7.72 -34.89
N ARG B 345 -9.12 8.89 -35.01
CA ARG B 345 -8.08 9.35 -34.10
C ARG B 345 -8.67 9.72 -32.75
N VAL B 346 -8.12 9.16 -31.68
CA VAL B 346 -8.64 9.37 -30.31
C VAL B 346 -7.55 9.92 -29.39
N THR B 347 -7.95 10.77 -28.46
CA THR B 347 -7.01 11.45 -27.53
C THR B 347 -6.53 10.49 -26.43
N SER C 19 -5.68 27.49 -25.54
CA SER C 19 -6.29 27.11 -24.20
C SER C 19 -5.23 26.78 -23.16
N LEU C 20 -4.70 27.79 -22.49
CA LEU C 20 -3.51 27.61 -21.66
C LEU C 20 -3.81 27.57 -20.16
N ASP C 21 -3.14 26.62 -19.49
CA ASP C 21 -3.06 26.51 -18.05
C ASP C 21 -1.60 26.73 -17.64
N PHE C 22 -1.37 26.98 -16.36
CA PHE C 22 -0.02 27.29 -15.87
C PHE C 22 0.98 26.18 -16.23
N LYS C 23 0.54 24.93 -16.10
CA LYS C 23 1.36 23.78 -16.50
C LYS C 23 1.81 23.75 -17.96
N ASP C 24 1.10 24.45 -18.85
CA ASP C 24 1.44 24.42 -20.27
C ASP C 24 2.61 25.30 -20.72
N VAL C 25 3.14 26.12 -19.82
CA VAL C 25 4.18 27.07 -20.18
C VAL C 25 5.33 27.17 -19.18
N LEU C 26 6.44 27.68 -19.70
CA LEU C 26 7.59 28.15 -18.95
C LEU C 26 7.91 29.58 -19.40
N LEU C 27 8.55 30.35 -18.53
CA LEU C 27 9.12 31.65 -18.92
C LEU C 27 10.52 31.49 -19.46
N ARG C 28 10.76 32.12 -20.61
CA ARG C 28 12.11 32.21 -21.19
C ARG C 28 13.07 33.09 -20.38
N PRO C 29 14.28 32.58 -20.04
CA PRO C 29 15.23 33.47 -19.37
C PRO C 29 15.79 34.45 -20.41
N LYS C 30 16.33 35.57 -19.93
CA LYS C 30 16.79 36.66 -20.80
C LYS C 30 18.00 37.38 -20.20
N ARG C 31 18.77 38.04 -21.09
CA ARG C 31 19.98 38.73 -20.67
C ARG C 31 19.61 39.83 -19.70
N SER C 32 20.42 39.99 -18.68
CA SER C 32 20.16 41.01 -17.69
C SER C 32 21.45 41.66 -17.24
N THR C 33 21.26 42.83 -16.64
CA THR C 33 22.32 43.71 -16.14
C THR C 33 21.92 44.21 -14.76
N LEU C 34 21.42 43.32 -13.91
CA LEU C 34 20.72 43.78 -12.70
C LEU C 34 21.62 44.31 -11.60
N LYS C 35 22.79 43.72 -11.38
CA LYS C 35 23.62 44.11 -10.21
C LYS C 35 23.12 43.45 -8.90
N GLU C 39 18.26 43.69 -4.52
CA GLU C 39 17.16 42.73 -4.61
C GLU C 39 15.98 43.30 -5.44
N VAL C 40 15.27 42.39 -6.08
CA VAL C 40 14.14 42.70 -6.92
C VAL C 40 13.05 43.31 -6.04
N ASP C 41 12.46 44.38 -6.53
CA ASP C 41 11.38 45.03 -5.78
C ASP C 41 10.07 44.44 -6.24
N LEU C 42 9.35 43.82 -5.30
CA LEU C 42 8.06 43.16 -5.58
C LEU C 42 6.82 44.01 -5.25
N THR C 43 7.06 45.19 -4.67
CA THR C 43 6.06 46.23 -4.49
C THR C 43 5.57 46.83 -5.81
N ARG C 44 4.29 47.10 -5.84
CA ARG C 44 3.66 47.77 -6.95
C ARG C 44 2.88 48.94 -6.37
N SER C 45 2.66 49.92 -7.22
CA SER C 45 1.71 50.99 -6.91
C SER C 45 0.62 51.00 -7.98
N PHE C 46 -0.64 51.09 -7.56
CA PHE C 46 -1.75 51.15 -8.51
C PHE C 46 -2.65 52.32 -8.16
N SER C 47 -3.25 52.89 -9.20
CA SER C 47 -4.23 53.92 -9.07
C SER C 47 -5.52 53.42 -9.69
N PHE C 48 -6.57 53.31 -8.87
CA PHE C 48 -7.75 52.57 -9.26
C PHE C 48 -8.72 53.41 -10.04
N ARG C 49 -9.32 52.80 -11.06
CA ARG C 49 -10.11 53.52 -12.06
C ARG C 49 -11.29 54.31 -11.50
N ASN C 50 -12.04 53.68 -10.60
CA ASN C 50 -13.35 54.19 -10.21
C ASN C 50 -13.32 54.76 -8.80
N SER C 51 -12.69 54.05 -7.86
CA SER C 51 -12.57 54.60 -6.51
C SER C 51 -11.58 55.79 -6.46
N LYS C 52 -10.67 55.91 -7.45
CA LYS C 52 -9.60 56.92 -7.43
C LYS C 52 -8.63 56.76 -6.27
N GLN C 53 -8.63 55.63 -5.59
CA GLN C 53 -7.74 55.43 -4.46
C GLN C 53 -6.40 54.89 -4.95
N THR C 54 -5.40 54.95 -4.09
CA THR C 54 -4.05 54.55 -4.44
C THR C 54 -3.62 53.32 -3.59
N TYR C 55 -2.90 52.40 -4.23
CA TYR C 55 -2.42 51.21 -3.57
C TYR C 55 -0.90 51.13 -3.67
N SER C 56 -0.28 50.66 -2.61
CA SER C 56 1.11 50.25 -2.65
C SER C 56 1.31 49.05 -1.74
N GLY C 57 1.96 48.02 -2.25
CA GLY C 57 2.23 46.82 -1.48
C GLY C 57 2.70 45.72 -2.41
N VAL C 58 2.86 44.50 -1.88
CA VAL C 58 3.18 43.35 -2.72
C VAL C 58 1.85 42.66 -3.08
N PRO C 59 1.47 42.66 -4.36
CA PRO C 59 0.12 42.36 -4.69
C PRO C 59 -0.23 40.86 -4.76
N ILE C 60 -0.08 40.17 -3.63
CA ILE C 60 -0.53 38.82 -3.46
C ILE C 60 -1.55 38.87 -2.35
N ILE C 61 -2.72 38.22 -2.57
CA ILE C 61 -3.90 38.32 -1.71
C ILE C 61 -4.30 36.95 -1.13
N ALA C 62 -4.39 36.90 0.19
CA ALA C 62 -4.94 35.73 0.87
C ALA C 62 -6.42 35.70 0.55
N ALA C 63 -6.89 34.57 0.00
CA ALA C 63 -8.27 34.40 -0.37
C ALA C 63 -9.21 34.49 0.81
N ASN C 64 -10.43 34.93 0.51
CA ASN C 64 -11.47 35.13 1.52
C ASN C 64 -12.27 33.85 1.87
N MET C 65 -11.60 32.72 1.82
CA MET C 65 -12.09 31.48 2.37
C MET C 65 -11.94 31.51 3.89
N ASP C 66 -12.79 30.76 4.57
CA ASP C 66 -12.82 30.82 6.03
C ASP C 66 -11.58 30.19 6.68
N THR C 67 -10.82 29.42 5.92
CA THR C 67 -9.57 28.83 6.42
C THR C 67 -8.31 29.63 6.02
N VAL C 68 -8.46 30.65 5.18
CA VAL C 68 -7.32 31.40 4.61
C VAL C 68 -7.36 32.88 4.99
N GLY C 69 -8.50 33.53 4.80
CA GLY C 69 -8.63 34.96 5.04
C GLY C 69 -8.87 35.29 6.48
N THR C 70 -7.94 34.90 7.35
CA THR C 70 -8.12 35.05 8.80
C THR C 70 -7.40 36.29 9.33
N PHE C 71 -7.83 36.73 10.50
CA PHE C 71 -7.17 37.82 11.17
C PHE C 71 -5.67 37.47 11.47
N GLU C 72 -5.41 36.19 11.83
CA GLU C 72 -4.07 35.73 12.16
C GLU C 72 -3.18 35.74 10.93
N MET C 73 -3.80 35.42 9.79
CA MET C 73 -3.15 35.48 8.50
C MET C 73 -2.81 36.93 8.17
N ALA C 74 -3.77 37.83 8.32
CA ALA C 74 -3.58 39.24 8.04
C ALA C 74 -2.41 39.82 8.80
N LYS C 75 -2.27 39.44 10.06
CA LYS C 75 -1.22 39.95 10.88
C LYS C 75 0.18 39.57 10.38
N VAL C 76 0.35 38.34 9.85
CA VAL C 76 1.68 37.95 9.34
C VAL C 76 1.91 38.56 7.97
N LEU C 77 0.89 38.50 7.12
CA LEU C 77 1.00 38.97 5.76
C LEU C 77 1.31 40.46 5.65
N CYS C 78 0.69 41.27 6.51
CA CYS C 78 1.05 42.70 6.68
C CYS C 78 2.53 42.94 6.86
N LYS C 79 3.21 42.08 7.61
CA LYS C 79 4.65 42.27 7.83
C LYS C 79 5.42 42.22 6.50
N PHE C 80 4.82 41.62 5.49
CA PHE C 80 5.49 41.45 4.21
C PHE C 80 4.86 42.34 3.15
N SER C 81 3.90 43.16 3.57
CA SER C 81 3.09 44.04 2.68
C SER C 81 2.18 43.31 1.71
N LEU C 82 1.79 42.09 2.08
CA LEU C 82 0.74 41.36 1.39
C LEU C 82 -0.66 41.74 1.91
N PHE C 83 -1.65 41.38 1.10
CA PHE C 83 -3.06 41.75 1.23
C PHE C 83 -3.94 40.55 1.70
N THR C 84 -4.93 40.83 2.53
CA THR C 84 -5.85 39.80 3.00
C THR C 84 -7.30 40.21 2.66
N ALA C 85 -7.99 39.36 1.89
CA ALA C 85 -9.42 39.44 1.74
C ALA C 85 -10.02 38.61 2.89
N VAL C 86 -10.55 39.31 3.88
CA VAL C 86 -11.03 38.69 5.10
C VAL C 86 -12.34 37.93 4.84
N HIS C 87 -12.48 36.74 5.45
CA HIS C 87 -13.66 35.93 5.24
C HIS C 87 -14.91 36.58 5.82
N LYS C 88 -16.07 36.01 5.48
CA LYS C 88 -17.39 36.59 5.89
C LYS C 88 -17.94 36.10 7.23
N HIS C 89 -17.17 35.40 8.02
CA HIS C 89 -17.75 34.71 9.17
C HIS C 89 -17.17 35.20 10.49
N TYR C 90 -16.69 36.44 10.52
CA TYR C 90 -16.39 37.08 11.77
C TYR C 90 -17.56 37.96 12.20
N SER C 91 -17.77 38.07 13.51
CA SER C 91 -18.75 38.97 14.09
C SER C 91 -18.27 40.44 14.04
N LEU C 92 -19.22 41.34 14.31
CA LEU C 92 -18.92 42.75 14.32
C LEU C 92 -17.95 43.06 15.47
N VAL C 93 -18.12 42.42 16.61
CA VAL C 93 -17.26 42.67 17.76
C VAL C 93 -15.83 42.15 17.51
N GLN C 94 -15.72 41.03 16.81
CA GLN C 94 -14.42 40.48 16.42
C GLN C 94 -13.65 41.41 15.50
N TRP C 95 -14.36 42.03 14.56
CA TRP C 95 -13.78 43.05 13.70
C TRP C 95 -13.27 44.24 14.50
N GLN C 96 -14.08 44.71 15.43
CA GLN C 96 -13.77 45.92 16.13
C GLN C 96 -12.57 45.67 17.10
N GLU C 97 -12.55 44.49 17.70
CA GLU C 97 -11.41 44.00 18.51
C GLU C 97 -10.12 43.90 17.68
N PHE C 98 -10.21 43.26 16.53
CA PHE C 98 -9.06 43.15 15.66
C PHE C 98 -8.49 44.54 15.29
N ALA C 99 -9.37 45.47 14.88
CA ALA C 99 -8.93 46.77 14.40
C ALA C 99 -8.33 47.60 15.53
N GLY C 100 -8.90 47.51 16.72
CA GLY C 100 -8.38 48.18 17.89
C GLY C 100 -7.00 47.70 18.25
N GLN C 101 -6.78 46.38 18.21
CA GLN C 101 -5.49 45.80 18.56
C GLN C 101 -4.47 45.83 17.40
N ASN C 102 -4.95 45.98 16.17
CA ASN C 102 -4.06 45.91 15.01
C ASN C 102 -4.30 47.03 13.99
N PRO C 103 -4.19 48.28 14.44
CA PRO C 103 -4.44 49.42 13.57
C PRO C 103 -3.60 49.47 12.30
N ASP C 104 -2.38 48.92 12.35
CA ASP C 104 -1.50 48.88 11.19
C ASP C 104 -1.84 47.84 10.14
N CYS C 105 -2.82 46.98 10.38
CA CYS C 105 -3.21 45.98 9.35
C CYS C 105 -4.36 46.41 8.48
N LEU C 106 -5.00 47.53 8.78
CA LEU C 106 -6.28 47.84 8.18
C LEU C 106 -6.19 48.33 6.74
N GLU C 107 -5.02 48.84 6.34
CA GLU C 107 -4.75 49.42 4.99
C GLU C 107 -4.76 48.34 3.92
N HIS C 108 -4.39 47.13 4.28
CA HIS C 108 -4.29 46.08 3.29
C HIS C 108 -5.20 44.93 3.57
N LEU C 109 -6.45 45.29 3.78
CA LEU C 109 -7.48 44.30 3.80
C LEU C 109 -8.77 44.75 3.17
N ALA C 110 -9.51 43.75 2.76
CA ALA C 110 -10.81 43.88 2.21
C ALA C 110 -11.81 43.18 3.14
N ALA C 111 -12.96 43.77 3.30
CA ALA C 111 -14.10 43.05 3.84
C ALA C 111 -14.94 42.52 2.66
N SER C 112 -15.50 41.34 2.85
CA SER C 112 -16.10 40.56 1.78
C SER C 112 -17.61 40.40 1.94
N SER C 113 -18.26 40.17 0.81
CA SER C 113 -19.69 39.95 0.76
C SER C 113 -20.10 39.29 -0.57
N GLY C 114 -21.08 38.40 -0.45
CA GLY C 114 -21.83 37.88 -1.60
C GLY C 114 -22.99 38.82 -1.88
N THR C 115 -23.92 38.39 -2.72
CA THR C 115 -25.03 39.24 -3.19
C THR C 115 -26.29 39.09 -2.34
N GLY C 116 -26.34 38.09 -1.47
CA GLY C 116 -27.40 38.01 -0.48
C GLY C 116 -27.60 39.26 0.41
N SER C 117 -28.87 39.54 0.73
CA SER C 117 -29.25 40.67 1.57
C SER C 117 -28.49 40.70 2.90
N SER C 118 -28.40 39.51 3.52
CA SER C 118 -27.69 39.31 4.80
C SER C 118 -26.19 39.59 4.72
N ASP C 119 -25.52 39.09 3.69
CA ASP C 119 -24.10 39.40 3.45
C ASP C 119 -23.83 40.90 3.35
N PHE C 120 -24.61 41.55 2.48
CA PHE C 120 -24.38 42.95 2.22
C PHE C 120 -24.60 43.81 3.46
N GLU C 121 -25.62 43.47 4.24
CA GLU C 121 -25.87 44.16 5.50
C GLU C 121 -24.74 44.07 6.52
N GLN C 122 -24.20 42.85 6.67
CA GLN C 122 -23.07 42.57 7.55
C GLN C 122 -21.87 43.43 7.16
N LEU C 123 -21.62 43.48 5.86
CA LEU C 123 -20.56 44.28 5.30
C LEU C 123 -20.78 45.76 5.62
N GLU C 124 -22.00 46.24 5.41
CA GLU C 124 -22.27 47.65 5.75
C GLU C 124 -21.95 47.98 7.18
N GLN C 125 -22.33 47.08 8.10
CA GLN C 125 -22.05 47.26 9.53
C GLN C 125 -20.54 47.31 9.84
N ILE C 126 -19.78 46.42 9.20
CA ILE C 126 -18.30 46.43 9.31
C ILE C 126 -17.72 47.78 8.79
N LEU C 127 -18.15 48.22 7.61
CA LEU C 127 -17.61 49.45 7.03
C LEU C 127 -17.97 50.69 7.84
N GLU C 128 -19.15 50.70 8.43
CA GLU C 128 -19.57 51.74 9.39
C GLU C 128 -18.73 51.75 10.68
N ALA C 129 -18.46 50.59 11.23
CA ALA C 129 -17.64 50.45 12.44
C ALA C 129 -16.12 50.69 12.22
N ILE C 130 -15.62 50.27 11.06
CA ILE C 130 -14.19 50.31 10.78
C ILE C 130 -13.93 51.17 9.54
N PRO C 131 -13.87 52.50 9.72
CA PRO C 131 -13.66 53.38 8.57
C PRO C 131 -12.29 53.21 7.88
N GLN C 132 -11.34 52.60 8.57
CA GLN C 132 -10.05 52.30 7.98
C GLN C 132 -10.10 51.18 6.92
N VAL C 133 -11.20 50.42 6.88
CA VAL C 133 -11.35 49.40 5.86
C VAL C 133 -11.81 50.09 4.60
N LYS C 134 -10.97 50.06 3.57
CA LYS C 134 -11.16 50.85 2.35
C LYS C 134 -11.26 50.00 1.08
N TYR C 135 -11.31 48.68 1.24
CA TYR C 135 -11.46 47.73 0.15
C TYR C 135 -12.65 46.80 0.39
N ILE C 136 -13.41 46.54 -0.66
CA ILE C 136 -14.56 45.66 -0.59
C ILE C 136 -14.40 44.52 -1.59
N CYS C 137 -14.68 43.30 -1.13
CA CYS C 137 -14.53 42.15 -2.02
C CYS C 137 -15.89 41.52 -2.22
N LEU C 138 -16.43 41.71 -3.44
CA LEU C 138 -17.72 41.19 -3.86
C LEU C 138 -17.45 39.97 -4.70
N ASP C 139 -17.93 38.84 -4.22
CA ASP C 139 -17.41 37.56 -4.62
C ASP C 139 -18.59 36.67 -4.79
N VAL C 140 -18.91 36.31 -6.03
CA VAL C 140 -19.87 35.21 -6.33
C VAL C 140 -19.21 34.15 -7.24
N ALA C 141 -19.82 32.98 -7.29
CA ALA C 141 -19.33 31.91 -8.18
C ALA C 141 -19.52 32.30 -9.66
N ASN C 142 -20.66 32.95 -9.95
CA ASN C 142 -20.99 33.41 -11.30
C ASN C 142 -21.16 34.93 -11.46
N GLY C 143 -20.06 35.58 -11.86
CA GLY C 143 -20.06 37.00 -12.14
C GLY C 143 -20.72 37.43 -13.46
N TYR C 144 -21.32 36.48 -14.18
CA TYR C 144 -21.92 36.75 -15.48
C TYR C 144 -23.40 37.17 -15.42
N SER C 145 -24.02 37.09 -14.25
CA SER C 145 -25.41 37.44 -14.12
C SER C 145 -25.61 38.95 -14.11
N GLU C 146 -26.68 39.39 -14.76
CA GLU C 146 -27.16 40.78 -14.69
C GLU C 146 -27.48 41.18 -13.24
N HIS C 147 -27.88 40.24 -12.41
CA HIS C 147 -28.07 40.49 -10.99
C HIS C 147 -26.76 40.96 -10.31
N PHE C 148 -25.63 40.32 -10.67
CA PHE C 148 -24.36 40.69 -10.07
C PHE C 148 -23.90 42.07 -10.54
N VAL C 149 -24.09 42.34 -11.84
CA VAL C 149 -23.73 43.62 -12.47
C VAL C 149 -24.42 44.79 -11.72
N GLU C 150 -25.70 44.60 -11.42
CA GLU C 150 -26.51 45.64 -10.80
C GLU C 150 -26.16 45.81 -9.35
N PHE C 151 -25.80 44.70 -8.71
CA PHE C 151 -25.31 44.78 -7.34
C PHE C 151 -23.98 45.55 -7.27
N VAL C 152 -23.07 45.31 -8.20
CA VAL C 152 -21.83 46.06 -8.26
C VAL C 152 -22.11 47.57 -8.38
N LYS C 153 -22.96 47.95 -9.32
CA LYS C 153 -23.42 49.37 -9.45
C LYS C 153 -23.94 49.96 -8.13
N ASP C 154 -24.77 49.19 -7.44
CA ASP C 154 -25.31 49.61 -6.15
C ASP C 154 -24.27 49.81 -5.06
N VAL C 155 -23.29 48.95 -5.01
CA VAL C 155 -22.25 49.06 -3.99
C VAL C 155 -21.37 50.28 -4.32
N ARG C 156 -21.11 50.51 -5.61
CA ARG C 156 -20.36 51.69 -6.05
C ARG C 156 -21.10 52.98 -5.66
N LYS C 157 -22.41 53.03 -5.92
CA LYS C 157 -23.24 54.16 -5.50
C LYS C 157 -23.15 54.37 -3.98
N ARG C 158 -23.23 53.28 -3.24
CA ARG C 158 -23.26 53.33 -1.79
C ARG C 158 -21.88 53.65 -1.18
N PHE C 159 -20.80 53.20 -1.82
CA PHE C 159 -19.45 53.35 -1.28
C PHE C 159 -18.51 53.90 -2.36
N PRO C 160 -18.71 55.19 -2.73
CA PRO C 160 -18.01 55.76 -3.87
C PRO C 160 -16.51 55.87 -3.70
N GLN C 161 -16.02 55.90 -2.48
CA GLN C 161 -14.58 56.03 -2.24
C GLN C 161 -13.87 54.68 -1.91
N HIS C 162 -14.62 53.61 -1.70
CA HIS C 162 -13.99 52.30 -1.44
C HIS C 162 -13.54 51.63 -2.73
N THR C 163 -12.42 50.93 -2.69
CA THR C 163 -11.97 50.19 -3.84
C THR C 163 -12.69 48.82 -3.87
N ILE C 164 -13.31 48.50 -5.01
CA ILE C 164 -14.18 47.31 -5.12
C ILE C 164 -13.53 46.25 -6.01
N MET C 165 -13.32 45.08 -5.42
CA MET C 165 -12.94 43.87 -6.14
C MET C 165 -14.19 43.07 -6.41
N ALA C 166 -14.37 42.64 -7.65
CA ALA C 166 -15.57 41.93 -8.00
C ALA C 166 -15.28 40.77 -8.96
N GLY C 167 -15.96 39.67 -8.73
CA GLY C 167 -15.85 38.49 -9.57
C GLY C 167 -16.71 37.32 -9.09
N ASN C 168 -16.63 36.18 -9.74
CA ASN C 168 -15.58 35.84 -10.71
C ASN C 168 -16.01 35.69 -12.18
N VAL C 169 -15.08 35.99 -13.09
CA VAL C 169 -15.32 35.85 -14.52
C VAL C 169 -14.06 35.34 -15.13
N VAL C 170 -14.10 35.05 -16.43
CA VAL C 170 -12.96 34.48 -17.16
C VAL C 170 -12.78 34.98 -18.62
N THR C 171 -13.59 35.97 -19.02
CA THR C 171 -13.56 36.54 -20.37
C THR C 171 -13.70 38.09 -20.34
N GLY C 172 -13.11 38.71 -21.37
CA GLY C 172 -13.00 40.16 -21.51
C GLY C 172 -14.29 40.98 -21.52
N GLU C 173 -15.31 40.52 -22.22
CA GLU C 173 -16.57 41.27 -22.29
C GLU C 173 -17.11 41.52 -20.88
N MET C 174 -16.99 40.51 -20.04
CA MET C 174 -17.55 40.62 -18.71
C MET C 174 -16.66 41.45 -17.77
N VAL C 175 -15.36 41.37 -17.98
CA VAL C 175 -14.41 42.26 -17.30
C VAL C 175 -14.79 43.73 -17.54
N GLU C 176 -14.99 44.06 -18.82
CA GLU C 176 -15.31 45.43 -19.24
C GLU C 176 -16.61 45.87 -18.63
N GLU C 177 -17.60 44.99 -18.67
CA GLU C 177 -18.90 45.39 -18.13
C GLU C 177 -18.84 45.67 -16.64
N LEU C 178 -18.11 44.83 -15.90
CA LEU C 178 -18.02 44.99 -14.46
C LEU C 178 -17.25 46.25 -14.09
N ILE C 179 -16.21 46.53 -14.86
CA ILE C 179 -15.45 47.77 -14.67
C ILE C 179 -16.30 49.00 -14.93
N LEU C 180 -17.02 48.98 -16.05
CA LEU C 180 -17.95 50.08 -16.42
C LEU C 180 -19.05 50.24 -15.40
N SER C 181 -19.42 49.15 -14.73
CA SER C 181 -20.45 49.17 -13.70
C SER C 181 -20.02 49.69 -12.33
N GLY C 182 -18.71 49.92 -12.15
CA GLY C 182 -18.18 50.41 -10.89
C GLY C 182 -17.03 49.70 -10.23
N ALA C 183 -16.76 48.45 -10.61
CA ALA C 183 -15.71 47.67 -9.98
C ALA C 183 -14.35 48.19 -10.40
N ASP C 184 -13.41 48.21 -9.48
CA ASP C 184 -12.02 48.62 -9.74
C ASP C 184 -11.13 47.47 -10.22
N ILE C 185 -11.35 46.29 -9.63
CA ILE C 185 -10.46 45.14 -9.79
C ILE C 185 -11.35 43.93 -10.03
N ILE C 186 -11.09 43.19 -11.09
CA ILE C 186 -11.92 42.07 -11.48
C ILE C 186 -11.22 40.78 -11.12
N LYS C 187 -11.95 39.94 -10.39
CA LYS C 187 -11.44 38.67 -9.92
C LYS C 187 -11.73 37.61 -11.00
N VAL C 188 -10.65 36.99 -11.47
CA VAL C 188 -10.65 36.13 -12.63
C VAL C 188 -10.37 34.66 -12.24
N GLY C 189 -11.28 33.81 -12.63
CA GLY C 189 -11.12 32.37 -12.49
C GLY C 189 -12.45 31.72 -12.22
N ILE C 190 -12.79 30.73 -13.04
CA ILE C 190 -13.95 29.88 -12.75
C ILE C 190 -13.54 28.43 -12.91
N GLY C 191 -13.52 27.68 -11.80
CA GLY C 191 -13.09 26.28 -11.84
C GLY C 191 -11.64 25.87 -11.54
N PRO C 192 -10.68 26.83 -11.42
CA PRO C 192 -9.28 26.39 -11.26
C PRO C 192 -8.86 26.05 -9.82
N GLY C 193 -9.70 26.41 -8.85
CA GLY C 193 -9.30 26.34 -7.47
C GLY C 193 -9.05 24.94 -7.00
N SER C 194 -8.08 24.79 -6.09
CA SER C 194 -7.62 23.49 -5.64
C SER C 194 -8.75 22.66 -5.00
N VAL C 195 -9.72 23.30 -4.32
CA VAL C 195 -10.83 22.59 -3.70
C VAL C 195 -12.19 22.95 -4.36
N CYS C 196 -12.11 23.35 -5.64
CA CYS C 196 -13.29 23.65 -6.42
C CYS C 196 -13.72 22.40 -7.17
N THR C 197 -15.02 22.19 -7.33
CA THR C 197 -15.50 21.04 -8.14
C THR C 197 -16.43 21.50 -9.27
N THR C 198 -16.48 22.81 -9.50
CA THR C 198 -17.32 23.38 -10.57
C THR C 198 -17.22 22.64 -11.88
N ARG C 199 -16.01 22.28 -12.28
CA ARG C 199 -15.78 21.68 -13.59
C ARG C 199 -16.37 20.27 -13.70
N LYS C 200 -16.28 19.50 -12.61
CA LYS C 200 -16.91 18.16 -12.52
C LYS C 200 -18.43 18.16 -12.35
N LYS C 201 -18.94 19.10 -11.57
CA LYS C 201 -20.36 19.20 -11.34
C LYS C 201 -21.18 19.85 -12.45
N THR C 202 -20.55 20.71 -13.25
CA THR C 202 -21.27 21.54 -14.21
C THR C 202 -20.67 21.53 -15.61
N GLY C 203 -19.41 21.17 -15.72
CA GLY C 203 -18.72 21.20 -17.00
C GLY C 203 -18.26 22.58 -17.43
N VAL C 204 -18.43 23.56 -16.55
CA VAL C 204 -18.14 24.95 -16.87
C VAL C 204 -16.76 25.36 -16.36
N GLY C 205 -16.06 26.12 -17.18
CA GLY C 205 -14.74 26.62 -16.81
C GLY C 205 -13.95 27.22 -17.95
N TYR C 206 -12.68 27.44 -17.67
CA TYR C 206 -11.78 28.13 -18.59
C TYR C 206 -10.35 27.99 -18.11
N PRO C 207 -9.43 27.60 -19.01
CA PRO C 207 -8.02 27.52 -18.64
C PRO C 207 -7.48 28.84 -18.10
N GLN C 208 -6.76 28.76 -16.97
CA GLN C 208 -6.57 29.94 -16.12
C GLN C 208 -5.58 30.90 -16.70
N LEU C 209 -4.53 30.40 -17.36
CA LEU C 209 -3.56 31.29 -17.94
C LEU C 209 -4.22 32.11 -19.09
N SER C 210 -4.94 31.45 -19.97
CA SER C 210 -5.70 32.10 -21.06
C SER C 210 -6.69 33.13 -20.55
N ALA C 211 -7.39 32.76 -19.47
CA ALA C 211 -8.34 33.67 -18.85
C ALA C 211 -7.63 34.94 -18.35
N VAL C 212 -6.49 34.76 -17.70
CA VAL C 212 -5.70 35.88 -17.21
C VAL C 212 -5.24 36.82 -18.35
N MET C 213 -4.63 36.24 -19.39
CA MET C 213 -4.14 37.04 -20.53
C MET C 213 -5.25 37.87 -21.15
N GLU C 214 -6.37 37.23 -21.44
CA GLU C 214 -7.51 37.91 -22.07
C GLU C 214 -8.08 38.98 -21.17
N CYS C 215 -8.25 38.64 -19.89
CA CYS C 215 -8.92 39.52 -18.97
C CYS C 215 -8.03 40.68 -18.60
N ALA C 216 -6.74 40.44 -18.47
CA ALA C 216 -5.81 41.49 -18.20
C ALA C 216 -5.83 42.55 -19.32
N ASP C 217 -5.79 42.09 -20.55
CA ASP C 217 -5.86 43.01 -21.67
C ASP C 217 -7.15 43.84 -21.63
N ALA C 218 -8.29 43.19 -21.40
CA ALA C 218 -9.57 43.90 -21.30
C ALA C 218 -9.56 44.97 -20.20
N ALA C 219 -9.14 44.57 -18.99
CA ALA C 219 -9.07 45.48 -17.86
C ALA C 219 -8.15 46.66 -18.14
N HIS C 220 -6.98 46.36 -18.64
CA HIS C 220 -5.94 47.38 -18.78
C HIS C 220 -6.30 48.44 -19.81
N GLY C 221 -7.04 48.04 -20.82
CA GLY C 221 -7.56 48.98 -21.81
C GLY C 221 -8.53 49.99 -21.23
N LEU C 222 -9.16 49.66 -20.09
CA LEU C 222 -10.01 50.58 -19.37
C LEU C 222 -9.33 51.24 -18.18
N LYS C 223 -8.02 50.98 -18.02
CA LYS C 223 -7.26 51.42 -16.85
C LYS C 223 -7.76 50.80 -15.53
N GLY C 224 -8.35 49.61 -15.61
CA GLY C 224 -8.60 48.83 -14.42
C GLY C 224 -7.54 47.76 -14.18
N HIS C 225 -7.91 46.81 -13.33
CA HIS C 225 -6.96 45.84 -12.82
C HIS C 225 -7.66 44.49 -12.63
N ILE C 226 -6.84 43.44 -12.53
CA ILE C 226 -7.35 42.09 -12.27
C ILE C 226 -6.57 41.35 -11.20
N ILE C 227 -7.30 40.40 -10.59
CA ILE C 227 -6.78 39.40 -9.73
C ILE C 227 -6.93 38.03 -10.42
N SER C 228 -5.81 37.31 -10.52
CA SER C 228 -5.83 35.91 -10.93
C SER C 228 -6.16 35.09 -9.68
N ASP C 229 -7.37 34.56 -9.66
CA ASP C 229 -7.89 33.93 -8.46
C ASP C 229 -8.01 32.41 -8.66
N GLY C 230 -7.09 31.67 -8.03
CA GLY C 230 -7.10 30.20 -8.07
C GLY C 230 -6.11 29.54 -9.03
N GLY C 231 -5.86 28.26 -8.76
CA GLY C 231 -5.02 27.42 -9.64
C GLY C 231 -3.51 27.48 -9.40
N CYS C 232 -3.02 28.36 -8.50
CA CYS C 232 -1.59 28.36 -8.19
C CYS C 232 -1.28 27.33 -7.11
N SER C 233 -0.39 26.40 -7.42
CA SER C 233 0.07 25.43 -6.43
C SER C 233 1.58 25.52 -6.13
N CYS C 234 2.30 26.41 -6.81
CA CYS C 234 3.70 26.67 -6.47
C CYS C 234 4.04 28.13 -6.81
N PRO C 235 5.16 28.65 -6.28
CA PRO C 235 5.61 30.02 -6.65
C PRO C 235 5.73 30.28 -8.15
N GLY C 236 6.22 29.30 -8.91
CA GLY C 236 6.26 29.37 -10.36
C GLY C 236 4.91 29.75 -11.00
N ASP C 237 3.81 29.21 -10.45
CA ASP C 237 2.46 29.54 -10.96
C ASP C 237 2.11 31.01 -10.69
N VAL C 238 2.40 31.49 -9.49
CA VAL C 238 2.20 32.90 -9.15
C VAL C 238 2.96 33.79 -10.15
N ALA C 239 4.23 33.45 -10.41
CA ALA C 239 5.08 34.19 -11.35
C ALA C 239 4.49 34.22 -12.74
N LYS C 240 3.99 33.08 -13.20
CA LYS C 240 3.30 32.99 -14.49
C LYS C 240 2.07 33.84 -14.57
N ALA C 241 1.28 33.90 -13.50
CA ALA C 241 0.05 34.73 -13.51
C ALA C 241 0.43 36.26 -13.63
N PHE C 242 1.45 36.67 -12.89
CA PHE C 242 1.96 38.04 -12.97
C PHE C 242 2.53 38.31 -14.38
N GLY C 243 3.25 37.31 -14.89
CA GLY C 243 3.89 37.36 -16.20
C GLY C 243 2.88 37.43 -17.32
N ALA C 244 1.73 36.82 -17.13
CA ALA C 244 0.61 36.99 -18.05
C ALA C 244 -0.15 38.33 -17.96
N GLY C 245 0.18 39.20 -17.01
CA GLY C 245 -0.46 40.49 -16.86
C GLY C 245 -1.40 40.69 -15.67
N ALA C 246 -1.55 39.70 -14.80
CA ALA C 246 -2.34 39.89 -13.60
C ALA C 246 -1.68 40.94 -12.72
N ASP C 247 -2.49 41.85 -12.22
CA ASP C 247 -2.01 42.87 -11.32
C ASP C 247 -1.77 42.28 -9.94
N PHE C 248 -2.76 41.50 -9.48
CA PHE C 248 -2.69 40.74 -8.22
C PHE C 248 -2.90 39.20 -8.48
N VAL C 249 -2.45 38.39 -7.53
CA VAL C 249 -2.68 36.95 -7.50
C VAL C 249 -3.28 36.60 -6.11
N MET C 250 -4.39 35.86 -6.12
CA MET C 250 -5.06 35.44 -4.90
C MET C 250 -4.84 33.95 -4.67
N LEU C 251 -4.47 33.61 -3.43
CA LEU C 251 -4.11 32.28 -3.05
C LEU C 251 -5.01 31.73 -1.94
N GLY C 252 -5.53 30.53 -2.19
CA GLY C 252 -6.25 29.74 -1.17
C GLY C 252 -5.33 28.62 -0.70
N GLY C 253 -5.30 27.52 -1.44
CA GLY C 253 -4.51 26.33 -1.14
C GLY C 253 -3.09 26.48 -0.63
N MET C 254 -2.32 27.38 -1.26
CA MET C 254 -0.92 27.59 -0.87
C MET C 254 -0.76 28.17 0.54
N LEU C 255 -1.81 28.82 1.04
CA LEU C 255 -1.88 29.42 2.36
C LEU C 255 -2.65 28.62 3.38
N ALA C 256 -3.42 27.63 2.92
CA ALA C 256 -4.09 26.65 3.82
C ALA C 256 -3.07 25.81 4.55
N GLY C 257 -3.46 25.27 5.70
CA GLY C 257 -2.67 24.27 6.39
C GLY C 257 -1.60 24.82 7.31
N HIS C 258 -1.61 26.14 7.54
CA HIS C 258 -0.68 26.80 8.46
C HIS C 258 -1.31 27.08 9.81
N SER C 259 -0.47 27.45 10.78
CA SER C 259 -0.88 27.85 12.12
C SER C 259 -1.89 28.96 12.07
N GLU C 260 -1.67 29.88 11.14
CA GLU C 260 -2.47 31.08 11.03
C GLU C 260 -3.79 30.81 10.29
N SER C 261 -3.84 29.68 9.57
CA SER C 261 -5.02 29.29 8.80
C SER C 261 -6.09 28.82 9.77
N GLY C 262 -7.33 28.90 9.33
CA GLY C 262 -8.41 28.21 10.01
C GLY C 262 -8.38 26.75 9.58
N GLY C 263 -9.41 26.01 9.91
CA GLY C 263 -9.49 24.60 9.62
C GLY C 263 -9.10 23.90 10.89
N GLU C 264 -9.74 22.77 11.18
CA GLU C 264 -9.41 22.10 12.43
C GLU C 264 -8.06 21.42 12.30
N LEU C 265 -7.24 21.52 13.34
CA LEU C 265 -6.01 20.74 13.45
C LEU C 265 -6.35 19.28 13.85
N ILE C 266 -5.91 18.34 13.05
CA ILE C 266 -6.24 16.93 13.28
C ILE C 266 -4.96 16.15 13.41
N GLU C 267 -4.74 15.54 14.58
CA GLU C 267 -3.61 14.64 14.73
C GLU C 267 -4.11 13.21 14.69
N ARG C 268 -3.75 12.46 13.65
CA ARG C 268 -4.18 11.07 13.51
C ARG C 268 -3.11 10.28 12.78
N ASP C 269 -3.04 8.99 13.05
CA ASP C 269 -2.03 8.09 12.45
C ASP C 269 -0.60 8.64 12.53
N GLY C 270 -0.26 9.25 13.65
CA GLY C 270 1.07 9.81 13.85
C GLY C 270 1.39 11.10 13.09
N LYS C 271 0.39 11.73 12.44
CA LYS C 271 0.62 12.94 11.64
C LYS C 271 -0.36 14.05 11.92
N LYS C 272 -0.05 15.25 11.42
CA LYS C 272 -0.81 16.46 11.68
C LYS C 272 -1.38 17.00 10.38
N TYR C 273 -2.65 17.33 10.41
CA TYR C 273 -3.42 17.83 9.25
C TYR C 273 -4.29 18.97 9.65
N LYS C 274 -4.66 19.76 8.64
CA LYS C 274 -5.69 20.76 8.77
C LYS C 274 -6.71 20.58 7.65
N LEU C 275 -7.98 20.78 7.99
CA LEU C 275 -9.03 20.76 7.00
C LEU C 275 -8.88 21.99 6.10
N PHE C 276 -9.20 21.80 4.83
CA PHE C 276 -9.29 22.87 3.88
C PHE C 276 -10.43 22.52 2.94
N TYR C 277 -11.35 23.45 2.72
CA TYR C 277 -12.58 23.11 2.00
C TYR C 277 -13.16 24.30 1.22
N GLY C 278 -13.89 23.97 0.15
CA GLY C 278 -14.43 24.98 -0.74
C GLY C 278 -15.54 25.69 -0.02
N MET C 279 -15.76 26.96 -0.33
CA MET C 279 -16.81 27.72 0.38
C MET C 279 -18.22 27.35 -0.08
N SER C 280 -18.33 26.61 -1.18
CA SER C 280 -19.59 25.96 -1.52
C SER C 280 -19.50 24.43 -1.34
N SER C 281 -18.57 23.96 -0.51
CA SER C 281 -18.56 22.54 -0.15
C SER C 281 -19.72 22.24 0.82
N GLU C 282 -20.12 20.97 0.91
CA GLU C 282 -21.09 20.54 1.94
C GLU C 282 -20.63 20.83 3.33
N MET C 283 -19.33 20.67 3.60
CA MET C 283 -18.77 21.05 4.90
C MET C 283 -19.04 22.52 5.24
N ALA C 284 -18.78 23.41 4.28
CA ALA C 284 -19.03 24.85 4.53
C ALA C 284 -20.53 25.14 4.65
N MET C 285 -21.33 24.58 3.73
CA MET C 285 -22.79 24.78 3.80
C MET C 285 -23.38 24.30 5.14
N LYS C 286 -22.96 23.12 5.58
CA LYS C 286 -23.41 22.59 6.87
C LYS C 286 -23.01 23.50 8.00
N LYS C 287 -21.76 23.98 7.94
CA LYS C 287 -21.18 24.77 9.03
C LYS C 287 -21.94 26.08 9.27
N TYR C 288 -22.50 26.69 8.22
CA TYR C 288 -22.99 28.09 8.28
C TYR C 288 -24.51 28.31 8.09
N ALA C 297 -26.62 21.86 -3.06
CA ALA C 297 -25.95 21.62 -4.36
C ALA C 297 -24.49 22.11 -4.35
N SER C 298 -23.53 21.20 -4.19
CA SER C 298 -22.13 21.58 -3.90
C SER C 298 -21.21 21.80 -5.12
N GLU C 299 -20.36 22.83 -5.08
CA GLU C 299 -19.32 22.99 -6.12
C GLU C 299 -17.89 23.08 -5.54
N GLY C 300 -17.73 22.55 -4.32
CA GLY C 300 -16.43 22.47 -3.67
C GLY C 300 -16.30 21.19 -2.85
N LYS C 301 -15.08 20.89 -2.47
CA LYS C 301 -14.77 19.66 -1.80
C LYS C 301 -13.96 19.99 -0.53
N THR C 302 -13.70 18.93 0.24
CA THR C 302 -12.90 18.97 1.45
C THR C 302 -11.66 18.14 1.26
N VAL C 303 -10.54 18.62 1.79
CA VAL C 303 -9.29 17.87 1.85
C VAL C 303 -8.66 18.06 3.23
N GLU C 304 -7.76 17.16 3.57
CA GLU C 304 -6.91 17.32 4.73
C GLU C 304 -5.51 17.59 4.20
N VAL C 305 -5.02 18.76 4.57
CA VAL C 305 -3.72 19.24 4.17
C VAL C 305 -2.71 18.91 5.30
N PRO C 306 -1.58 18.24 4.98
CA PRO C 306 -0.55 18.08 6.00
C PRO C 306 -0.13 19.45 6.59
N PHE C 307 -0.06 19.51 7.90
CA PHE C 307 0.25 20.72 8.60
C PHE C 307 1.62 21.30 8.18
N LYS C 308 1.63 22.62 7.93
CA LYS C 308 2.76 23.31 7.31
C LYS C 308 3.53 24.18 8.29
N GLY C 309 2.98 24.44 9.46
CA GLY C 309 3.62 25.31 10.45
C GLY C 309 3.30 26.76 10.19
N ASP C 310 4.26 27.64 10.49
CA ASP C 310 4.05 29.07 10.42
C ASP C 310 4.06 29.61 9.00
N VAL C 311 3.07 30.44 8.67
CA VAL C 311 2.91 30.88 7.26
C VAL C 311 4.09 31.76 6.78
N GLU C 312 4.79 32.42 7.69
CA GLU C 312 5.93 33.26 7.30
C GLU C 312 6.94 32.56 6.40
N HIS C 313 7.25 31.29 6.66
CA HIS C 313 8.23 30.57 5.87
C HIS C 313 7.68 30.31 4.46
N THR C 314 6.38 30.08 4.37
CA THR C 314 5.76 29.91 3.06
C THR C 314 5.82 31.23 2.32
N ILE C 315 5.51 32.34 3.00
CA ILE C 315 5.56 33.64 2.33
C ILE C 315 6.99 33.92 1.76
N ARG C 316 8.02 33.75 2.59
CA ARG C 316 9.43 33.86 2.12
C ARG C 316 9.78 33.00 0.92
N ASP C 317 9.27 31.77 0.91
CA ASP C 317 9.48 30.89 -0.27
C ASP C 317 8.80 31.38 -1.57
N ILE C 318 7.57 31.88 -1.46
CA ILE C 318 6.84 32.36 -2.64
C ILE C 318 7.54 33.62 -3.17
N LEU C 319 7.83 34.56 -2.28
CA LEU C 319 8.51 35.80 -2.69
C LEU C 319 9.89 35.55 -3.29
N GLY C 320 10.66 34.66 -2.67
CA GLY C 320 12.02 34.32 -3.17
C GLY C 320 11.91 33.71 -4.57
N GLY C 321 10.89 32.88 -4.76
CA GLY C 321 10.66 32.29 -6.09
C GLY C 321 10.38 33.32 -7.17
N ILE C 322 9.48 34.22 -6.86
CA ILE C 322 9.15 35.26 -7.81
C ILE C 322 10.35 36.24 -8.00
N ARG C 323 11.04 36.61 -6.94
CA ARG C 323 12.21 37.49 -7.13
C ARG C 323 13.15 36.81 -8.11
N SER C 324 13.25 35.49 -7.99
CA SER C 324 14.20 34.73 -8.83
C SER C 324 13.73 34.64 -10.28
N THR C 325 12.42 34.54 -10.50
CA THR C 325 11.86 34.64 -11.84
C THR C 325 12.21 36.01 -12.49
N CYS C 326 11.98 37.10 -11.75
CA CYS C 326 12.37 38.45 -12.21
C CYS C 326 13.86 38.53 -12.59
N THR C 327 14.73 37.99 -11.74
CA THR C 327 16.16 37.90 -12.05
C THR C 327 16.44 37.16 -13.35
N TYR C 328 15.86 35.98 -13.51
CA TYR C 328 16.07 35.22 -14.74
C TYR C 328 15.60 36.00 -15.98
N VAL C 329 14.58 36.83 -15.87
CA VAL C 329 14.09 37.51 -17.09
C VAL C 329 14.60 38.95 -17.24
N GLY C 330 15.31 39.46 -16.25
CA GLY C 330 15.91 40.79 -16.31
C GLY C 330 15.00 41.92 -15.84
N ALA C 331 14.07 41.60 -14.93
CA ALA C 331 13.14 42.56 -14.36
C ALA C 331 13.68 42.96 -13.00
N ALA C 332 14.03 44.24 -12.88
CA ALA C 332 14.48 44.77 -11.59
C ALA C 332 13.32 44.90 -10.60
N LYS C 333 12.10 44.94 -11.12
CA LYS C 333 10.91 45.30 -10.39
C LYS C 333 9.76 44.42 -10.91
N LEU C 334 8.82 44.07 -10.03
CA LEU C 334 7.64 43.27 -10.46
C LEU C 334 6.83 43.92 -11.59
N LYS C 335 6.68 45.24 -11.49
CA LYS C 335 6.06 46.04 -12.56
C LYS C 335 6.64 45.73 -13.95
N GLU C 336 7.90 45.27 -14.02
CA GLU C 336 8.50 44.99 -15.34
C GLU C 336 8.34 43.56 -15.84
N LEU C 337 7.78 42.68 -15.00
CA LEU C 337 7.71 41.24 -15.32
C LEU C 337 6.91 40.88 -16.55
N SER C 338 5.64 41.30 -16.63
CA SER C 338 4.86 40.92 -17.83
C SER C 338 5.51 41.41 -19.12
N ARG C 339 6.13 42.58 -19.08
CA ARG C 339 6.78 43.12 -20.25
C ARG C 339 8.01 42.29 -20.67
N ARG C 340 8.75 41.77 -19.70
CA ARG C 340 9.91 40.92 -19.98
C ARG C 340 9.59 39.42 -20.12
N THR C 341 8.31 39.07 -20.01
CA THR C 341 7.88 37.67 -20.08
C THR C 341 7.67 37.18 -21.52
N THR C 342 8.34 36.08 -21.87
CA THR C 342 8.03 35.36 -23.08
C THR C 342 7.75 33.93 -22.66
N PHE C 343 6.52 33.49 -22.94
CA PHE C 343 6.12 32.13 -22.67
C PHE C 343 6.58 31.17 -23.78
N ILE C 344 7.15 30.06 -23.32
CA ILE C 344 7.44 28.89 -24.11
C ILE C 344 6.45 27.78 -23.75
N ARG C 345 5.76 27.29 -24.77
CA ARG C 345 4.85 26.17 -24.70
C ARG C 345 5.59 24.83 -24.49
N VAL C 346 5.15 24.07 -23.47
CA VAL C 346 5.74 22.76 -23.18
C VAL C 346 4.70 21.60 -23.19
N SER D 19 8.98 22.45 -29.28
CA SER D 19 9.18 22.38 -27.79
C SER D 19 9.37 20.95 -27.34
N LEU D 20 10.53 20.39 -27.66
CA LEU D 20 10.74 18.97 -27.49
C LEU D 20 11.55 18.66 -26.24
N ASP D 21 11.11 17.64 -25.52
CA ASP D 21 11.94 16.99 -24.51
C ASP D 21 12.36 15.65 -25.09
N PHE D 22 13.33 15.03 -24.43
CA PHE D 22 13.80 13.69 -24.80
C PHE D 22 12.67 12.66 -24.97
N LYS D 23 11.65 12.72 -24.12
CA LYS D 23 10.54 11.76 -24.17
C LYS D 23 9.70 11.95 -25.45
N ASP D 24 9.86 13.08 -26.13
CA ASP D 24 8.97 13.39 -27.27
C ASP D 24 9.43 12.77 -28.59
N VAL D 25 10.59 12.12 -28.60
CA VAL D 25 11.16 11.64 -29.86
C VAL D 25 11.79 10.28 -29.72
N LEU D 26 11.94 9.63 -30.87
CA LEU D 26 12.75 8.42 -31.06
C LEU D 26 13.67 8.72 -32.23
N LEU D 27 14.82 8.04 -32.32
CA LEU D 27 15.66 8.02 -33.53
C LEU D 27 15.20 6.92 -34.51
N ARG D 28 15.12 7.30 -35.78
CA ARG D 28 14.80 6.39 -36.87
C ARG D 28 16.01 5.54 -37.25
N PRO D 29 15.83 4.22 -37.34
CA PRO D 29 16.95 3.45 -37.82
C PRO D 29 17.17 3.73 -39.30
N LYS D 30 18.37 3.41 -39.78
CA LYS D 30 18.77 3.67 -41.16
C LYS D 30 19.70 2.60 -41.64
N ARG D 31 19.71 2.40 -42.96
CA ARG D 31 20.52 1.37 -43.59
C ARG D 31 22.00 1.64 -43.32
N SER D 32 22.73 0.58 -43.03
CA SER D 32 24.10 0.71 -42.59
C SER D 32 24.94 -0.34 -43.26
N THR D 33 26.27 -0.10 -43.23
CA THR D 33 27.27 -1.00 -43.75
C THR D 33 28.45 -1.01 -42.80
N LEU D 34 28.24 -1.44 -41.56
CA LEU D 34 29.27 -1.33 -40.52
C LEU D 34 30.25 -2.52 -40.51
N GLU D 39 33.41 -2.70 -33.78
CA GLU D 39 33.00 -1.93 -32.60
C GLU D 39 32.98 -0.41 -32.89
N VAL D 40 31.85 0.21 -32.56
CA VAL D 40 31.65 1.63 -32.75
C VAL D 40 32.62 2.42 -31.85
N ASP D 41 33.22 3.44 -32.45
CA ASP D 41 34.14 4.32 -31.76
C ASP D 41 33.35 5.45 -31.09
N LEU D 42 33.32 5.46 -29.76
CA LEU D 42 32.63 6.54 -28.99
C LEU D 42 33.53 7.72 -28.63
N THR D 43 34.78 7.67 -29.09
CA THR D 43 35.72 8.77 -28.92
C THR D 43 35.37 9.94 -29.85
N ARG D 44 35.61 11.14 -29.35
CA ARG D 44 35.59 12.33 -30.17
C ARG D 44 36.91 13.08 -30.02
N SER D 45 37.28 13.80 -31.08
CA SER D 45 38.38 14.77 -31.07
C SER D 45 37.84 16.16 -31.29
N PHE D 46 38.16 17.08 -30.39
CA PHE D 46 37.71 18.46 -30.51
C PHE D 46 38.91 19.42 -30.46
N SER D 47 38.79 20.54 -31.17
CA SER D 47 39.75 21.67 -30.99
C SER D 47 39.00 22.87 -30.50
N PHE D 48 39.43 23.42 -29.39
CA PHE D 48 38.62 24.42 -28.72
C PHE D 48 38.83 25.84 -29.29
N ARG D 49 37.75 26.59 -29.41
CA ARG D 49 37.78 27.83 -30.15
C ARG D 49 38.73 28.86 -29.54
N ASN D 50 38.73 28.97 -28.22
CA ASN D 50 39.41 30.07 -27.57
C ASN D 50 40.70 29.64 -26.87
N SER D 51 40.67 28.49 -26.19
CA SER D 51 41.84 28.00 -25.47
C SER D 51 42.85 27.42 -26.44
N LYS D 52 42.37 27.10 -27.63
CA LYS D 52 43.16 26.47 -28.68
C LYS D 52 43.69 25.07 -28.31
N GLN D 53 43.14 24.46 -27.26
CA GLN D 53 43.57 23.12 -26.85
C GLN D 53 42.72 22.11 -27.56
N THR D 54 43.16 20.87 -27.46
CA THR D 54 42.58 19.76 -28.15
C THR D 54 42.15 18.70 -27.14
N TYR D 55 41.11 17.96 -27.50
CA TYR D 55 40.51 16.92 -26.66
C TYR D 55 40.37 15.66 -27.46
N SER D 56 40.69 14.54 -26.84
CA SER D 56 40.29 13.23 -27.34
C SER D 56 39.68 12.44 -26.17
N GLY D 57 38.46 11.92 -26.32
CA GLY D 57 37.87 11.14 -25.23
C GLY D 57 36.43 10.79 -25.52
N VAL D 58 35.82 10.05 -24.59
CA VAL D 58 34.36 9.82 -24.62
C VAL D 58 33.71 10.99 -23.91
N PRO D 59 32.92 11.79 -24.64
CA PRO D 59 32.47 13.06 -24.12
C PRO D 59 31.19 13.02 -23.26
N ILE D 60 31.24 12.15 -22.25
CA ILE D 60 30.24 12.13 -21.22
C ILE D 60 30.96 12.58 -19.98
N ILE D 61 30.31 13.51 -19.31
CA ILE D 61 30.83 14.20 -18.16
C ILE D 61 30.00 13.94 -16.91
N ALA D 62 30.68 13.58 -15.82
CA ALA D 62 30.10 13.57 -14.49
C ALA D 62 29.94 14.99 -13.99
N ALA D 63 28.73 15.31 -13.54
CA ALA D 63 28.38 16.65 -13.10
C ALA D 63 29.14 17.02 -11.84
N ASN D 64 29.37 18.32 -11.71
CA ASN D 64 30.09 18.92 -10.59
C ASN D 64 29.24 19.04 -9.30
N MET D 65 28.28 18.14 -9.13
CA MET D 65 27.50 18.08 -7.92
C MET D 65 28.39 17.43 -6.87
N ASP D 66 28.24 17.83 -5.61
CA ASP D 66 29.04 17.22 -4.54
C ASP D 66 28.82 15.70 -4.35
N THR D 67 27.74 15.15 -4.91
CA THR D 67 27.49 13.72 -4.82
C THR D 67 27.91 12.94 -6.05
N VAL D 68 28.35 13.64 -7.09
CA VAL D 68 28.67 13.00 -8.36
C VAL D 68 30.11 13.25 -8.84
N GLY D 69 30.54 14.52 -8.84
CA GLY D 69 31.87 14.88 -9.31
C GLY D 69 32.95 14.64 -8.25
N THR D 70 33.08 13.39 -7.82
CA THR D 70 33.99 13.00 -6.77
C THR D 70 35.31 12.42 -7.36
N PHE D 71 36.34 12.40 -6.53
CA PHE D 71 37.64 11.79 -6.92
C PHE D 71 37.48 10.30 -7.19
N GLU D 72 36.71 9.61 -6.37
CA GLU D 72 36.40 8.21 -6.59
C GLU D 72 35.67 7.96 -7.92
N MET D 73 34.78 8.89 -8.29
CA MET D 73 34.08 8.83 -9.56
C MET D 73 35.09 8.98 -10.69
N ALA D 74 35.99 9.96 -10.57
CA ALA D 74 36.99 10.24 -11.60
C ALA D 74 37.90 9.05 -11.87
N LYS D 75 38.31 8.34 -10.82
CA LYS D 75 39.19 7.18 -11.00
C LYS D 75 38.57 6.10 -11.83
N VAL D 76 37.26 5.89 -11.70
CA VAL D 76 36.62 4.85 -12.52
C VAL D 76 36.40 5.39 -13.91
N LEU D 77 35.89 6.60 -14.02
CA LEU D 77 35.52 7.14 -15.32
C LEU D 77 36.71 7.27 -16.30
N CYS D 78 37.85 7.71 -15.78
CA CYS D 78 39.15 7.67 -16.50
C CYS D 78 39.44 6.38 -17.22
N LYS D 79 39.11 5.26 -16.60
CA LYS D 79 39.42 3.95 -17.22
C LYS D 79 38.58 3.73 -18.50
N PHE D 80 37.46 4.44 -18.64
CA PHE D 80 36.61 4.37 -19.85
C PHE D 80 36.80 5.65 -20.74
N SER D 81 37.75 6.50 -20.34
CA SER D 81 38.02 7.80 -21.00
C SER D 81 36.85 8.80 -20.88
N LEU D 82 36.09 8.69 -19.79
CA LEU D 82 35.02 9.64 -19.56
C LEU D 82 35.57 10.77 -18.73
N PHE D 83 34.82 11.85 -18.66
CA PHE D 83 35.26 13.11 -18.05
C PHE D 83 34.57 13.37 -16.70
N THR D 84 35.26 14.08 -15.81
CA THR D 84 34.71 14.43 -14.54
C THR D 84 34.90 15.91 -14.27
N ALA D 85 33.78 16.60 -14.06
CA ALA D 85 33.80 17.96 -13.54
C ALA D 85 33.77 17.85 -12.04
N VAL D 86 34.91 18.08 -11.40
CA VAL D 86 35.03 17.89 -9.96
C VAL D 86 34.23 18.94 -9.17
N HIS D 87 33.57 18.51 -8.09
CA HIS D 87 32.79 19.46 -7.32
C HIS D 87 33.71 20.47 -6.60
N LYS D 88 33.09 21.52 -6.06
CA LYS D 88 33.88 22.65 -5.61
C LYS D 88 34.13 22.68 -4.12
N HIS D 89 34.06 21.52 -3.49
CA HIS D 89 34.08 21.45 -2.02
C HIS D 89 35.18 20.53 -1.52
N TYR D 90 36.25 20.41 -2.29
CA TYR D 90 37.45 19.79 -1.80
C TYR D 90 38.45 20.89 -1.41
N SER D 91 39.20 20.66 -0.33
CA SER D 91 40.35 21.51 0.02
C SER D 91 41.48 21.33 -1.00
N LEU D 92 42.44 22.25 -1.02
CA LEU D 92 43.62 22.11 -1.88
C LEU D 92 44.45 20.91 -1.48
N VAL D 93 44.56 20.66 -0.18
CA VAL D 93 45.29 19.49 0.32
C VAL D 93 44.65 18.20 -0.24
N GLN D 94 43.32 18.15 -0.29
CA GLN D 94 42.63 16.97 -0.84
C GLN D 94 42.96 16.79 -2.31
N TRP D 95 42.96 17.89 -3.06
CA TRP D 95 43.34 17.87 -4.47
C TRP D 95 44.78 17.40 -4.67
N GLN D 96 45.70 17.99 -3.91
CA GLN D 96 47.12 17.63 -3.99
C GLN D 96 47.31 16.14 -3.74
N GLU D 97 46.63 15.60 -2.73
CA GLU D 97 46.71 14.16 -2.45
C GLU D 97 46.15 13.27 -3.57
N PHE D 98 45.00 13.64 -4.12
CA PHE D 98 44.44 12.89 -5.23
C PHE D 98 45.36 12.93 -6.46
N ALA D 99 45.90 14.09 -6.79
CA ALA D 99 46.81 14.24 -7.91
C ALA D 99 48.09 13.42 -7.70
N GLY D 100 48.65 13.50 -6.51
CA GLY D 100 49.86 12.76 -6.18
C GLY D 100 49.67 11.27 -6.39
N GLN D 101 48.57 10.74 -5.86
CA GLN D 101 48.22 9.33 -5.96
C GLN D 101 47.64 8.87 -7.30
N ASN D 102 47.16 9.80 -8.12
CA ASN D 102 46.39 9.47 -9.33
C ASN D 102 46.79 10.36 -10.50
N PRO D 103 48.09 10.34 -10.88
CA PRO D 103 48.62 11.24 -11.95
C PRO D 103 48.01 10.97 -13.33
N ASP D 104 47.60 9.74 -13.57
CA ASP D 104 46.99 9.38 -14.83
C ASP D 104 45.51 9.77 -14.91
N CYS D 105 44.91 10.27 -13.82
CA CYS D 105 43.48 10.65 -13.86
C CYS D 105 43.23 12.12 -14.01
N LEU D 106 44.16 12.89 -14.56
CA LEU D 106 44.08 14.35 -14.51
C LEU D 106 43.79 15.03 -15.85
N GLU D 107 43.83 14.28 -16.94
CA GLU D 107 43.70 14.90 -18.25
C GLU D 107 42.24 15.15 -18.65
N HIS D 108 41.31 14.37 -18.12
CA HIS D 108 39.88 14.67 -18.32
C HIS D 108 39.19 15.02 -16.98
N LEU D 109 39.67 16.09 -16.39
CA LEU D 109 39.20 16.60 -15.13
C LEU D 109 39.04 18.08 -15.30
N ALA D 110 37.96 18.66 -14.78
CA ALA D 110 37.85 20.09 -14.67
C ALA D 110 37.77 20.47 -13.20
N ALA D 111 38.37 21.62 -12.88
CA ALA D 111 38.18 22.28 -11.58
C ALA D 111 37.01 23.23 -11.75
N SER D 112 36.11 23.25 -10.77
CA SER D 112 34.83 23.95 -10.89
C SER D 112 34.79 25.19 -10.03
N SER D 113 33.98 26.16 -10.45
CA SER D 113 33.88 27.40 -9.69
C SER D 113 32.55 28.06 -9.94
N GLY D 114 32.00 28.68 -8.90
CA GLY D 114 30.94 29.66 -9.04
C GLY D 114 31.51 31.05 -9.20
N THR D 115 30.67 32.07 -9.09
CA THR D 115 31.12 33.44 -9.26
C THR D 115 31.50 33.98 -7.91
N GLY D 116 32.22 35.10 -7.92
CA GLY D 116 32.66 35.72 -6.67
C GLY D 116 34.09 35.38 -6.24
N SER D 117 34.61 36.27 -5.38
CA SER D 117 36.00 36.37 -4.97
C SER D 117 36.57 35.06 -4.42
N SER D 118 35.83 34.45 -3.47
CA SER D 118 36.31 33.27 -2.74
C SER D 118 36.40 32.09 -3.67
N ASP D 119 35.39 31.91 -4.52
CA ASP D 119 35.41 30.82 -5.53
C ASP D 119 36.57 31.00 -6.54
N PHE D 120 36.75 32.21 -7.05
CA PHE D 120 37.87 32.47 -7.96
C PHE D 120 39.23 32.14 -7.32
N GLU D 121 39.39 32.57 -6.07
CA GLU D 121 40.65 32.39 -5.33
C GLU D 121 40.95 30.90 -5.16
N GLN D 122 39.93 30.14 -4.71
CA GLN D 122 40.02 28.68 -4.60
C GLN D 122 40.47 28.05 -5.90
N LEU D 123 39.82 28.46 -6.98
CA LEU D 123 40.09 27.89 -8.30
C LEU D 123 41.57 28.07 -8.66
N GLU D 124 42.03 29.31 -8.61
CA GLU D 124 43.44 29.67 -8.86
C GLU D 124 44.45 28.84 -8.11
N GLN D 125 44.22 28.66 -6.82
CA GLN D 125 45.08 27.84 -5.98
C GLN D 125 45.18 26.42 -6.47
N ILE D 126 44.05 25.84 -6.86
CA ILE D 126 44.03 24.49 -7.39
C ILE D 126 44.78 24.43 -8.70
N LEU D 127 44.46 25.35 -9.60
CA LEU D 127 45.08 25.34 -10.92
C LEU D 127 46.60 25.53 -10.82
N GLU D 128 47.02 26.40 -9.90
CA GLU D 128 48.44 26.68 -9.64
C GLU D 128 49.15 25.45 -9.08
N ALA D 129 48.58 24.87 -8.03
CA ALA D 129 49.14 23.68 -7.41
C ALA D 129 49.21 22.46 -8.30
N ILE D 130 48.21 22.30 -9.17
CA ILE D 130 48.02 21.11 -9.99
C ILE D 130 47.91 21.53 -11.45
N PRO D 131 49.07 21.77 -12.11
CA PRO D 131 49.15 22.24 -13.52
C PRO D 131 48.62 21.28 -14.56
N GLN D 132 48.48 20.00 -14.21
CA GLN D 132 47.92 18.99 -15.11
C GLN D 132 46.43 19.23 -15.37
N VAL D 133 45.76 19.97 -14.48
CA VAL D 133 44.35 20.32 -14.65
C VAL D 133 44.23 21.44 -15.68
N LYS D 134 43.69 21.10 -16.85
CA LYS D 134 43.62 22.00 -17.97
C LYS D 134 42.18 22.48 -18.30
N TYR D 135 41.20 22.13 -17.45
CA TYR D 135 39.82 22.41 -17.70
C TYR D 135 39.18 23.12 -16.51
N ILE D 136 38.36 24.11 -16.82
CA ILE D 136 37.69 24.93 -15.83
C ILE D 136 36.18 24.82 -16.11
N CYS D 137 35.41 24.49 -15.06
CA CYS D 137 33.96 24.45 -15.17
C CYS D 137 33.34 25.59 -14.36
N LEU D 138 32.85 26.59 -15.09
CA LEU D 138 32.16 27.77 -14.51
C LEU D 138 30.65 27.60 -14.63
N ASP D 139 29.99 27.59 -13.48
CA ASP D 139 28.67 27.01 -13.35
C ASP D 139 27.90 27.95 -12.41
N VAL D 140 26.81 28.52 -12.94
CA VAL D 140 25.83 29.26 -12.17
C VAL D 140 24.47 28.85 -12.67
N ALA D 141 23.45 29.10 -11.86
CA ALA D 141 22.07 28.80 -12.25
C ALA D 141 21.64 29.66 -13.45
N ASN D 142 22.06 30.92 -13.42
CA ASN D 142 21.66 31.88 -14.44
C ASN D 142 22.86 32.47 -15.17
N GLY D 143 23.18 31.87 -16.32
CA GLY D 143 24.31 32.29 -17.13
C GLY D 143 24.01 33.50 -18.00
N TYR D 144 22.80 34.06 -17.85
CA TYR D 144 22.33 35.23 -18.60
C TYR D 144 22.67 36.59 -17.99
N SER D 145 23.29 36.61 -16.81
CA SER D 145 23.62 37.88 -16.17
C SER D 145 24.95 38.46 -16.68
N GLU D 146 24.98 39.78 -16.67
CA GLU D 146 26.19 40.53 -16.97
C GLU D 146 27.30 40.10 -16.04
N HIS D 147 26.96 39.94 -14.77
CA HIS D 147 27.93 39.58 -13.77
C HIS D 147 28.64 38.28 -14.18
N PHE D 148 27.89 37.34 -14.76
CA PHE D 148 28.48 36.05 -15.14
C PHE D 148 29.38 36.22 -16.35
N VAL D 149 28.89 36.91 -17.37
CA VAL D 149 29.69 37.24 -18.56
C VAL D 149 31.09 37.82 -18.16
N GLU D 150 31.08 38.82 -17.28
CA GLU D 150 32.33 39.48 -16.85
C GLU D 150 33.25 38.53 -16.11
N PHE D 151 32.66 37.59 -15.35
CA PHE D 151 33.45 36.57 -14.65
C PHE D 151 34.11 35.62 -15.66
N VAL D 152 33.36 35.23 -16.70
CA VAL D 152 33.92 34.40 -17.76
C VAL D 152 35.13 35.13 -18.37
N LYS D 153 34.96 36.42 -18.67
CA LYS D 153 36.06 37.26 -19.19
C LYS D 153 37.30 37.24 -18.29
N ASP D 154 37.13 37.42 -16.98
CA ASP D 154 38.26 37.40 -16.04
C ASP D 154 38.97 36.09 -16.03
N VAL D 155 38.20 35.00 -15.97
CA VAL D 155 38.80 33.67 -15.94
C VAL D 155 39.61 33.42 -17.21
N ARG D 156 39.04 33.75 -18.35
CA ARG D 156 39.71 33.60 -19.65
C ARG D 156 41.07 34.32 -19.71
N LYS D 157 41.05 35.58 -19.27
CA LYS D 157 42.24 36.42 -19.24
C LYS D 157 43.29 35.88 -18.29
N ARG D 158 42.87 35.36 -17.14
N ARG D 158 42.85 35.33 -17.15
CA ARG D 158 43.81 34.79 -16.19
CA ARG D 158 43.76 34.78 -16.13
C ARG D 158 44.37 33.45 -16.68
C ARG D 158 44.29 33.39 -16.50
N PHE D 159 43.53 32.63 -17.31
CA PHE D 159 43.95 31.28 -17.72
C PHE D 159 43.76 31.06 -19.21
N PRO D 160 44.63 31.67 -20.03
CA PRO D 160 44.32 31.72 -21.47
C PRO D 160 44.55 30.41 -22.20
N GLN D 161 45.25 29.47 -21.58
CA GLN D 161 45.43 28.14 -22.16
C GLN D 161 44.50 27.07 -21.55
N HIS D 162 43.74 27.44 -20.52
CA HIS D 162 42.76 26.51 -19.95
C HIS D 162 41.51 26.52 -20.82
N THR D 163 40.97 25.35 -21.08
CA THR D 163 39.64 25.25 -21.72
C THR D 163 38.50 25.53 -20.68
N ILE D 164 37.57 26.40 -21.07
CA ILE D 164 36.54 26.88 -20.17
C ILE D 164 35.17 26.32 -20.57
N MET D 165 34.56 25.59 -19.63
CA MET D 165 33.11 25.24 -19.64
C MET D 165 32.36 26.27 -18.84
N ALA D 166 31.33 26.86 -19.44
CA ALA D 166 30.57 27.88 -18.77
C ALA D 166 29.07 27.74 -19.05
N GLY D 167 28.27 27.95 -18.01
CA GLY D 167 26.81 27.81 -18.09
C GLY D 167 26.12 28.20 -16.79
N ASN D 168 24.79 28.17 -16.76
CA ASN D 168 23.92 27.55 -17.76
C ASN D 168 23.01 28.48 -18.47
N VAL D 169 22.72 28.12 -19.72
CA VAL D 169 21.82 28.86 -20.60
C VAL D 169 21.04 27.85 -21.44
N VAL D 170 20.02 28.31 -22.13
CA VAL D 170 19.17 27.48 -22.98
C VAL D 170 18.89 28.03 -24.38
N THR D 171 19.37 29.26 -24.66
CA THR D 171 19.10 29.95 -25.96
C THR D 171 20.37 30.43 -26.69
N GLY D 172 20.25 30.58 -28.00
CA GLY D 172 21.38 30.83 -28.88
C GLY D 172 22.12 32.15 -28.70
N GLU D 173 21.39 33.23 -28.41
CA GLU D 173 22.05 34.55 -28.25
C GLU D 173 23.03 34.49 -27.10
N MET D 174 22.67 33.74 -26.04
CA MET D 174 23.52 33.74 -24.86
C MET D 174 24.73 32.85 -25.07
N VAL D 175 24.55 31.76 -25.80
CA VAL D 175 25.67 30.86 -26.15
C VAL D 175 26.77 31.68 -26.89
N GLU D 176 26.30 32.43 -27.87
CA GLU D 176 27.18 33.26 -28.70
C GLU D 176 27.95 34.27 -27.87
N GLU D 177 27.25 34.98 -27.00
CA GLU D 177 27.91 35.97 -26.18
C GLU D 177 28.92 35.32 -25.24
N LEU D 178 28.57 34.16 -24.66
CA LEU D 178 29.51 33.50 -23.75
C LEU D 178 30.76 33.01 -24.50
N ILE D 179 30.58 32.50 -25.71
CA ILE D 179 31.72 32.04 -26.50
C ILE D 179 32.61 33.24 -26.89
N LEU D 180 31.98 34.31 -27.35
CA LEU D 180 32.73 35.54 -27.67
C LEU D 180 33.34 36.16 -26.41
N SER D 181 32.74 35.93 -25.25
CA SER D 181 33.36 36.44 -24.01
C SER D 181 34.53 35.57 -23.53
N GLY D 182 34.74 34.44 -24.17
CA GLY D 182 35.92 33.64 -23.92
C GLY D 182 35.67 32.20 -23.48
N ALA D 183 34.41 31.80 -23.30
CA ALA D 183 34.10 30.40 -22.94
C ALA D 183 34.28 29.50 -24.17
N ASP D 184 34.84 28.32 -23.96
CA ASP D 184 34.97 27.29 -25.00
C ASP D 184 33.73 26.40 -25.21
N ILE D 185 33.15 25.95 -24.10
CA ILE D 185 32.08 24.96 -24.15
C ILE D 185 30.94 25.52 -23.32
N ILE D 186 29.76 25.62 -23.90
CA ILE D 186 28.64 26.19 -23.18
C ILE D 186 27.77 25.04 -22.64
N LYS D 187 27.49 25.13 -21.35
CA LYS D 187 26.70 24.18 -20.61
C LYS D 187 25.23 24.58 -20.77
N VAL D 188 24.46 23.68 -21.38
CA VAL D 188 23.05 23.96 -21.75
C VAL D 188 22.02 23.22 -20.87
N GLY D 189 21.11 23.98 -20.28
CA GLY D 189 19.98 23.46 -19.55
C GLY D 189 19.61 24.32 -18.38
N ILE D 190 18.34 24.72 -18.33
CA ILE D 190 17.81 25.38 -17.16
C ILE D 190 16.50 24.70 -16.75
N GLY D 191 16.55 24.06 -15.59
CA GLY D 191 15.41 23.34 -15.06
C GLY D 191 15.17 21.88 -15.38
N PRO D 192 15.95 21.25 -16.29
CA PRO D 192 15.70 19.83 -16.58
C PRO D 192 16.21 18.80 -15.57
N GLY D 193 17.12 19.18 -14.68
CA GLY D 193 17.73 18.25 -13.73
C GLY D 193 16.81 17.44 -12.83
N SER D 194 17.15 16.17 -12.62
CA SER D 194 16.32 15.26 -11.79
C SER D 194 16.05 15.77 -10.35
N VAL D 195 16.95 16.55 -9.77
CA VAL D 195 16.68 17.13 -8.45
C VAL D 195 16.63 18.67 -8.48
N CYS D 196 16.30 19.21 -9.64
CA CYS D 196 16.10 20.64 -9.80
C CYS D 196 14.63 21.00 -9.51
N THR D 197 14.39 22.15 -8.87
CA THR D 197 13.01 22.65 -8.67
C THR D 197 12.80 24.07 -9.22
N THR D 198 13.76 24.55 -10.01
CA THR D 198 13.64 25.86 -10.68
C THR D 198 12.28 26.10 -11.34
N ARG D 199 11.85 25.13 -12.11
CA ARG D 199 10.59 25.21 -12.82
C ARG D 199 9.36 25.42 -11.92
N LYS D 200 9.24 24.65 -10.83
CA LYS D 200 8.18 24.88 -9.84
C LYS D 200 8.37 26.15 -9.01
N LYS D 201 9.61 26.49 -8.69
CA LYS D 201 9.87 27.65 -7.87
C LYS D 201 9.71 28.96 -8.61
N THR D 202 10.09 28.99 -9.89
CA THR D 202 10.19 30.23 -10.69
C THR D 202 9.43 30.28 -12.00
N GLY D 203 9.00 29.12 -12.50
CA GLY D 203 8.31 29.00 -13.79
C GLY D 203 9.25 29.08 -14.97
N VAL D 204 10.55 29.17 -14.70
CA VAL D 204 11.53 29.44 -15.75
C VAL D 204 12.14 28.14 -16.26
N GLY D 205 12.31 28.08 -17.57
CA GLY D 205 13.04 26.99 -18.16
C GLY D 205 12.80 26.86 -19.64
N TYR D 206 13.12 25.68 -20.17
CA TYR D 206 13.15 25.48 -21.59
C TYR D 206 13.25 23.99 -21.83
N PRO D 207 12.41 23.44 -22.69
CA PRO D 207 12.54 21.99 -22.97
C PRO D 207 13.92 21.60 -23.51
N GLN D 208 14.50 20.56 -22.93
CA GLN D 208 15.94 20.29 -23.06
C GLN D 208 16.39 19.94 -24.47
N LEU D 209 15.62 19.13 -25.18
CA LEU D 209 16.03 18.72 -26.53
C LEU D 209 16.05 19.92 -27.51
N SER D 210 15.07 20.80 -27.40
CA SER D 210 15.00 22.01 -28.25
C SER D 210 16.09 22.97 -27.87
N ALA D 211 16.35 23.05 -26.57
CA ALA D 211 17.46 23.82 -26.07
C ALA D 211 18.77 23.35 -26.72
N VAL D 212 18.99 22.05 -26.70
CA VAL D 212 20.20 21.45 -27.29
C VAL D 212 20.35 21.77 -28.79
N MET D 213 19.30 21.52 -29.58
CA MET D 213 19.32 21.78 -31.01
C MET D 213 19.68 23.23 -31.28
N GLU D 214 18.91 24.17 -30.72
CA GLU D 214 19.15 25.59 -30.89
C GLU D 214 20.57 25.99 -30.51
N CYS D 215 21.02 25.56 -29.34
CA CYS D 215 22.29 26.03 -28.79
C CYS D 215 23.48 25.43 -29.48
N ALA D 216 23.32 24.21 -29.93
CA ALA D 216 24.37 23.55 -30.66
C ALA D 216 24.64 24.26 -32.00
N ASP D 217 23.57 24.65 -32.68
CA ASP D 217 23.69 25.41 -33.94
C ASP D 217 24.35 26.74 -33.71
N ALA D 218 23.99 27.41 -32.63
CA ALA D 218 24.60 28.67 -32.29
C ALA D 218 26.12 28.47 -31.99
N ALA D 219 26.43 27.54 -31.10
CA ALA D 219 27.81 27.27 -30.76
C ALA D 219 28.63 26.88 -32.01
N HIS D 220 28.04 26.05 -32.86
CA HIS D 220 28.82 25.42 -33.91
C HIS D 220 29.07 26.41 -35.03
N GLY D 221 28.21 27.42 -35.16
CA GLY D 221 28.43 28.51 -36.08
C GLY D 221 29.68 29.30 -35.75
N LEU D 222 30.04 29.35 -34.47
CA LEU D 222 31.26 30.02 -34.01
C LEU D 222 32.41 29.06 -33.80
N LYS D 223 32.25 27.85 -34.30
CA LYS D 223 33.19 26.75 -33.99
C LYS D 223 33.41 26.52 -32.48
N GLY D 224 32.35 26.78 -31.70
CA GLY D 224 32.31 26.45 -30.28
C GLY D 224 31.67 25.07 -30.05
N HIS D 225 31.43 24.75 -28.77
CA HIS D 225 30.90 23.44 -28.37
C HIS D 225 29.88 23.60 -27.25
N ILE D 226 29.01 22.60 -27.08
CA ILE D 226 28.07 22.58 -25.95
C ILE D 226 28.08 21.26 -25.17
N ILE D 227 27.65 21.40 -23.92
CA ILE D 227 27.32 20.29 -23.05
C ILE D 227 25.79 20.32 -22.85
N SER D 228 25.15 19.22 -23.18
CA SER D 228 23.77 18.99 -22.76
C SER D 228 23.77 18.64 -21.26
N ASP D 229 23.32 19.57 -20.41
CA ASP D 229 23.44 19.38 -18.96
C ASP D 229 22.09 19.18 -18.29
N GLY D 230 21.80 17.94 -17.89
CA GLY D 230 20.56 17.66 -17.17
C GLY D 230 19.53 16.87 -17.96
N GLY D 231 18.68 16.15 -17.23
CA GLY D 231 17.50 15.57 -17.79
C GLY D 231 17.62 14.21 -18.42
N CYS D 232 18.81 13.61 -18.44
CA CYS D 232 18.95 12.25 -18.98
C CYS D 232 18.69 11.27 -17.86
N SER D 233 17.80 10.32 -18.06
CA SER D 233 17.57 9.29 -17.04
C SER D 233 17.75 7.88 -17.58
N CYS D 234 18.20 7.76 -18.85
CA CYS D 234 18.46 6.45 -19.44
C CYS D 234 19.43 6.64 -20.59
N PRO D 235 20.10 5.57 -21.01
CA PRO D 235 21.06 5.72 -22.09
C PRO D 235 20.48 6.28 -23.38
N GLY D 236 19.20 6.00 -23.66
CA GLY D 236 18.49 6.54 -24.80
C GLY D 236 18.44 8.05 -24.79
N ASP D 237 18.24 8.63 -23.62
CA ASP D 237 18.28 10.07 -23.47
C ASP D 237 19.66 10.63 -23.85
N VAL D 238 20.72 9.93 -23.44
CA VAL D 238 22.06 10.40 -23.73
C VAL D 238 22.29 10.43 -25.23
N ALA D 239 21.89 9.34 -25.88
CA ALA D 239 21.88 9.19 -27.31
C ALA D 239 21.14 10.31 -28.04
N LYS D 240 19.94 10.67 -27.56
CA LYS D 240 19.17 11.72 -28.19
C LYS D 240 19.90 13.05 -28.12
N ALA D 241 20.52 13.31 -26.96
CA ALA D 241 21.24 14.54 -26.72
C ALA D 241 22.38 14.69 -27.73
N PHE D 242 23.20 13.66 -27.90
CA PHE D 242 24.22 13.65 -28.94
C PHE D 242 23.65 13.77 -30.36
N GLY D 243 22.55 13.08 -30.61
CA GLY D 243 21.91 13.08 -31.90
C GLY D 243 21.39 14.44 -32.29
N ALA D 244 20.97 15.23 -31.29
CA ALA D 244 20.58 16.60 -31.47
C ALA D 244 21.76 17.58 -31.59
N GLY D 245 22.98 17.09 -31.49
CA GLY D 245 24.15 17.89 -31.79
C GLY D 245 24.99 18.29 -30.58
N ALA D 246 24.67 17.77 -29.39
CA ALA D 246 25.44 18.07 -28.19
C ALA D 246 26.81 17.44 -28.33
N ASP D 247 27.85 18.21 -28.11
CA ASP D 247 29.25 17.70 -28.17
C ASP D 247 29.57 16.81 -26.96
N PHE D 248 29.04 17.23 -25.80
CA PHE D 248 29.18 16.51 -24.53
C PHE D 248 27.80 16.35 -23.91
N VAL D 249 27.67 15.33 -23.06
CA VAL D 249 26.50 15.17 -22.18
C VAL D 249 26.95 15.05 -20.74
N MET D 250 26.39 15.91 -19.88
CA MET D 250 26.65 15.90 -18.46
C MET D 250 25.50 15.19 -17.72
N LEU D 251 25.91 14.25 -16.87
CA LEU D 251 25.01 13.41 -16.05
C LEU D 251 25.19 13.62 -14.55
N GLY D 252 24.10 13.94 -13.84
CA GLY D 252 24.08 13.84 -12.37
C GLY D 252 23.37 12.57 -11.86
N GLY D 253 22.04 12.57 -11.91
CA GLY D 253 21.21 11.48 -11.38
C GLY D 253 21.57 10.09 -11.85
N MET D 254 21.91 9.93 -13.13
CA MET D 254 22.33 8.61 -13.58
C MET D 254 23.62 8.11 -12.90
N LEU D 255 24.44 8.99 -12.34
CA LEU D 255 25.67 8.56 -11.69
C LEU D 255 25.62 8.62 -10.16
N ALA D 256 24.57 9.22 -9.62
CA ALA D 256 24.31 9.25 -8.19
C ALA D 256 23.93 7.84 -7.75
N GLY D 257 24.11 7.54 -6.47
CA GLY D 257 23.66 6.27 -5.90
C GLY D 257 24.62 5.10 -5.98
N HIS D 258 25.81 5.33 -6.52
CA HIS D 258 26.83 4.29 -6.65
C HIS D 258 27.81 4.33 -5.46
N SER D 259 28.64 3.30 -5.36
CA SER D 259 29.77 3.28 -4.41
C SER D 259 30.65 4.51 -4.48
N GLU D 260 30.96 4.95 -5.69
CA GLU D 260 31.88 6.06 -5.93
C GLU D 260 31.22 7.43 -5.78
N SER D 261 29.88 7.46 -5.73
CA SER D 261 29.11 8.65 -5.47
C SER D 261 29.29 9.12 -4.03
N GLY D 262 29.16 10.42 -3.82
CA GLY D 262 28.99 10.95 -2.49
C GLY D 262 27.52 10.83 -2.10
N GLY D 263 27.17 11.45 -0.99
CA GLY D 263 25.85 11.21 -0.41
C GLY D 263 25.89 10.05 0.55
N GLU D 264 25.31 10.27 1.70
CA GLU D 264 25.38 9.29 2.77
C GLU D 264 24.64 8.03 2.34
N LEU D 265 25.27 6.88 2.62
CA LEU D 265 24.64 5.58 2.52
C LEU D 265 23.70 5.43 3.72
N ILE D 266 22.43 5.16 3.43
CA ILE D 266 21.42 4.99 4.44
C ILE D 266 20.81 3.60 4.32
N GLU D 267 20.96 2.80 5.36
CA GLU D 267 20.33 1.46 5.41
C GLU D 267 19.16 1.53 6.37
N ARG D 268 17.98 1.35 5.81
CA ARG D 268 16.75 1.51 6.55
C ARG D 268 15.66 0.67 5.92
N ASP D 269 14.83 0.10 6.77
CA ASP D 269 13.78 -0.84 6.37
C ASP D 269 14.35 -1.95 5.54
N GLY D 270 15.50 -2.44 5.94
CA GLY D 270 16.22 -3.48 5.19
C GLY D 270 16.64 -3.20 3.74
N LYS D 271 16.72 -1.91 3.35
CA LYS D 271 17.20 -1.52 2.01
C LYS D 271 18.28 -0.48 2.13
N LYS D 272 19.06 -0.32 1.07
CA LYS D 272 20.17 0.64 1.03
C LYS D 272 19.85 1.79 0.06
N TYR D 273 20.16 2.99 0.51
CA TYR D 273 19.83 4.21 -0.22
C TYR D 273 21.01 5.10 -0.08
N LYS D 274 21.16 5.95 -1.08
CA LYS D 274 22.08 7.09 -1.04
C LYS D 274 21.35 8.42 -1.21
N LEU D 275 21.79 9.42 -0.48
CA LEU D 275 21.26 10.75 -0.66
C LEU D 275 21.77 11.34 -1.96
N PHE D 276 20.88 12.04 -2.64
CA PHE D 276 21.21 12.83 -3.83
C PHE D 276 20.38 14.13 -3.74
N TYR D 277 21.00 15.26 -4.02
CA TYR D 277 20.35 16.53 -3.75
C TYR D 277 20.90 17.65 -4.63
N GLY D 278 20.03 18.58 -4.99
CA GLY D 278 20.42 19.75 -5.79
C GLY D 278 21.44 20.63 -5.06
N MET D 279 22.33 21.25 -5.82
CA MET D 279 23.33 22.13 -5.24
C MET D 279 22.71 23.41 -4.69
N SER D 280 21.48 23.73 -5.08
CA SER D 280 20.75 24.82 -4.42
C SER D 280 19.60 24.31 -3.54
N SER D 281 19.67 23.05 -3.12
CA SER D 281 18.71 22.51 -2.17
C SER D 281 19.05 23.06 -0.80
N GLU D 282 18.05 23.11 0.08
CA GLU D 282 18.31 23.48 1.46
C GLU D 282 19.35 22.55 2.07
N MET D 283 19.30 21.26 1.74
CA MET D 283 20.30 20.32 2.24
C MET D 283 21.74 20.77 1.94
N ALA D 284 21.99 21.16 0.68
CA ALA D 284 23.31 21.62 0.24
C ALA D 284 23.69 22.95 0.92
N MET D 285 22.75 23.91 0.89
CA MET D 285 22.98 25.25 1.46
C MET D 285 23.34 25.16 2.96
N LYS D 286 22.58 24.34 3.68
CA LYS D 286 22.84 24.07 5.09
C LYS D 286 24.24 23.44 5.30
N LYS D 287 24.58 22.48 4.44
CA LYS D 287 25.83 21.73 4.55
C LYS D 287 27.03 22.64 4.44
N TYR D 288 26.94 23.64 3.58
CA TYR D 288 28.08 24.49 3.35
C TYR D 288 27.80 25.85 3.99
N ALA D 297 16.56 30.88 -0.40
CA ALA D 297 15.77 30.63 -1.63
C ALA D 297 16.21 29.38 -2.43
N SER D 298 15.60 28.25 -2.15
CA SER D 298 16.03 26.98 -2.79
C SER D 298 15.47 26.72 -4.22
N GLU D 299 16.32 26.20 -5.09
CA GLU D 299 15.85 25.73 -6.38
C GLU D 299 16.31 24.30 -6.62
N GLY D 300 16.44 23.55 -5.53
CA GLY D 300 16.75 22.13 -5.63
C GLY D 300 16.11 21.32 -4.51
N LYS D 301 16.03 20.00 -4.72
CA LYS D 301 15.43 19.09 -3.77
C LYS D 301 16.37 17.91 -3.42
N THR D 302 15.92 17.15 -2.42
CA THR D 302 16.64 16.00 -1.92
C THR D 302 15.86 14.73 -2.22
N VAL D 303 16.55 13.70 -2.68
CA VAL D 303 15.96 12.40 -2.84
C VAL D 303 16.87 11.35 -2.20
N GLU D 304 16.30 10.18 -1.97
CA GLU D 304 17.08 9.01 -1.64
C GLU D 304 16.97 8.02 -2.79
N VAL D 305 18.09 7.65 -3.34
CA VAL D 305 18.20 6.80 -4.52
C VAL D 305 18.53 5.39 -4.04
N PRO D 306 17.77 4.38 -4.44
CA PRO D 306 18.26 3.03 -4.09
C PRO D 306 19.71 2.82 -4.51
N PHE D 307 20.46 2.16 -3.65
CA PHE D 307 21.89 1.97 -3.89
C PHE D 307 22.12 1.14 -5.12
N LYS D 308 23.06 1.56 -5.96
CA LYS D 308 23.28 0.96 -7.30
C LYS D 308 24.54 0.08 -7.41
N GLY D 309 25.38 0.05 -6.39
CA GLY D 309 26.68 -0.65 -6.50
C GLY D 309 27.71 0.16 -7.26
N ASP D 310 28.66 -0.55 -7.87
CA ASP D 310 29.82 0.08 -8.50
C ASP D 310 29.48 0.73 -9.84
N VAL D 311 29.97 1.96 -10.02
CA VAL D 311 29.57 2.75 -11.18
C VAL D 311 30.01 2.14 -12.53
N GLU D 312 31.11 1.38 -12.52
CA GLU D 312 31.56 0.62 -13.69
C GLU D 312 30.47 -0.07 -14.53
N HIS D 313 29.60 -0.82 -13.88
CA HIS D 313 28.51 -1.52 -14.58
C HIS D 313 27.52 -0.56 -15.25
N THR D 314 27.23 0.55 -14.56
CA THR D 314 26.42 1.63 -15.13
C THR D 314 27.08 2.33 -16.35
N ILE D 315 28.38 2.63 -16.24
CA ILE D 315 29.09 3.21 -17.38
C ILE D 315 28.99 2.27 -18.59
N ARG D 316 29.20 0.97 -18.41
CA ARG D 316 29.10 0.01 -19.53
C ARG D 316 27.70 -0.06 -20.15
N ASP D 317 26.67 -0.05 -19.32
CA ASP D 317 25.29 0.01 -19.82
C ASP D 317 25.08 1.27 -20.64
N ILE D 318 25.55 2.40 -20.15
CA ILE D 318 25.41 3.66 -20.90
C ILE D 318 26.11 3.58 -22.28
N LEU D 319 27.38 3.19 -22.29
CA LEU D 319 28.15 3.17 -23.54
C LEU D 319 27.62 2.09 -24.46
N GLY D 320 27.26 0.94 -23.91
CA GLY D 320 26.61 -0.13 -24.68
C GLY D 320 25.33 0.30 -25.41
N GLY D 321 24.51 1.10 -24.74
CA GLY D 321 23.29 1.59 -25.35
C GLY D 321 23.56 2.60 -26.47
N ILE D 322 24.47 3.53 -26.24
CA ILE D 322 24.82 4.53 -27.25
C ILE D 322 25.50 3.89 -28.49
N ARG D 323 26.37 2.90 -28.27
CA ARG D 323 26.96 2.12 -29.37
C ARG D 323 25.88 1.47 -30.23
N SER D 324 24.86 0.91 -29.57
CA SER D 324 23.76 0.31 -30.30
C SER D 324 22.90 1.37 -31.06
N THR D 325 22.66 2.54 -30.48
CA THR D 325 22.11 3.65 -31.24
C THR D 325 22.86 3.93 -32.58
N CYS D 326 24.18 4.10 -32.48
CA CYS D 326 25.06 4.30 -33.63
C CYS D 326 24.89 3.20 -34.66
N THR D 327 24.82 1.96 -34.19
CA THR D 327 24.65 0.80 -35.05
C THR D 327 23.30 0.89 -35.77
N TYR D 328 22.24 1.24 -35.04
CA TYR D 328 20.89 1.31 -35.63
C TYR D 328 20.80 2.39 -36.75
N VAL D 329 21.53 3.49 -36.59
CA VAL D 329 21.45 4.61 -37.55
C VAL D 329 22.59 4.62 -38.58
N GLY D 330 23.51 3.66 -38.47
CA GLY D 330 24.65 3.53 -39.37
C GLY D 330 25.91 4.34 -39.05
N ALA D 331 26.02 4.87 -37.83
CA ALA D 331 27.20 5.65 -37.40
C ALA D 331 28.32 4.77 -36.88
N ALA D 332 29.44 4.73 -37.59
CA ALA D 332 30.61 3.94 -37.15
C ALA D 332 31.36 4.60 -35.99
N LYS D 333 31.13 5.91 -35.84
CA LYS D 333 31.82 6.76 -34.87
C LYS D 333 30.76 7.70 -34.30
N LEU D 334 30.93 8.11 -33.05
CA LEU D 334 30.02 9.08 -32.40
C LEU D 334 29.90 10.42 -33.15
N LYS D 335 31.02 10.84 -33.77
CA LYS D 335 31.02 12.03 -34.66
C LYS D 335 29.95 11.95 -35.73
N GLU D 336 29.61 10.75 -36.17
CA GLU D 336 28.61 10.54 -37.23
C GLU D 336 27.14 10.49 -36.78
N LEU D 337 26.90 10.47 -35.47
CA LEU D 337 25.55 10.29 -34.93
C LEU D 337 24.59 11.46 -35.19
N SER D 338 24.99 12.71 -34.93
CA SER D 338 24.05 13.80 -35.18
C SER D 338 23.77 13.89 -36.67
N ARG D 339 24.78 13.60 -37.50
CA ARG D 339 24.65 13.56 -38.97
C ARG D 339 23.57 12.61 -39.43
N ARG D 340 23.54 11.43 -38.84
CA ARG D 340 22.62 10.36 -39.24
C ARG D 340 21.35 10.26 -38.38
N THR D 341 21.11 11.26 -37.56
CA THR D 341 19.93 11.29 -36.70
C THR D 341 18.76 11.91 -37.42
N THR D 342 17.67 11.16 -37.57
CA THR D 342 16.35 11.72 -37.92
C THR D 342 15.39 11.40 -36.76
N PHE D 343 14.90 12.44 -36.10
CA PHE D 343 13.95 12.28 -35.01
C PHE D 343 12.52 12.06 -35.49
N ILE D 344 11.86 11.13 -34.84
CA ILE D 344 10.46 10.87 -35.02
C ILE D 344 9.72 11.35 -33.79
N ARG D 345 8.75 12.23 -33.99
CA ARG D 345 7.83 12.64 -32.94
C ARG D 345 6.89 11.49 -32.53
N VAL D 346 6.83 11.21 -31.22
CA VAL D 346 6.05 10.09 -30.68
C VAL D 346 5.00 10.49 -29.63
N SER E 19 -6.94 -25.18 27.32
CA SER E 19 -7.69 -24.26 26.39
C SER E 19 -6.99 -24.10 25.02
N LEU E 20 -6.80 -25.21 24.32
CA LEU E 20 -5.95 -25.24 23.15
C LEU E 20 -6.74 -25.11 21.88
N ASP E 21 -6.14 -24.34 20.98
CA ASP E 21 -6.55 -24.28 19.60
C ASP E 21 -5.51 -25.07 18.76
N PHE E 22 -5.83 -25.36 17.51
CA PHE E 22 -4.88 -26.07 16.63
C PHE E 22 -3.50 -25.42 16.61
N LYS E 23 -3.48 -24.08 16.55
CA LYS E 23 -2.24 -23.30 16.50
C LYS E 23 -1.33 -23.46 17.72
N ASP E 24 -1.86 -23.97 18.83
CA ASP E 24 -1.06 -24.05 20.07
C ASP E 24 -0.20 -25.30 20.17
N VAL E 25 -0.36 -26.24 19.24
CA VAL E 25 0.31 -27.52 19.35
C VAL E 25 0.99 -27.97 18.08
N LEU E 26 2.01 -28.80 18.27
CA LEU E 26 2.56 -29.68 17.24
C LEU E 26 2.48 -31.14 17.70
N LEU E 27 2.53 -32.05 16.74
CA LEU E 27 2.67 -33.48 16.99
C LEU E 27 4.14 -33.89 17.00
N ARG E 28 4.49 -34.63 18.05
CA ARG E 28 5.81 -35.23 18.18
C ARG E 28 6.03 -36.41 17.17
N PRO E 29 7.11 -36.37 16.38
CA PRO E 29 7.46 -37.57 15.62
C PRO E 29 7.82 -38.75 16.52
N LYS E 30 7.69 -39.95 15.97
CA LYS E 30 7.92 -41.18 16.68
C LYS E 30 8.52 -42.23 15.74
N ARG E 31 9.31 -43.11 16.33
CA ARG E 31 9.91 -44.23 15.65
C ARG E 31 8.86 -45.02 14.91
N SER E 32 9.17 -45.44 13.70
CA SER E 32 8.25 -46.31 12.97
C SER E 32 8.96 -47.26 12.04
N THR E 33 8.16 -48.15 11.50
CA THR E 33 8.63 -49.17 10.61
C THR E 33 7.98 -49.10 9.21
N LEU E 34 7.26 -48.02 8.95
CA LEU E 34 6.56 -47.86 7.68
C LEU E 34 7.55 -47.72 6.52
N LYS E 35 7.41 -48.60 5.52
CA LYS E 35 8.21 -48.53 4.29
C LYS E 35 7.92 -47.28 3.45
N SER E 36 6.64 -46.90 3.34
CA SER E 36 6.21 -45.69 2.56
C SER E 36 5.03 -44.90 3.16
N ARG E 37 4.99 -43.61 2.92
CA ARG E 37 3.84 -42.79 3.25
C ARG E 37 2.53 -43.26 2.57
N SER E 38 2.65 -43.71 1.32
CA SER E 38 1.55 -44.33 0.54
C SER E 38 0.95 -45.57 1.22
N GLU E 39 1.73 -46.19 2.08
CA GLU E 39 1.32 -47.32 2.92
C GLU E 39 0.14 -47.07 3.90
N VAL E 40 -0.03 -45.81 4.29
CA VAL E 40 -0.98 -45.45 5.33
C VAL E 40 -2.41 -45.57 4.84
N ASP E 41 -3.21 -46.26 5.63
CA ASP E 41 -4.63 -46.40 5.36
C ASP E 41 -5.45 -45.33 6.10
N LEU E 42 -6.06 -44.43 5.34
CA LEU E 42 -6.88 -43.34 5.88
C LEU E 42 -8.33 -43.72 6.04
N THR E 43 -8.71 -44.96 5.77
CA THR E 43 -10.09 -45.35 5.97
C THR E 43 -10.34 -45.69 7.43
N ARG E 44 -11.58 -45.43 7.86
CA ARG E 44 -12.05 -45.93 9.15
C ARG E 44 -13.24 -46.82 8.90
N SER E 45 -13.48 -47.74 9.84
CA SER E 45 -14.70 -48.50 9.93
C SER E 45 -15.36 -48.25 11.25
N PHE E 46 -16.61 -47.83 11.21
CA PHE E 46 -17.34 -47.51 12.43
C PHE E 46 -18.62 -48.33 12.48
N SER E 47 -19.06 -48.69 13.69
CA SER E 47 -20.42 -49.17 13.90
C SER E 47 -21.10 -48.19 14.81
N PHE E 48 -22.22 -47.65 14.36
CA PHE E 48 -22.86 -46.55 15.07
C PHE E 48 -23.73 -47.07 16.20
N ARG E 49 -23.72 -46.32 17.30
CA ARG E 49 -24.26 -46.74 18.57
C ARG E 49 -25.75 -47.01 18.53
N ASN E 50 -26.49 -46.07 17.96
CA ASN E 50 -27.94 -46.13 18.03
C ASN E 50 -28.57 -46.65 16.74
N SER E 51 -28.05 -46.23 15.59
CA SER E 51 -28.60 -46.70 14.31
C SER E 51 -28.23 -48.15 14.06
N LYS E 52 -27.12 -48.58 14.65
CA LYS E 52 -26.49 -49.89 14.40
C LYS E 52 -25.99 -50.02 12.95
N GLN E 53 -25.90 -48.95 12.20
CA GLN E 53 -25.35 -49.07 10.86
C GLN E 53 -23.83 -49.08 10.95
N THR E 54 -23.19 -49.46 9.84
CA THR E 54 -21.74 -49.55 9.78
C THR E 54 -21.24 -48.58 8.72
N TYR E 55 -19.99 -48.14 8.85
CA TYR E 55 -19.39 -47.20 7.90
C TYR E 55 -18.01 -47.62 7.55
N SER E 56 -17.63 -47.37 6.31
CA SER E 56 -16.28 -47.59 5.86
C SER E 56 -15.94 -46.49 4.85
N GLY E 57 -14.85 -45.78 5.05
CA GLY E 57 -14.53 -44.58 4.24
C GLY E 57 -13.44 -43.70 4.87
N VAL E 58 -13.02 -42.68 4.13
CA VAL E 58 -12.10 -41.66 4.68
C VAL E 58 -12.99 -40.58 5.36
N PRO E 59 -12.90 -40.46 6.71
CA PRO E 59 -13.91 -39.67 7.47
C PRO E 59 -13.65 -38.13 7.48
N ILE E 60 -13.58 -37.53 6.30
CA ILE E 60 -13.55 -36.09 6.12
C ILE E 60 -14.82 -35.74 5.38
N ILE E 61 -15.54 -34.78 5.94
CA ILE E 61 -16.87 -34.40 5.49
C ILE E 61 -16.89 -32.96 4.95
N ALA E 62 -17.35 -32.80 3.71
CA ALA E 62 -17.75 -31.47 3.21
C ALA E 62 -18.92 -30.93 4.04
N ALA E 63 -18.74 -29.72 4.57
CA ALA E 63 -19.76 -29.02 5.34
C ALA E 63 -21.06 -28.77 4.57
N ASN E 64 -22.18 -28.91 5.27
CA ASN E 64 -23.49 -28.58 4.72
C ASN E 64 -23.78 -27.07 4.50
N MET E 65 -22.77 -26.29 4.17
CA MET E 65 -23.00 -24.89 3.79
C MET E 65 -23.39 -24.90 2.32
N ASP E 66 -24.14 -23.89 1.89
CA ASP E 66 -24.63 -23.89 0.53
C ASP E 66 -23.55 -23.72 -0.55
N THR E 67 -22.37 -23.22 -0.18
CA THR E 67 -21.24 -23.12 -1.08
C THR E 67 -20.30 -24.33 -1.06
N VAL E 68 -20.51 -25.29 -0.17
CA VAL E 68 -19.57 -26.39 -0.02
C VAL E 68 -20.23 -27.75 -0.24
N GLY E 69 -21.33 -28.01 0.48
CA GLY E 69 -22.05 -29.29 0.42
C GLY E 69 -22.92 -29.43 -0.83
N THR E 70 -22.27 -29.36 -1.99
CA THR E 70 -22.96 -29.39 -3.29
C THR E 70 -22.86 -30.76 -3.94
N PHE E 71 -23.75 -31.01 -4.91
CA PHE E 71 -23.71 -32.27 -5.64
C PHE E 71 -22.45 -32.40 -6.44
N GLU E 72 -21.95 -31.29 -7.00
CA GLU E 72 -20.69 -31.33 -7.73
C GLU E 72 -19.49 -31.61 -6.77
N MET E 73 -19.60 -31.15 -5.52
CA MET E 73 -18.58 -31.47 -4.52
C MET E 73 -18.63 -32.97 -4.23
N ALA E 74 -19.85 -33.46 -3.97
CA ALA E 74 -20.07 -34.86 -3.65
C ALA E 74 -19.50 -35.82 -4.72
N LYS E 75 -19.62 -35.48 -6.00
CA LYS E 75 -19.16 -36.37 -7.08
C LYS E 75 -17.67 -36.55 -7.10
N VAL E 76 -16.94 -35.47 -6.84
CA VAL E 76 -15.49 -35.57 -6.77
C VAL E 76 -15.06 -36.27 -5.51
N LEU E 77 -15.65 -35.91 -4.37
CA LEU E 77 -15.26 -36.48 -3.10
C LEU E 77 -15.47 -37.99 -2.99
N CYS E 78 -16.58 -38.50 -3.51
N CYS E 78 -16.59 -38.48 -3.53
CA CYS E 78 -16.83 -39.93 -3.44
CA CYS E 78 -16.89 -39.92 -3.56
C CYS E 78 -15.78 -40.74 -4.21
C CYS E 78 -15.77 -40.71 -4.21
N LYS E 79 -15.05 -40.10 -5.14
CA LYS E 79 -13.90 -40.73 -5.78
C LYS E 79 -12.71 -40.96 -4.82
N PHE E 80 -12.68 -40.23 -3.71
CA PHE E 80 -11.63 -40.39 -2.73
C PHE E 80 -12.17 -41.04 -1.47
N SER E 81 -13.40 -41.55 -1.57
CA SER E 81 -14.16 -42.10 -0.45
C SER E 81 -14.39 -41.13 0.71
N LEU E 82 -14.53 -39.85 0.36
CA LEU E 82 -14.96 -38.82 1.30
C LEU E 82 -16.50 -38.62 1.35
N PHE E 83 -16.93 -37.90 2.36
CA PHE E 83 -18.32 -37.75 2.78
C PHE E 83 -18.80 -36.32 2.51
N THR E 84 -20.06 -36.16 2.16
CA THR E 84 -20.65 -34.83 1.92
C THR E 84 -21.93 -34.69 2.71
N ALA E 85 -21.99 -33.67 3.58
CA ALA E 85 -23.27 -33.25 4.15
C ALA E 85 -23.88 -32.25 3.19
N VAL E 86 -24.93 -32.68 2.48
CA VAL E 86 -25.55 -31.86 1.46
C VAL E 86 -26.25 -30.67 2.11
N HIS E 87 -26.11 -29.50 1.50
CA HIS E 87 -26.82 -28.33 1.99
C HIS E 87 -28.37 -28.47 1.90
N LYS E 88 -29.08 -27.55 2.56
CA LYS E 88 -30.55 -27.62 2.65
C LYS E 88 -31.35 -26.91 1.56
N HIS E 89 -30.70 -26.54 0.45
CA HIS E 89 -31.33 -25.65 -0.54
C HIS E 89 -31.41 -26.25 -1.93
N TYR E 90 -31.54 -27.56 -2.00
CA TYR E 90 -31.84 -28.23 -3.25
C TYR E 90 -33.30 -28.66 -3.15
N SER E 91 -34.01 -28.57 -4.27
CA SER E 91 -35.34 -29.13 -4.40
C SER E 91 -35.30 -30.65 -4.41
N LEU E 92 -36.47 -31.24 -4.16
CA LEU E 92 -36.62 -32.69 -4.25
C LEU E 92 -36.30 -33.19 -5.65
N VAL E 93 -36.73 -32.44 -6.68
CA VAL E 93 -36.43 -32.80 -8.06
C VAL E 93 -34.91 -32.84 -8.31
N GLN E 94 -34.21 -31.81 -7.83
CA GLN E 94 -32.75 -31.76 -7.95
C GLN E 94 -32.09 -32.97 -7.30
N TRP E 95 -32.64 -33.40 -6.17
CA TRP E 95 -32.08 -34.55 -5.46
C TRP E 95 -32.29 -35.81 -6.29
N GLN E 96 -33.50 -35.97 -6.79
CA GLN E 96 -33.88 -37.13 -7.61
C GLN E 96 -33.06 -37.19 -8.90
N GLU E 97 -32.84 -36.03 -9.52
CA GLU E 97 -31.94 -35.95 -10.68
C GLU E 97 -30.52 -36.37 -10.29
N PHE E 98 -30.01 -35.86 -9.15
CA PHE E 98 -28.64 -36.22 -8.75
C PHE E 98 -28.54 -37.72 -8.55
N ALA E 99 -29.51 -38.27 -7.85
CA ALA E 99 -29.49 -39.67 -7.47
C ALA E 99 -29.60 -40.62 -8.66
N GLY E 100 -30.47 -40.27 -9.60
CA GLY E 100 -30.60 -41.00 -10.86
C GLY E 100 -29.30 -41.05 -11.67
N GLN E 101 -28.64 -39.91 -11.86
CA GLN E 101 -27.39 -39.93 -12.62
C GLN E 101 -26.16 -40.34 -11.83
N ASN E 102 -26.27 -40.43 -10.50
CA ASN E 102 -25.11 -40.71 -9.64
C ASN E 102 -25.42 -41.73 -8.55
N PRO E 103 -25.86 -42.95 -8.93
CA PRO E 103 -26.26 -43.93 -7.92
C PRO E 103 -25.11 -44.43 -7.07
N ASP E 104 -23.87 -44.23 -7.55
CA ASP E 104 -22.70 -44.64 -6.79
C ASP E 104 -22.15 -43.57 -5.81
N CYS E 105 -22.85 -42.45 -5.66
CA CYS E 105 -22.42 -41.37 -4.76
C CYS E 105 -23.33 -41.23 -3.55
N LEU E 106 -24.18 -42.22 -3.30
CA LEU E 106 -25.26 -42.03 -2.37
C LEU E 106 -24.94 -42.51 -0.98
N GLU E 107 -23.89 -43.33 -0.83
CA GLU E 107 -23.64 -43.98 0.43
C GLU E 107 -22.90 -43.12 1.42
N HIS E 108 -22.13 -42.14 0.96
CA HIS E 108 -21.50 -41.20 1.90
C HIS E 108 -22.06 -39.80 1.72
N LEU E 109 -23.36 -39.71 1.96
CA LEU E 109 -24.15 -38.52 1.76
C LEU E 109 -25.10 -38.40 2.93
N ALA E 110 -25.25 -37.18 3.46
CA ALA E 110 -26.22 -36.91 4.51
C ALA E 110 -27.13 -35.82 4.02
N ALA E 111 -28.39 -35.94 4.40
CA ALA E 111 -29.38 -34.90 4.17
C ALA E 111 -29.51 -34.13 5.47
N SER E 112 -29.59 -32.80 5.36
CA SER E 112 -29.57 -31.93 6.53
C SER E 112 -30.90 -31.28 6.84
N SER E 113 -31.06 -30.96 8.11
CA SER E 113 -32.25 -30.31 8.60
C SER E 113 -31.97 -29.55 9.89
N GLY E 114 -32.62 -28.38 10.04
CA GLY E 114 -32.74 -27.70 11.30
C GLY E 114 -33.98 -28.24 11.99
N THR E 115 -34.43 -27.56 13.02
CA THR E 115 -35.56 -28.03 13.84
C THR E 115 -36.94 -27.59 13.32
N GLY E 116 -36.97 -26.69 12.35
CA GLY E 116 -38.25 -26.19 11.83
C GLY E 116 -39.10 -27.24 11.10
N SER E 117 -40.41 -27.02 11.19
CA SER E 117 -41.39 -27.88 10.50
C SER E 117 -41.16 -27.97 8.98
N SER E 118 -40.80 -26.87 8.35
CA SER E 118 -40.52 -26.93 6.94
C SER E 118 -39.24 -27.71 6.60
N ASP E 119 -38.20 -27.54 7.42
CA ASP E 119 -36.93 -28.23 7.23
C ASP E 119 -37.15 -29.74 7.31
N PHE E 120 -37.84 -30.15 8.36
CA PHE E 120 -38.00 -31.57 8.68
C PHE E 120 -38.84 -32.29 7.59
N GLU E 121 -39.92 -31.64 7.19
CA GLU E 121 -40.79 -32.19 6.17
C GLU E 121 -40.06 -32.33 4.84
N GLN E 122 -39.27 -31.34 4.44
CA GLN E 122 -38.50 -31.50 3.22
C GLN E 122 -37.42 -32.59 3.35
N LEU E 123 -36.90 -32.81 4.56
CA LEU E 123 -35.93 -33.90 4.81
C LEU E 123 -36.65 -35.26 4.65
N GLU E 124 -37.84 -35.36 5.24
CA GLU E 124 -38.69 -36.53 5.11
C GLU E 124 -38.91 -36.93 3.65
N GLN E 125 -39.23 -35.93 2.84
CA GLN E 125 -39.42 -36.10 1.39
C GLN E 125 -38.18 -36.68 0.71
N ILE E 126 -37.00 -36.14 1.05
CA ILE E 126 -35.79 -36.63 0.43
C ILE E 126 -35.58 -38.10 0.83
N LEU E 127 -35.73 -38.39 2.12
CA LEU E 127 -35.37 -39.69 2.64
C LEU E 127 -36.33 -40.77 2.17
N GLU E 128 -37.61 -40.42 2.00
CA GLU E 128 -38.60 -41.32 1.39
C GLU E 128 -38.30 -41.58 -0.07
N ALA E 129 -38.03 -40.51 -0.82
CA ALA E 129 -37.74 -40.60 -2.26
C ALA E 129 -36.42 -41.26 -2.60
N ILE E 130 -35.45 -41.15 -1.69
CA ILE E 130 -34.11 -41.63 -1.97
C ILE E 130 -33.64 -42.50 -0.80
N PRO E 131 -34.08 -43.78 -0.79
CA PRO E 131 -33.74 -44.75 0.26
C PRO E 131 -32.25 -45.04 0.38
N GLN E 132 -31.48 -44.63 -0.61
CA GLN E 132 -30.04 -44.80 -0.57
C GLN E 132 -29.33 -43.86 0.43
N VAL E 133 -29.98 -42.75 0.76
CA VAL E 133 -29.46 -41.82 1.77
C VAL E 133 -29.73 -42.37 3.17
N LYS E 134 -28.67 -42.74 3.88
CA LYS E 134 -28.79 -43.41 5.18
C LYS E 134 -28.26 -42.58 6.38
N TYR E 135 -28.00 -41.30 6.12
CA TYR E 135 -27.41 -40.39 7.11
C TYR E 135 -28.19 -39.10 7.10
N ILE E 136 -28.44 -38.59 8.31
CA ILE E 136 -29.16 -37.36 8.52
C ILE E 136 -28.27 -36.42 9.36
N CYS E 137 -28.16 -35.18 8.92
CA CYS E 137 -27.38 -34.19 9.65
C CYS E 137 -28.36 -33.20 10.25
N LEU E 138 -28.60 -33.32 11.55
CA LEU E 138 -29.40 -32.35 12.32
C LEU E 138 -28.47 -31.27 12.86
N ASP E 139 -28.69 -30.05 12.40
CA ASP E 139 -27.69 -28.99 12.56
C ASP E 139 -28.37 -27.73 13.02
N VAL E 140 -28.01 -27.27 14.21
CA VAL E 140 -28.40 -25.96 14.73
C VAL E 140 -27.15 -25.25 15.28
N ALA E 141 -27.20 -23.93 15.26
CA ALA E 141 -26.12 -23.10 15.83
C ALA E 141 -25.92 -23.42 17.33
N ASN E 142 -27.03 -23.67 18.03
CA ASN E 142 -26.98 -23.97 19.47
C ASN E 142 -27.63 -25.33 19.84
N GLY E 143 -26.80 -26.37 19.88
CA GLY E 143 -27.25 -27.68 20.35
C GLY E 143 -27.50 -27.85 21.85
N TYR E 144 -27.39 -26.80 22.63
CA TYR E 144 -27.55 -26.83 24.05
C TYR E 144 -29.00 -26.77 24.53
N SER E 145 -29.94 -26.54 23.63
CA SER E 145 -31.33 -26.41 24.04
C SER E 145 -31.99 -27.79 24.24
N GLU E 146 -32.84 -27.88 25.26
CA GLU E 146 -33.68 -29.08 25.48
C GLU E 146 -34.58 -29.32 24.26
N HIS E 147 -35.05 -28.24 23.65
CA HIS E 147 -35.80 -28.31 22.39
C HIS E 147 -35.05 -29.15 21.37
N PHE E 148 -33.74 -28.93 21.23
CA PHE E 148 -32.96 -29.69 20.24
C PHE E 148 -32.84 -31.15 20.63
N VAL E 149 -32.63 -31.40 21.93
CA VAL E 149 -32.60 -32.77 22.48
C VAL E 149 -33.89 -33.55 22.13
N GLU E 150 -35.03 -32.95 22.39
CA GLU E 150 -36.34 -33.53 22.08
C GLU E 150 -36.58 -33.70 20.56
N PHE E 151 -36.04 -32.79 19.76
CA PHE E 151 -36.08 -32.93 18.32
C PHE E 151 -35.31 -34.16 17.90
N VAL E 152 -34.08 -34.28 18.40
CA VAL E 152 -33.26 -35.44 18.11
C VAL E 152 -34.04 -36.75 18.43
N LYS E 153 -34.74 -36.80 19.57
CA LYS E 153 -35.45 -38.01 19.96
C LYS E 153 -36.54 -38.36 18.94
N ASP E 154 -37.28 -37.34 18.53
CA ASP E 154 -38.33 -37.53 17.54
C ASP E 154 -37.80 -38.03 16.22
N VAL E 155 -36.61 -37.59 15.81
CA VAL E 155 -36.07 -37.98 14.51
C VAL E 155 -35.56 -39.41 14.58
N ARG E 156 -34.92 -39.77 15.69
CA ARG E 156 -34.59 -41.14 15.98
C ARG E 156 -35.81 -42.09 15.90
N LYS E 157 -36.91 -41.67 16.50
CA LYS E 157 -38.18 -42.41 16.46
C LYS E 157 -38.64 -42.62 15.01
N ARG E 158 -38.64 -41.56 14.23
CA ARG E 158 -39.17 -41.58 12.86
C ARG E 158 -38.28 -42.36 11.93
N PHE E 159 -36.96 -42.33 12.19
CA PHE E 159 -35.98 -42.92 11.32
C PHE E 159 -35.00 -43.77 12.15
N PRO E 160 -35.50 -44.88 12.71
CA PRO E 160 -34.72 -45.75 13.58
C PRO E 160 -33.48 -46.44 13.00
N GLN E 161 -33.39 -46.58 11.67
CA GLN E 161 -32.23 -47.24 11.07
C GLN E 161 -31.28 -46.23 10.42
N HIS E 162 -31.64 -44.95 10.39
CA HIS E 162 -30.74 -43.93 9.83
C HIS E 162 -29.67 -43.50 10.85
N THR E 163 -28.46 -43.24 10.37
CA THR E 163 -27.40 -42.72 11.25
C THR E 163 -27.58 -41.21 11.40
N ILE E 164 -27.65 -40.75 12.64
CA ILE E 164 -27.92 -39.33 12.92
C ILE E 164 -26.64 -38.60 13.42
N MET E 165 -26.24 -37.59 12.64
CA MET E 165 -25.31 -36.56 13.09
C MET E 165 -26.09 -35.40 13.71
N ALA E 166 -25.63 -34.90 14.85
CA ALA E 166 -26.34 -33.86 15.60
C ALA E 166 -25.38 -32.91 16.29
N GLY E 167 -25.64 -31.63 16.12
CA GLY E 167 -24.83 -30.60 16.72
C GLY E 167 -25.40 -29.22 16.47
N ASN E 168 -24.75 -28.16 16.99
CA ASN E 168 -23.36 -28.21 17.52
C ASN E 168 -23.27 -27.94 19.02
N VAL E 169 -22.31 -28.60 19.64
CA VAL E 169 -21.93 -28.37 21.03
C VAL E 169 -20.41 -28.45 21.16
N VAL E 170 -19.93 -28.12 22.35
CA VAL E 170 -18.50 -28.15 22.65
C VAL E 170 -18.08 -28.79 23.98
N THR E 171 -19.02 -29.37 24.71
CA THR E 171 -18.74 -29.93 26.05
C THR E 171 -19.40 -31.30 26.25
N GLY E 172 -18.80 -32.07 27.16
CA GLY E 172 -19.09 -33.48 27.32
C GLY E 172 -20.48 -33.85 27.79
N GLU E 173 -21.05 -33.03 28.66
CA GLU E 173 -22.38 -33.34 29.18
C GLU E 173 -23.47 -33.29 28.11
N MET E 174 -23.27 -32.46 27.07
CA MET E 174 -24.22 -32.37 25.99
C MET E 174 -23.97 -33.41 24.94
N VAL E 175 -22.71 -33.74 24.71
CA VAL E 175 -22.34 -34.92 23.89
C VAL E 175 -23.11 -36.17 24.41
N GLU E 176 -23.02 -36.39 25.71
CA GLU E 176 -23.66 -37.55 26.37
C GLU E 176 -25.17 -37.48 26.26
N GLU E 177 -25.76 -36.38 26.64
CA GLU E 177 -27.19 -36.27 26.50
C GLU E 177 -27.72 -36.51 25.07
N LEU E 178 -27.07 -35.91 24.06
CA LEU E 178 -27.47 -36.14 22.68
C LEU E 178 -27.30 -37.59 22.20
N ILE E 179 -26.25 -38.24 22.63
CA ILE E 179 -26.09 -39.64 22.27
C ILE E 179 -27.14 -40.50 22.97
N LEU E 180 -27.36 -40.23 24.25
CA LEU E 180 -28.35 -41.01 25.01
C LEU E 180 -29.77 -40.63 24.62
N SER E 181 -29.94 -39.55 23.86
CA SER E 181 -31.22 -39.18 23.26
C SER E 181 -31.43 -39.64 21.82
N GLY E 182 -30.48 -40.37 21.25
CA GLY E 182 -30.64 -40.99 19.97
C GLY E 182 -29.63 -40.64 18.89
N ALA E 183 -28.84 -39.60 19.08
CA ALA E 183 -27.81 -39.27 18.08
C ALA E 183 -26.68 -40.29 18.02
N ASP E 184 -26.17 -40.57 16.83
CA ASP E 184 -24.98 -41.42 16.66
C ASP E 184 -23.63 -40.68 16.70
N ILE E 185 -23.62 -39.49 16.08
CA ILE E 185 -22.40 -38.71 15.85
C ILE E 185 -22.64 -37.29 16.23
N ILE E 186 -21.84 -36.77 17.16
CA ILE E 186 -22.05 -35.40 17.64
C ILE E 186 -21.10 -34.44 16.95
N LYS E 187 -21.71 -33.39 16.41
CA LYS E 187 -20.93 -32.34 15.70
C LYS E 187 -20.41 -31.28 16.71
N VAL E 188 -19.09 -31.15 16.79
CA VAL E 188 -18.44 -30.37 17.81
C VAL E 188 -17.85 -29.07 17.24
N GLY E 189 -18.25 -27.96 17.84
CA GLY E 189 -17.71 -26.63 17.49
C GLY E 189 -18.69 -25.50 17.67
N ILE E 190 -18.36 -24.51 18.51
CA ILE E 190 -19.14 -23.26 18.61
C ILE E 190 -18.19 -22.10 18.36
N GLY E 191 -18.34 -21.47 17.21
CA GLY E 191 -17.50 -20.32 16.89
C GLY E 191 -16.17 -20.41 16.17
N PRO E 192 -15.63 -21.64 15.89
CA PRO E 192 -14.28 -21.71 15.30
C PRO E 192 -14.25 -21.51 13.76
N GLY E 193 -15.42 -21.48 13.12
CA GLY E 193 -15.52 -21.45 11.66
C GLY E 193 -14.93 -20.21 10.98
N SER E 194 -14.36 -20.40 9.80
CA SER E 194 -13.68 -19.30 9.11
C SER E 194 -14.58 -18.12 8.75
N VAL E 195 -15.86 -18.35 8.49
CA VAL E 195 -16.80 -17.24 8.24
C VAL E 195 -17.86 -17.11 9.36
N CYS E 196 -17.49 -17.58 10.54
CA CYS E 196 -18.31 -17.45 11.70
C CYS E 196 -17.99 -16.14 12.47
N THR E 197 -19.02 -15.48 13.01
CA THR E 197 -18.78 -14.29 13.85
C THR E 197 -19.39 -14.43 15.24
N THR E 198 -19.77 -15.66 15.59
CA THR E 198 -20.34 -15.92 16.93
C THR E 198 -19.55 -15.29 18.09
N ARG E 199 -18.24 -15.49 18.05
CA ARG E 199 -17.37 -15.07 19.10
C ARG E 199 -17.36 -13.53 19.33
N LYS E 200 -17.33 -12.76 18.25
CA LYS E 200 -17.42 -11.30 18.33
C LYS E 200 -18.82 -10.78 18.65
N LYS E 201 -19.86 -11.41 18.11
CA LYS E 201 -21.21 -10.98 18.34
C LYS E 201 -21.75 -11.35 19.69
N THR E 202 -21.27 -12.44 20.27
CA THR E 202 -21.90 -12.98 21.50
C THR E 202 -20.94 -13.26 22.64
N GLY E 203 -19.64 -13.31 22.31
CA GLY E 203 -18.59 -13.69 23.25
C GLY E 203 -18.56 -15.19 23.57
N VAL E 204 -19.40 -15.99 22.93
CA VAL E 204 -19.57 -17.41 23.28
C VAL E 204 -18.68 -18.25 22.36
N GLY E 205 -18.04 -19.26 22.95
CA GLY E 205 -17.14 -20.11 22.20
C GLY E 205 -16.37 -21.07 23.09
N TYR E 206 -15.43 -21.77 22.47
CA TYR E 206 -14.66 -22.76 23.14
C TYR E 206 -13.55 -23.13 22.22
N PRO E 207 -12.31 -23.12 22.71
CA PRO E 207 -11.21 -23.47 21.78
C PRO E 207 -11.38 -24.89 21.19
N GLN E 208 -11.18 -25.01 19.89
CA GLN E 208 -11.61 -26.21 19.17
C GLN E 208 -10.85 -27.50 19.49
N LEU E 209 -9.54 -27.40 19.70
CA LEU E 209 -8.77 -28.56 20.01
C LEU E 209 -9.18 -29.13 21.37
N SER E 210 -9.22 -28.30 22.39
CA SER E 210 -9.79 -28.70 23.72
C SER E 210 -11.22 -29.25 23.64
N ALA E 211 -12.07 -28.58 22.87
CA ALA E 211 -13.44 -29.07 22.68
C ALA E 211 -13.43 -30.51 22.08
N VAL E 212 -12.58 -30.73 21.09
CA VAL E 212 -12.48 -32.04 20.50
C VAL E 212 -12.00 -33.08 21.52
N MET E 213 -10.95 -32.76 22.27
CA MET E 213 -10.42 -33.77 23.21
C MET E 213 -11.49 -34.14 24.23
N GLU E 214 -12.16 -33.14 24.78
CA GLU E 214 -13.22 -33.36 25.78
C GLU E 214 -14.40 -34.12 25.21
N CYS E 215 -14.88 -33.68 24.07
CA CYS E 215 -16.07 -34.31 23.46
C CYS E 215 -15.80 -35.73 22.96
N ALA E 216 -14.58 -35.99 22.50
CA ALA E 216 -14.21 -37.33 22.02
C ALA E 216 -14.28 -38.31 23.20
N ASP E 217 -13.72 -37.92 24.34
CA ASP E 217 -13.73 -38.82 25.50
C ASP E 217 -15.14 -39.14 25.93
N ALA E 218 -15.95 -38.10 25.99
CA ALA E 218 -17.34 -38.22 26.40
C ALA E 218 -18.11 -39.18 25.44
N ALA E 219 -17.92 -39.03 24.14
CA ALA E 219 -18.64 -39.85 23.15
C ALA E 219 -18.13 -41.29 23.15
N HIS E 220 -16.81 -41.45 23.17
CA HIS E 220 -16.19 -42.76 23.07
C HIS E 220 -16.51 -43.63 24.27
N GLY E 221 -16.65 -42.99 25.44
CA GLY E 221 -17.12 -43.62 26.64
C GLY E 221 -18.49 -44.27 26.48
N LEU E 222 -19.30 -43.80 25.53
CA LEU E 222 -20.65 -44.32 25.29
C LEU E 222 -20.70 -45.10 23.97
N LYS E 223 -19.53 -45.36 23.39
CA LYS E 223 -19.43 -45.98 22.05
C LYS E 223 -20.06 -45.19 20.94
N GLY E 224 -20.11 -43.86 21.11
CA GLY E 224 -20.56 -42.95 20.08
C GLY E 224 -19.40 -42.33 19.36
N HIS E 225 -19.67 -41.32 18.53
CA HIS E 225 -18.63 -40.71 17.67
C HIS E 225 -18.75 -39.17 17.60
N ILE E 226 -17.70 -38.48 17.17
CA ILE E 226 -17.81 -37.03 16.96
C ILE E 226 -17.25 -36.59 15.63
N ILE E 227 -17.72 -35.41 15.21
CA ILE E 227 -17.17 -34.68 14.07
C ILE E 227 -16.54 -33.41 14.63
N SER E 228 -15.26 -33.18 14.33
CA SER E 228 -14.67 -31.86 14.58
C SER E 228 -15.10 -30.93 13.42
N ASP E 229 -15.97 -29.99 13.74
CA ASP E 229 -16.58 -29.12 12.76
C ASP E 229 -16.01 -27.74 12.88
N GLY E 230 -15.16 -27.36 11.92
CA GLY E 230 -14.73 -25.98 11.83
C GLY E 230 -13.34 -25.69 12.35
N GLY E 231 -12.76 -24.60 11.86
CA GLY E 231 -11.48 -24.14 12.32
C GLY E 231 -10.24 -24.71 11.67
N CYS E 232 -10.35 -25.71 10.80
CA CYS E 232 -9.19 -26.19 10.05
C CYS E 232 -8.90 -25.33 8.85
N SER E 233 -7.65 -24.88 8.71
CA SER E 233 -7.27 -24.10 7.56
C SER E 233 -6.04 -24.62 6.85
N CYS E 234 -5.50 -25.75 7.28
CA CYS E 234 -4.49 -26.45 6.52
C CYS E 234 -4.61 -27.94 6.87
N PRO E 235 -3.94 -28.82 6.11
CA PRO E 235 -3.95 -30.26 6.39
C PRO E 235 -3.51 -30.64 7.79
N GLY E 236 -2.49 -29.96 8.31
CA GLY E 236 -1.99 -30.13 9.65
C GLY E 236 -3.08 -29.93 10.70
N ASP E 237 -3.96 -28.95 10.53
CA ASP E 237 -5.11 -28.78 11.40
C ASP E 237 -6.00 -30.00 11.38
N VAL E 238 -6.23 -30.55 10.19
CA VAL E 238 -7.08 -31.74 10.08
C VAL E 238 -6.41 -32.90 10.83
N ALA E 239 -5.11 -33.07 10.60
CA ALA E 239 -4.36 -34.08 11.30
C ALA E 239 -4.45 -33.88 12.83
N LYS E 240 -4.34 -32.64 13.30
CA LYS E 240 -4.43 -32.40 14.77
C LYS E 240 -5.79 -32.78 15.37
N ALA E 241 -6.86 -32.52 14.63
CA ALA E 241 -8.22 -32.85 15.07
C ALA E 241 -8.41 -34.34 15.22
N PHE E 242 -7.95 -35.09 14.22
CA PHE E 242 -7.95 -36.53 14.31
C PHE E 242 -7.07 -37.00 15.48
N GLY E 243 -5.91 -36.38 15.65
CA GLY E 243 -4.98 -36.76 16.71
C GLY E 243 -5.59 -36.55 18.08
N ALA E 244 -6.46 -35.56 18.19
CA ALA E 244 -7.13 -35.21 19.43
C ALA E 244 -8.35 -36.15 19.73
N GLY E 245 -8.68 -37.04 18.80
CA GLY E 245 -9.69 -38.09 19.00
C GLY E 245 -10.89 -37.93 18.08
N ALA E 246 -10.90 -36.93 17.20
CA ALA E 246 -12.09 -36.79 16.36
C ALA E 246 -12.23 -38.03 15.46
N ASP E 247 -13.45 -38.52 15.32
CA ASP E 247 -13.71 -39.62 14.37
C ASP E 247 -13.77 -39.10 12.93
N PHE E 248 -14.48 -38.00 12.76
CA PHE E 248 -14.57 -37.27 11.50
C PHE E 248 -14.13 -35.83 11.71
N VAL E 249 -13.72 -35.20 10.61
CA VAL E 249 -13.47 -33.77 10.53
C VAL E 249 -14.27 -33.19 9.35
N MET E 250 -15.00 -32.10 9.63
CA MET E 250 -15.83 -31.39 8.66
C MET E 250 -15.13 -30.08 8.25
N LEU E 251 -15.17 -29.81 6.95
CA LEU E 251 -14.50 -28.69 6.33
C LEU E 251 -15.46 -27.82 5.53
N GLY E 252 -15.43 -26.51 5.79
CA GLY E 252 -16.06 -25.50 4.96
C GLY E 252 -15.05 -24.76 4.13
N GLY E 253 -14.31 -23.84 4.77
CA GLY E 253 -13.41 -22.88 4.10
C GLY E 253 -12.36 -23.51 3.18
N MET E 254 -11.82 -24.65 3.62
CA MET E 254 -10.81 -25.35 2.84
C MET E 254 -11.36 -25.91 1.53
N LEU E 255 -12.66 -26.15 1.49
CA LEU E 255 -13.36 -26.62 0.27
C LEU E 255 -14.10 -25.54 -0.50
N ALA E 256 -14.21 -24.34 0.08
CA ALA E 256 -14.80 -23.22 -0.62
C ALA E 256 -13.86 -22.73 -1.73
N GLY E 257 -14.38 -21.98 -2.70
CA GLY E 257 -13.48 -21.37 -3.70
C GLY E 257 -13.07 -22.26 -4.89
N HIS E 258 -13.65 -23.44 -5.01
CA HIS E 258 -13.27 -24.39 -6.10
C HIS E 258 -14.33 -24.36 -7.21
N SER E 259 -14.01 -24.99 -8.33
CA SER E 259 -14.99 -25.13 -9.41
C SER E 259 -16.28 -25.76 -8.90
N GLU E 260 -16.13 -26.76 -8.04
CA GLU E 260 -17.25 -27.56 -7.53
C GLU E 260 -18.03 -26.88 -6.40
N SER E 261 -17.43 -25.84 -5.83
CA SER E 261 -18.06 -25.05 -4.78
C SER E 261 -19.13 -24.15 -5.39
N GLY E 262 -20.16 -23.88 -4.59
CA GLY E 262 -21.10 -22.83 -4.87
C GLY E 262 -20.47 -21.48 -4.60
N GLY E 263 -21.29 -20.45 -4.69
CA GLY E 263 -20.81 -19.11 -4.45
C GLY E 263 -20.43 -18.48 -5.77
N GLU E 264 -20.80 -17.22 -5.92
CA GLU E 264 -20.65 -16.55 -7.22
C GLU E 264 -19.18 -16.36 -7.61
N LEU E 265 -18.85 -16.65 -8.86
CA LEU E 265 -17.54 -16.32 -9.46
C LEU E 265 -17.48 -14.86 -9.85
N ILE E 266 -16.52 -14.13 -9.28
CA ILE E 266 -16.38 -12.71 -9.51
C ILE E 266 -14.98 -12.48 -10.11
N GLU E 267 -14.95 -11.93 -11.31
CA GLU E 267 -13.70 -11.55 -11.95
C GLU E 267 -13.61 -10.04 -11.90
N ARG E 268 -12.68 -9.55 -11.12
CA ARG E 268 -12.54 -8.13 -10.89
C ARG E 268 -11.09 -7.85 -10.70
N ASP E 269 -10.68 -6.70 -11.23
CA ASP E 269 -9.31 -6.23 -11.19
C ASP E 269 -8.30 -7.25 -11.71
N GLY E 270 -8.67 -7.95 -12.77
CA GLY E 270 -7.82 -9.00 -13.33
C GLY E 270 -7.63 -10.27 -12.51
N LYS E 271 -8.48 -10.49 -11.50
CA LYS E 271 -8.39 -11.68 -10.65
C LYS E 271 -9.73 -12.36 -10.54
N LYS E 272 -9.70 -13.66 -10.23
CA LYS E 272 -10.91 -14.44 -9.99
C LYS E 272 -11.13 -14.76 -8.50
N TYR E 273 -12.36 -14.50 -8.05
CA TYR E 273 -12.76 -14.72 -6.67
C TYR E 273 -14.01 -15.55 -6.68
N LYS E 274 -14.29 -16.22 -5.56
CA LYS E 274 -15.58 -16.86 -5.28
C LYS E 274 -16.16 -16.39 -3.94
N LEU E 275 -17.46 -16.14 -3.90
CA LEU E 275 -18.08 -15.81 -2.62
C LEU E 275 -18.09 -17.04 -1.71
N PHE E 276 -17.84 -16.78 -0.43
CA PHE E 276 -18.00 -17.76 0.63
C PHE E 276 -18.57 -17.04 1.84
N TYR E 277 -19.59 -17.60 2.45
CA TYR E 277 -20.32 -16.87 3.49
C TYR E 277 -20.95 -17.83 4.50
N GLY E 278 -21.05 -17.35 5.74
CA GLY E 278 -21.67 -18.09 6.81
C GLY E 278 -23.17 -18.24 6.58
N MET E 279 -23.73 -19.34 7.07
CA MET E 279 -25.13 -19.62 6.84
C MET E 279 -26.03 -18.75 7.71
N SER E 280 -25.48 -18.05 8.71
CA SER E 280 -26.23 -17.00 9.41
C SER E 280 -25.73 -15.58 9.05
N SER E 281 -24.97 -15.46 7.97
CA SER E 281 -24.61 -14.15 7.46
C SER E 281 -25.86 -13.47 6.87
N GLU E 282 -25.82 -12.14 6.81
CA GLU E 282 -26.86 -11.39 6.13
C GLU E 282 -26.96 -11.81 4.69
N MET E 283 -25.81 -12.12 4.06
CA MET E 283 -25.85 -12.62 2.70
C MET E 283 -26.69 -13.89 2.51
N ALA E 284 -26.51 -14.86 3.41
CA ALA E 284 -27.32 -16.10 3.35
C ALA E 284 -28.81 -15.84 3.68
N MET E 285 -29.04 -15.08 4.76
CA MET E 285 -30.42 -14.73 5.16
C MET E 285 -31.17 -13.98 4.08
N LYS E 286 -30.52 -12.98 3.49
CA LYS E 286 -31.13 -12.23 2.42
C LYS E 286 -31.49 -13.16 1.25
N LYS E 287 -30.63 -14.13 0.98
CA LYS E 287 -30.77 -14.98 -0.18
C LYS E 287 -31.93 -15.95 -0.02
N TYR E 288 -32.06 -16.46 1.19
CA TYR E 288 -33.12 -17.41 1.49
C TYR E 288 -34.15 -16.72 2.37
N ALA E 297 -30.50 -10.96 13.67
CA ALA E 297 -29.14 -11.01 14.22
C ALA E 297 -28.26 -11.99 13.42
N SER E 298 -27.21 -11.48 12.80
CA SER E 298 -26.25 -12.31 12.07
C SER E 298 -25.08 -12.81 12.94
N GLU E 299 -24.68 -14.08 12.76
CA GLU E 299 -23.46 -14.62 13.36
C GLU E 299 -22.53 -15.20 12.29
N GLY E 300 -22.66 -14.68 11.08
CA GLY E 300 -21.80 -15.07 9.96
C GLY E 300 -21.32 -13.86 9.18
N LYS E 301 -20.25 -14.03 8.44
CA LYS E 301 -19.75 -13.00 7.56
C LYS E 301 -19.54 -13.53 6.12
N THR E 302 -19.16 -12.61 5.22
CA THR E 302 -18.91 -12.92 3.82
C THR E 302 -17.46 -12.61 3.53
N VAL E 303 -16.81 -13.47 2.77
CA VAL E 303 -15.49 -13.21 2.24
C VAL E 303 -15.48 -13.54 0.75
N GLU E 304 -14.45 -13.03 0.09
CA GLU E 304 -14.21 -13.37 -1.28
C GLU E 304 -12.91 -14.17 -1.33
N VAL E 305 -13.01 -15.42 -1.78
CA VAL E 305 -11.86 -16.34 -1.77
C VAL E 305 -11.23 -16.32 -3.16
N PRO E 306 -9.90 -16.13 -3.26
CA PRO E 306 -9.22 -16.32 -4.56
C PRO E 306 -9.54 -17.71 -5.14
N PHE E 307 -9.97 -17.75 -6.39
CA PHE E 307 -10.46 -18.99 -7.01
C PHE E 307 -9.35 -20.03 -7.01
N LYS E 308 -9.69 -21.27 -6.67
CA LYS E 308 -8.68 -22.32 -6.46
C LYS E 308 -8.66 -23.35 -7.56
N GLY E 309 -9.65 -23.35 -8.45
CA GLY E 309 -9.75 -24.40 -9.47
C GLY E 309 -10.43 -25.66 -8.97
N ASP E 310 -9.99 -26.82 -9.46
CA ASP E 310 -10.67 -28.08 -9.19
C ASP E 310 -10.32 -28.62 -7.81
N VAL E 311 -11.35 -29.03 -7.08
CA VAL E 311 -11.17 -29.46 -5.71
C VAL E 311 -10.31 -30.70 -5.55
N GLU E 312 -10.24 -31.52 -6.60
CA GLU E 312 -9.45 -32.78 -6.57
C GLU E 312 -8.04 -32.55 -6.09
N HIS E 313 -7.45 -31.48 -6.55
CA HIS E 313 -6.09 -31.13 -6.16
C HIS E 313 -5.99 -30.83 -4.64
N THR E 314 -6.99 -30.14 -4.10
CA THR E 314 -7.03 -29.80 -2.67
C THR E 314 -7.18 -31.07 -1.82
N ILE E 315 -8.04 -31.98 -2.24
CA ILE E 315 -8.26 -33.24 -1.55
C ILE E 315 -7.00 -34.03 -1.45
N ARG E 316 -6.32 -34.16 -2.59
CA ARG E 316 -5.02 -34.82 -2.65
C ARG E 316 -4.03 -34.16 -1.74
N ASP E 317 -4.02 -32.83 -1.70
CA ASP E 317 -3.14 -32.12 -0.75
C ASP E 317 -3.45 -32.52 0.72
N ILE E 318 -4.72 -32.55 1.07
CA ILE E 318 -5.15 -32.83 2.43
C ILE E 318 -4.79 -34.27 2.79
N LEU E 319 -5.16 -35.20 1.94
CA LEU E 319 -4.91 -36.61 2.24
C LEU E 319 -3.44 -36.90 2.30
N GLY E 320 -2.65 -36.27 1.42
CA GLY E 320 -1.19 -36.43 1.47
C GLY E 320 -0.57 -35.89 2.75
N GLY E 321 -1.02 -34.74 3.19
CA GLY E 321 -0.50 -34.20 4.43
C GLY E 321 -0.75 -35.17 5.59
N ILE E 322 -2.00 -35.64 5.73
CA ILE E 322 -2.39 -36.52 6.87
C ILE E 322 -1.65 -37.88 6.78
N ARG E 323 -1.47 -38.41 5.57
CA ARG E 323 -0.69 -39.66 5.40
C ARG E 323 0.71 -39.44 5.93
N SER E 324 1.30 -38.28 5.65
CA SER E 324 2.60 -37.95 6.20
C SER E 324 2.60 -37.80 7.71
N THR E 325 1.54 -37.21 8.27
CA THR E 325 1.41 -37.12 9.70
C THR E 325 1.44 -38.52 10.32
N CYS E 326 0.62 -39.41 9.77
CA CYS E 326 0.56 -40.79 10.22
C CYS E 326 1.92 -41.46 10.16
N THR E 327 2.67 -41.22 9.09
CA THR E 327 4.02 -41.77 8.94
C THR E 327 5.02 -41.24 9.98
N TYR E 328 5.07 -39.92 10.17
CA TYR E 328 5.93 -39.32 11.19
C TYR E 328 5.68 -39.86 12.61
N VAL E 329 4.45 -40.27 12.92
CA VAL E 329 4.12 -40.73 14.28
C VAL E 329 4.00 -42.26 14.38
N GLY E 330 4.17 -42.95 13.25
CA GLY E 330 4.20 -44.41 13.23
C GLY E 330 2.86 -45.07 13.14
N ALA E 331 1.86 -44.37 12.62
CA ALA E 331 0.52 -44.92 12.55
C ALA E 331 0.29 -45.44 11.13
N ALA E 332 0.12 -46.78 11.02
CA ALA E 332 -0.07 -47.47 9.76
C ALA E 332 -1.44 -47.24 9.23
N LYS E 333 -2.37 -46.93 10.14
CA LYS E 333 -3.77 -46.73 9.81
C LYS E 333 -4.22 -45.49 10.58
N LEU E 334 -5.23 -44.80 10.06
CA LEU E 334 -5.78 -43.60 10.69
C LEU E 334 -6.30 -43.91 12.09
N LYS E 335 -6.85 -45.12 12.24
CA LYS E 335 -7.34 -45.66 13.50
C LYS E 335 -6.36 -45.51 14.66
N GLU E 336 -5.07 -45.62 14.36
CA GLU E 336 -4.03 -45.54 15.39
C GLU E 336 -3.51 -44.13 15.69
N LEU E 337 -3.95 -43.12 14.94
CA LEU E 337 -3.34 -41.80 15.03
C LEU E 337 -3.49 -41.16 16.42
N SER E 338 -4.72 -41.16 16.98
CA SER E 338 -4.94 -40.46 18.25
C SER E 338 -4.13 -41.05 19.39
N ARG E 339 -4.03 -42.39 19.42
CA ARG E 339 -3.23 -43.06 20.46
C ARG E 339 -1.71 -42.85 20.29
N ARG E 340 -1.27 -42.56 19.07
CA ARG E 340 0.10 -42.25 18.79
C ARG E 340 0.40 -40.76 18.75
N THR E 341 -0.58 -39.94 19.06
CA THR E 341 -0.39 -38.49 19.17
C THR E 341 0.10 -38.02 20.54
N THR E 342 1.23 -37.33 20.55
CA THR E 342 1.70 -36.58 21.69
C THR E 342 1.83 -35.17 21.21
N PHE E 343 1.01 -34.29 21.79
CA PHE E 343 1.02 -32.90 21.46
C PHE E 343 2.12 -32.19 22.24
N ILE E 344 2.88 -31.36 21.56
CA ILE E 344 3.88 -30.48 22.15
C ILE E 344 3.32 -29.06 22.06
N ARG E 345 3.27 -28.37 23.17
CA ARG E 345 2.71 -27.00 23.22
C ARG E 345 3.76 -26.00 22.71
N VAL E 346 3.36 -25.12 21.79
CA VAL E 346 4.34 -24.20 21.17
C VAL E 346 3.96 -22.72 21.35
N SER F 19 -5.68 -11.22 35.68
CA SER F 19 -5.33 -10.02 34.85
C SER F 19 -5.96 -10.10 33.48
N LEU F 20 -7.28 -10.18 33.46
CA LEU F 20 -8.02 -10.46 32.23
C LEU F 20 -8.60 -9.21 31.61
N ASP F 21 -8.47 -9.17 30.29
CA ASP F 21 -9.21 -8.27 29.43
C ASP F 21 -10.29 -9.11 28.68
N PHE F 22 -11.19 -8.43 28.01
CA PHE F 22 -12.26 -9.09 27.28
C PHE F 22 -11.71 -10.10 26.29
N LYS F 23 -10.59 -9.74 25.63
CA LYS F 23 -9.98 -10.60 24.62
C LYS F 23 -9.46 -11.95 25.18
N ASP F 24 -9.18 -12.01 26.48
CA ASP F 24 -8.64 -13.19 27.11
C ASP F 24 -9.65 -14.32 27.44
N VAL F 25 -10.94 -14.10 27.19
CA VAL F 25 -11.99 -15.05 27.61
C VAL F 25 -13.05 -15.26 26.56
N LEU F 26 -13.74 -16.39 26.70
CA LEU F 26 -15.01 -16.67 26.04
C LEU F 26 -16.02 -17.13 27.11
N LEU F 27 -17.31 -16.92 26.85
CA LEU F 27 -18.37 -17.52 27.65
C LEU F 27 -18.65 -18.95 27.14
N ARG F 28 -18.66 -19.88 28.09
CA ARG F 28 -19.05 -21.27 27.83
C ARG F 28 -20.53 -21.34 27.59
N PRO F 29 -20.95 -22.01 26.52
CA PRO F 29 -22.37 -22.24 26.38
C PRO F 29 -22.86 -23.21 27.48
N LYS F 30 -24.16 -23.13 27.77
CA LYS F 30 -24.81 -23.92 28.83
C LYS F 30 -26.15 -24.46 28.36
N ARG F 31 -26.50 -25.65 28.87
CA ARG F 31 -27.78 -26.24 28.57
C ARG F 31 -28.89 -25.29 28.93
N SER F 32 -29.87 -25.20 28.05
CA SER F 32 -30.96 -24.28 28.28
C SER F 32 -32.31 -24.92 28.02
N THR F 33 -33.31 -24.24 28.55
CA THR F 33 -34.68 -24.72 28.59
C THR F 33 -35.63 -23.57 28.16
N LEU F 34 -35.14 -22.68 27.31
CA LEU F 34 -35.86 -21.48 26.92
C LEU F 34 -36.98 -21.76 25.87
N LYS F 35 -38.09 -21.04 26.01
CA LYS F 35 -39.25 -21.26 25.13
C LYS F 35 -38.99 -20.93 23.67
N SER F 36 -39.81 -21.62 22.86
CA SER F 36 -39.90 -21.45 21.41
C SER F 36 -40.31 -20.02 21.04
N ARG F 37 -39.43 -19.36 20.29
CA ARG F 37 -39.69 -18.02 19.76
C ARG F 37 -40.19 -17.08 20.86
N SER F 38 -39.52 -17.15 22.01
CA SER F 38 -39.74 -16.23 23.11
C SER F 38 -38.53 -15.31 23.24
N GLU F 39 -38.78 -14.03 23.45
CA GLU F 39 -37.71 -13.11 23.45
C GLU F 39 -37.00 -13.14 24.82
N VAL F 40 -35.69 -12.93 24.77
CA VAL F 40 -34.89 -12.81 25.99
C VAL F 40 -35.19 -11.42 26.51
N ASP F 41 -35.30 -11.28 27.82
CA ASP F 41 -35.58 -9.95 28.38
C ASP F 41 -34.29 -9.24 28.75
N LEU F 42 -33.96 -8.15 28.06
CA LEU F 42 -32.72 -7.40 28.29
C LEU F 42 -32.87 -6.26 29.30
N THR F 43 -34.08 -6.07 29.80
CA THR F 43 -34.39 -5.04 30.78
C THR F 43 -33.87 -5.50 32.15
N ARG F 44 -33.40 -4.51 32.91
CA ARG F 44 -33.08 -4.75 34.31
C ARG F 44 -33.83 -3.77 35.20
N SER F 45 -34.15 -4.23 36.42
CA SER F 45 -34.76 -3.40 37.44
C SER F 45 -33.79 -3.26 38.58
N PHE F 46 -33.38 -2.03 38.90
CA PHE F 46 -32.50 -1.79 40.03
C PHE F 46 -33.17 -0.86 41.07
N SER F 47 -32.75 -1.01 42.33
CA SER F 47 -33.03 -0.05 43.40
C SER F 47 -31.74 0.44 43.97
N PHE F 48 -31.54 1.74 43.90
CA PHE F 48 -30.24 2.34 44.22
C PHE F 48 -30.04 2.58 45.71
N ARG F 49 -28.81 2.38 46.16
CA ARG F 49 -28.52 2.23 47.57
C ARG F 49 -28.77 3.50 48.37
N ASN F 50 -28.28 4.60 47.81
CA ASN F 50 -28.29 5.88 48.53
C ASN F 50 -29.43 6.78 48.11
N SER F 51 -29.66 6.91 46.81
CA SER F 51 -30.78 7.71 46.32
C SER F 51 -32.17 7.08 46.60
N LYS F 52 -32.20 5.76 46.83
CA LYS F 52 -33.43 4.97 47.00
C LYS F 52 -34.38 4.98 45.80
N GLN F 53 -33.93 5.57 44.69
CA GLN F 53 -34.70 5.58 43.46
C GLN F 53 -34.66 4.19 42.82
N THR F 54 -35.61 3.97 41.90
CA THR F 54 -35.69 2.74 41.18
C THR F 54 -35.49 2.99 39.67
N TYR F 55 -34.96 1.97 39.00
CA TYR F 55 -34.67 1.99 37.56
C TYR F 55 -35.24 0.77 36.89
N SER F 56 -35.70 0.96 35.66
CA SER F 56 -36.18 -0.13 34.81
C SER F 56 -35.80 0.20 33.41
N GLY F 57 -34.90 -0.57 32.78
CA GLY F 57 -34.45 -0.24 31.44
C GLY F 57 -33.42 -1.21 30.89
N VAL F 58 -32.96 -0.97 29.67
CA VAL F 58 -31.83 -1.76 29.12
C VAL F 58 -30.51 -1.05 29.53
N PRO F 59 -29.73 -1.66 30.44
CA PRO F 59 -28.58 -1.01 31.09
C PRO F 59 -27.27 -0.83 30.26
N ILE F 60 -27.43 -0.29 29.07
CA ILE F 60 -26.35 0.15 28.23
C ILE F 60 -26.43 1.65 28.13
N ILE F 61 -25.31 2.28 28.43
CA ILE F 61 -25.19 3.73 28.54
C ILE F 61 -24.26 4.28 27.44
N ALA F 62 -24.76 5.24 26.67
CA ALA F 62 -23.90 6.07 25.85
C ALA F 62 -23.04 7.00 26.73
N ALA F 63 -21.72 6.88 26.51
CA ALA F 63 -20.71 7.68 27.19
C ALA F 63 -20.88 9.19 27.05
N ASN F 64 -20.59 9.88 28.15
CA ASN F 64 -20.66 11.34 28.22
C ASN F 64 -19.50 12.04 27.54
N MET F 65 -19.04 11.49 26.43
CA MET F 65 -18.09 12.17 25.58
C MET F 65 -18.84 13.10 24.67
N ASP F 66 -18.19 14.18 24.22
CA ASP F 66 -18.93 15.19 23.48
C ASP F 66 -19.38 14.69 22.09
N THR F 67 -18.73 13.65 21.59
CA THR F 67 -19.12 13.06 20.32
C THR F 67 -20.12 11.94 20.45
N VAL F 68 -20.47 11.56 21.68
CA VAL F 68 -21.30 10.36 21.90
C VAL F 68 -22.57 10.66 22.71
N GLY F 69 -22.40 11.28 23.87
CA GLY F 69 -23.53 11.63 24.78
C GLY F 69 -24.32 12.86 24.34
N THR F 70 -24.85 12.78 23.12
CA THR F 70 -25.57 13.86 22.50
C THR F 70 -27.07 13.69 22.67
N PHE F 71 -27.78 14.82 22.54
CA PHE F 71 -29.22 14.82 22.49
C PHE F 71 -29.77 13.97 21.34
N GLU F 72 -29.16 14.06 20.16
CA GLU F 72 -29.61 13.29 19.00
C GLU F 72 -29.42 11.79 19.31
N MET F 73 -28.38 11.43 20.06
CA MET F 73 -28.16 10.04 20.42
C MET F 73 -29.25 9.56 21.42
N ALA F 74 -29.53 10.43 22.39
CA ALA F 74 -30.57 10.12 23.38
C ALA F 74 -31.93 9.87 22.73
N LYS F 75 -32.28 10.64 21.69
CA LYS F 75 -33.58 10.49 21.06
C LYS F 75 -33.75 9.09 20.46
N VAL F 76 -32.71 8.52 19.87
CA VAL F 76 -32.79 7.15 19.33
C VAL F 76 -32.69 6.11 20.48
N LEU F 77 -31.66 6.24 21.34
CA LEU F 77 -31.47 5.29 22.42
C LEU F 77 -32.67 5.09 23.32
N CYS F 78 -33.41 6.16 23.59
N CYS F 78 -33.39 6.18 23.58
CA CYS F 78 -34.57 6.03 24.46
CA CYS F 78 -34.63 6.15 24.37
C CYS F 78 -35.70 5.21 23.82
C CYS F 78 -35.67 5.19 23.81
N LYS F 79 -35.73 5.11 22.48
CA LYS F 79 -36.70 4.23 21.82
C LYS F 79 -36.43 2.75 22.11
N PHE F 80 -35.20 2.43 22.55
CA PHE F 80 -34.83 1.05 22.85
C PHE F 80 -34.69 0.89 24.34
N SER F 81 -35.10 1.90 25.11
CA SER F 81 -34.88 1.95 26.57
C SER F 81 -33.39 1.91 27.01
N LEU F 82 -32.51 2.39 26.15
CA LEU F 82 -31.11 2.63 26.52
C LEU F 82 -30.92 4.01 27.19
N PHE F 83 -29.77 4.15 27.86
CA PHE F 83 -29.46 5.27 28.75
C PHE F 83 -28.40 6.17 28.08
N THR F 84 -28.50 7.49 28.32
CA THR F 84 -27.53 8.43 27.79
C THR F 84 -27.00 9.32 28.89
N ALA F 85 -25.66 9.33 29.03
CA ALA F 85 -24.97 10.22 29.92
C ALA F 85 -24.59 11.41 29.05
N VAL F 86 -25.31 12.51 29.22
CA VAL F 86 -25.16 13.65 28.35
C VAL F 86 -23.83 14.30 28.63
N HIS F 87 -23.14 14.73 27.58
CA HIS F 87 -21.90 15.40 27.76
C HIS F 87 -22.06 16.79 28.45
N LYS F 88 -20.93 17.34 28.85
CA LYS F 88 -21.00 18.48 29.72
C LYS F 88 -20.80 19.82 29.03
N HIS F 89 -20.96 19.84 27.70
CA HIS F 89 -20.75 21.05 26.93
C HIS F 89 -22.01 21.58 26.28
N TYR F 90 -23.15 21.29 26.87
CA TYR F 90 -24.37 21.95 26.43
C TYR F 90 -24.69 23.13 27.33
N SER F 91 -25.21 24.21 26.76
CA SER F 91 -25.72 25.33 27.57
C SER F 91 -27.04 24.94 28.22
N LEU F 92 -27.42 25.72 29.23
CA LEU F 92 -28.72 25.57 29.89
C LEU F 92 -29.81 25.70 28.84
N VAL F 93 -29.65 26.66 27.95
CA VAL F 93 -30.64 26.94 26.91
C VAL F 93 -30.82 25.71 26.02
N GLN F 94 -29.70 25.12 25.59
CA GLN F 94 -29.75 23.87 24.79
C GLN F 94 -30.51 22.75 25.49
N TRP F 95 -30.21 22.56 26.76
CA TRP F 95 -30.90 21.61 27.60
C TRP F 95 -32.42 21.86 27.69
N GLN F 96 -32.78 23.13 27.90
CA GLN F 96 -34.20 23.51 28.02
C GLN F 96 -34.97 23.20 26.75
N GLU F 97 -34.40 23.57 25.60
CA GLU F 97 -35.04 23.26 24.33
C GLU F 97 -35.18 21.75 24.13
N PHE F 98 -34.09 21.02 24.39
CA PHE F 98 -34.18 19.58 24.26
C PHE F 98 -35.31 19.02 25.11
N ALA F 99 -35.35 19.38 26.39
CA ALA F 99 -36.38 18.87 27.27
C ALA F 99 -37.78 19.34 26.85
N GLY F 100 -37.92 20.59 26.43
CA GLY F 100 -39.22 21.10 25.97
C GLY F 100 -39.76 20.26 24.82
N GLN F 101 -38.89 20.00 23.85
CA GLN F 101 -39.25 19.23 22.66
C GLN F 101 -39.29 17.69 22.81
N ASN F 102 -38.64 17.15 23.83
CA ASN F 102 -38.49 15.69 23.96
C ASN F 102 -38.75 15.24 25.39
N PRO F 103 -39.96 15.55 25.92
CA PRO F 103 -40.32 15.22 27.31
C PRO F 103 -40.35 13.72 27.57
N ASP F 104 -40.52 12.92 26.53
CA ASP F 104 -40.43 11.47 26.67
C ASP F 104 -39.00 10.89 26.64
N CYS F 105 -37.97 11.72 26.49
CA CYS F 105 -36.58 11.20 26.41
C CYS F 105 -35.74 11.44 27.64
N LEU F 106 -36.38 11.77 28.76
CA LEU F 106 -35.67 12.31 29.92
C LEU F 106 -35.48 11.34 31.07
N GLU F 107 -36.13 10.18 31.02
CA GLU F 107 -36.04 9.27 32.15
C GLU F 107 -34.73 8.44 32.25
N HIS F 108 -34.09 8.13 31.13
CA HIS F 108 -32.80 7.42 31.17
C HIS F 108 -31.69 8.36 30.64
N LEU F 109 -31.47 9.43 31.40
CA LEU F 109 -30.60 10.54 31.02
C LEU F 109 -29.87 10.99 32.30
N ALA F 110 -28.54 11.14 32.23
CA ALA F 110 -27.79 11.81 33.29
C ALA F 110 -27.21 13.14 32.79
N ALA F 111 -27.19 14.14 33.67
CA ALA F 111 -26.35 15.31 33.44
C ALA F 111 -25.03 15.00 34.10
N SER F 112 -23.95 15.45 33.46
CA SER F 112 -22.60 15.12 33.86
C SER F 112 -21.83 16.34 34.38
N SER F 113 -20.84 16.07 35.23
CA SER F 113 -19.99 17.12 35.81
C SER F 113 -18.62 16.61 36.28
N GLY F 114 -17.62 17.47 36.12
CA GLY F 114 -16.33 17.34 36.79
C GLY F 114 -16.41 18.00 38.17
N THR F 115 -15.26 18.20 38.78
CA THR F 115 -15.18 18.75 40.13
C THR F 115 -15.13 20.29 40.22
N GLY F 116 -14.98 20.97 39.08
CA GLY F 116 -14.88 22.44 39.11
C GLY F 116 -16.11 23.18 39.65
N SER F 117 -15.86 24.37 40.21
CA SER F 117 -16.92 25.32 40.60
C SER F 117 -17.90 25.57 39.49
N SER F 118 -17.38 25.84 38.29
CA SER F 118 -18.22 26.11 37.13
C SER F 118 -19.06 24.90 36.74
N ASP F 119 -18.44 23.72 36.77
CA ASP F 119 -19.10 22.48 36.43
C ASP F 119 -20.32 22.27 37.32
N PHE F 120 -20.11 22.35 38.63
CA PHE F 120 -21.16 22.05 39.59
C PHE F 120 -22.35 23.03 39.48
N GLU F 121 -22.02 24.28 39.21
CA GLU F 121 -22.98 25.35 39.08
C GLU F 121 -23.83 25.12 37.83
N GLN F 122 -23.17 24.78 36.71
CA GLN F 122 -23.85 24.37 35.47
C GLN F 122 -24.82 23.23 35.75
N LEU F 123 -24.33 22.26 36.51
CA LEU F 123 -25.08 21.06 36.78
C LEU F 123 -26.34 21.41 37.54
N GLU F 124 -26.18 22.13 38.64
CA GLU F 124 -27.27 22.60 39.50
C GLU F 124 -28.37 23.32 38.73
N GLN F 125 -27.98 24.20 37.82
CA GLN F 125 -28.95 24.93 37.00
C GLN F 125 -29.78 24.03 36.10
N ILE F 126 -29.13 23.01 35.54
CA ILE F 126 -29.81 22.03 34.70
C ILE F 126 -30.80 21.25 35.53
N LEU F 127 -30.33 20.74 36.67
CA LEU F 127 -31.16 19.91 37.54
C LEU F 127 -32.38 20.63 38.12
N GLU F 128 -32.22 21.91 38.39
CA GLU F 128 -33.32 22.73 38.92
C GLU F 128 -34.30 23.06 37.80
N ALA F 129 -33.78 23.43 36.63
CA ALA F 129 -34.60 23.74 35.47
C ALA F 129 -35.36 22.55 34.89
N ILE F 130 -34.77 21.35 35.05
CA ILE F 130 -35.33 20.13 34.45
C ILE F 130 -35.43 19.01 35.47
N PRO F 131 -36.46 19.07 36.33
CA PRO F 131 -36.58 18.12 37.41
C PRO F 131 -36.84 16.70 36.94
N GLN F 132 -37.13 16.53 35.65
CA GLN F 132 -37.30 15.20 35.07
C GLN F 132 -35.95 14.44 35.01
N VAL F 133 -34.83 15.18 34.97
CA VAL F 133 -33.50 14.58 35.00
C VAL F 133 -33.17 14.09 36.41
N LYS F 134 -33.04 12.77 36.57
CA LYS F 134 -32.94 12.15 37.89
C LYS F 134 -31.60 11.48 38.19
N TYR F 135 -30.67 11.60 37.24
CA TYR F 135 -29.34 10.97 37.32
C TYR F 135 -28.26 12.00 37.10
N ILE F 136 -27.17 11.84 37.86
CA ILE F 136 -26.02 12.73 37.78
C ILE F 136 -24.81 11.85 37.48
N CYS F 137 -23.97 12.27 36.54
CA CYS F 137 -22.75 11.52 36.23
C CYS F 137 -21.54 12.36 36.65
N LEU F 138 -20.97 12.06 37.80
CA LEU F 138 -19.76 12.74 38.30
C LEU F 138 -18.54 11.96 37.82
N ASP F 139 -17.70 12.66 37.08
CA ASP F 139 -16.78 12.00 36.17
C ASP F 139 -15.43 12.69 36.22
N VAL F 140 -14.42 11.99 36.73
CA VAL F 140 -13.01 12.40 36.62
C VAL F 140 -12.14 11.20 36.12
N ALA F 141 -10.96 11.51 35.59
CA ALA F 141 -9.95 10.48 35.22
C ALA F 141 -9.48 9.71 36.45
N ASN F 142 -9.26 10.43 37.54
CA ASN F 142 -8.79 9.80 38.77
C ASN F 142 -9.73 9.90 39.96
N GLY F 143 -10.60 8.90 40.06
CA GLY F 143 -11.52 8.75 41.17
C GLY F 143 -10.91 8.32 42.48
N TYR F 144 -9.58 8.22 42.55
CA TYR F 144 -8.86 7.91 43.79
C TYR F 144 -8.49 9.12 44.72
N SER F 145 -8.69 10.35 44.24
CA SER F 145 -8.37 11.54 45.04
C SER F 145 -9.44 11.80 46.13
N GLU F 146 -8.97 12.16 47.31
CA GLU F 146 -9.86 12.61 48.36
C GLU F 146 -10.69 13.82 47.93
N HIS F 147 -10.14 14.65 47.06
CA HIS F 147 -10.87 15.76 46.45
C HIS F 147 -12.17 15.30 45.74
N PHE F 148 -12.08 14.22 44.97
CA PHE F 148 -13.26 13.64 44.34
C PHE F 148 -14.26 13.02 45.36
N VAL F 149 -13.73 12.28 46.33
CA VAL F 149 -14.54 11.72 47.39
C VAL F 149 -15.35 12.81 48.07
N GLU F 150 -14.69 13.93 48.39
CA GLU F 150 -15.37 15.01 49.10
C GLU F 150 -16.41 15.71 48.22
N PHE F 151 -16.12 15.77 46.91
CA PHE F 151 -17.04 16.33 45.93
C PHE F 151 -18.30 15.45 45.84
N VAL F 152 -18.07 14.15 45.79
CA VAL F 152 -19.21 13.20 45.75
C VAL F 152 -20.11 13.45 46.98
N LYS F 153 -19.46 13.55 48.14
CA LYS F 153 -20.15 13.86 49.39
C LYS F 153 -21.00 15.14 49.30
N ASP F 154 -20.42 16.20 48.77
CA ASP F 154 -21.13 17.46 48.54
C ASP F 154 -22.35 17.32 47.60
N VAL F 155 -22.18 16.62 46.49
CA VAL F 155 -23.26 16.48 45.53
C VAL F 155 -24.39 15.69 46.15
N ARG F 156 -24.06 14.65 46.93
CA ARG F 156 -25.08 13.85 47.62
C ARG F 156 -25.91 14.70 48.63
N LYS F 157 -25.24 15.62 49.32
CA LYS F 157 -25.89 16.52 50.26
C LYS F 157 -26.85 17.43 49.50
N ARG F 158 -26.35 18.04 48.43
CA ARG F 158 -27.16 18.92 47.62
C ARG F 158 -28.32 18.19 46.97
N PHE F 159 -28.10 16.97 46.44
CA PHE F 159 -29.19 16.27 45.70
C PHE F 159 -29.46 14.88 46.29
N PRO F 160 -30.14 14.83 47.45
CA PRO F 160 -30.34 13.57 48.14
C PRO F 160 -31.17 12.52 47.41
N GLN F 161 -32.05 12.93 46.50
CA GLN F 161 -32.90 11.98 45.78
C GLN F 161 -32.42 11.69 44.36
N HIS F 162 -31.37 12.35 43.91
CA HIS F 162 -30.80 12.03 42.60
C HIS F 162 -29.91 10.79 42.68
N THR F 163 -29.93 9.99 41.61
CA THR F 163 -29.00 8.86 41.48
C THR F 163 -27.62 9.34 40.93
N ILE F 164 -26.58 9.06 41.71
CA ILE F 164 -25.22 9.51 41.39
C ILE F 164 -24.38 8.32 40.88
N MET F 165 -23.88 8.49 39.66
CA MET F 165 -22.91 7.62 39.05
C MET F 165 -21.61 8.35 39.33
N ALA F 166 -20.60 7.64 39.83
CA ALA F 166 -19.30 8.28 40.07
C ALA F 166 -18.11 7.38 39.70
N GLY F 167 -17.12 7.94 39.02
CA GLY F 167 -15.83 7.27 38.76
C GLY F 167 -14.78 8.21 38.18
N ASN F 168 -13.64 7.69 37.72
CA ASN F 168 -13.46 6.25 37.49
C ASN F 168 -12.44 5.64 38.43
N VAL F 169 -12.71 4.39 38.81
CA VAL F 169 -11.80 3.60 39.61
C VAL F 169 -11.70 2.17 39.05
N VAL F 170 -10.75 1.37 39.56
CA VAL F 170 -10.62 -0.03 39.08
C VAL F 170 -10.50 -1.10 40.16
N THR F 171 -10.58 -0.69 41.42
CA THR F 171 -10.34 -1.57 42.55
C THR F 171 -11.37 -1.38 43.66
N GLY F 172 -11.53 -2.43 44.43
CA GLY F 172 -12.68 -2.58 45.32
C GLY F 172 -12.72 -1.62 46.49
N GLU F 173 -11.56 -1.31 47.05
CA GLU F 173 -11.50 -0.36 48.17
C GLU F 173 -12.08 1.01 47.79
N MET F 174 -11.83 1.45 46.55
CA MET F 174 -12.27 2.77 46.13
C MET F 174 -13.72 2.70 45.75
N VAL F 175 -14.15 1.58 45.21
CA VAL F 175 -15.57 1.37 44.95
C VAL F 175 -16.35 1.54 46.26
N GLU F 176 -15.92 0.81 47.30
CA GLU F 176 -16.56 0.86 48.63
C GLU F 176 -16.59 2.27 49.23
N GLU F 177 -15.47 2.95 49.24
CA GLU F 177 -15.38 4.31 49.77
C GLU F 177 -16.34 5.26 49.06
N LEU F 178 -16.39 5.22 47.73
CA LEU F 178 -17.28 6.10 46.99
C LEU F 178 -18.74 5.81 47.22
N ILE F 179 -19.09 4.53 47.29
CA ILE F 179 -20.46 4.15 47.65
C ILE F 179 -20.85 4.68 49.04
N LEU F 180 -20.00 4.38 50.03
CA LEU F 180 -20.17 4.89 51.38
C LEU F 180 -20.18 6.45 51.48
N SER F 181 -19.59 7.12 50.49
CA SER F 181 -19.59 8.59 50.46
C SER F 181 -20.82 9.18 49.78
N GLY F 182 -21.66 8.32 49.21
CA GLY F 182 -22.91 8.76 48.65
C GLY F 182 -23.23 8.34 47.23
N ALA F 183 -22.27 7.76 46.51
CA ALA F 183 -22.47 7.45 45.09
C ALA F 183 -23.30 6.20 45.03
N ASP F 184 -24.17 6.11 44.04
CA ASP F 184 -25.00 4.88 43.88
C ASP F 184 -24.37 3.83 42.97
N ILE F 185 -23.80 4.31 41.87
CA ILE F 185 -23.22 3.47 40.80
C ILE F 185 -21.79 3.95 40.50
N ILE F 186 -20.84 3.03 40.57
CA ILE F 186 -19.44 3.34 40.36
C ILE F 186 -19.01 2.99 38.93
N LYS F 187 -18.39 3.97 38.28
CA LYS F 187 -17.90 3.83 36.92
C LYS F 187 -16.48 3.21 36.97
N VAL F 188 -16.36 2.03 36.37
CA VAL F 188 -15.15 1.25 36.46
C VAL F 188 -14.38 1.31 35.14
N GLY F 189 -13.11 1.67 35.22
CA GLY F 189 -12.25 1.69 34.07
C GLY F 189 -11.25 2.81 34.11
N ILE F 190 -9.96 2.45 34.10
CA ILE F 190 -8.87 3.45 33.89
C ILE F 190 -7.98 2.99 32.74
N GLY F 191 -8.05 3.68 31.63
CA GLY F 191 -7.19 3.36 30.50
C GLY F 191 -7.63 2.37 29.43
N PRO F 192 -8.80 1.69 29.57
CA PRO F 192 -9.16 0.75 28.49
C PRO F 192 -9.81 1.38 27.24
N GLY F 193 -10.17 2.66 27.29
CA GLY F 193 -10.96 3.29 26.24
C GLY F 193 -10.25 3.39 24.92
N SER F 194 -11.01 3.23 23.83
CA SER F 194 -10.46 3.25 22.47
C SER F 194 -9.66 4.51 22.09
N VAL F 195 -9.99 5.67 22.62
CA VAL F 195 -9.17 6.87 22.36
C VAL F 195 -8.47 7.41 23.62
N CYS F 196 -8.28 6.52 24.58
CA CYS F 196 -7.57 6.83 25.80
C CYS F 196 -6.10 6.53 25.61
N THR F 197 -5.24 7.41 26.16
CA THR F 197 -3.77 7.18 26.12
C THR F 197 -3.15 7.17 27.52
N THR F 198 -3.99 7.12 28.56
CA THR F 198 -3.49 6.97 29.93
C THR F 198 -2.38 5.95 30.12
N ARG F 199 -2.54 4.78 29.53
CA ARG F 199 -1.54 3.71 29.71
C ARG F 199 -0.17 4.03 29.14
N LYS F 200 -0.14 4.61 27.94
CA LYS F 200 1.11 5.06 27.29
C LYS F 200 1.71 6.33 27.96
N LYS F 201 0.86 7.23 28.42
CA LYS F 201 1.33 8.47 29.04
C LYS F 201 1.78 8.32 30.48
N THR F 202 1.23 7.35 31.20
CA THR F 202 1.42 7.24 32.65
C THR F 202 1.77 5.86 33.20
N GLY F 203 1.49 4.81 32.40
CA GLY F 203 1.72 3.41 32.76
C GLY F 203 0.69 2.89 33.74
N VAL F 204 -0.33 3.70 34.00
CA VAL F 204 -1.38 3.37 34.99
C VAL F 204 -2.59 2.71 34.32
N GLY F 205 -3.07 1.67 34.96
CA GLY F 205 -4.32 1.08 34.55
C GLY F 205 -4.60 -0.25 35.19
N TYR F 206 -5.49 -0.99 34.56
CA TYR F 206 -5.93 -2.28 35.07
C TYR F 206 -6.72 -2.99 33.99
N PRO F 207 -6.50 -4.30 33.81
CA PRO F 207 -7.28 -5.07 32.83
C PRO F 207 -8.77 -4.99 33.13
N GLN F 208 -9.54 -4.63 32.14
CA GLN F 208 -10.93 -4.24 32.36
C GLN F 208 -11.83 -5.33 32.90
N LEU F 209 -11.69 -6.57 32.43
CA LEU F 209 -12.55 -7.66 32.91
C LEU F 209 -12.22 -7.99 34.36
N SER F 210 -10.95 -8.09 34.69
CA SER F 210 -10.54 -8.19 36.10
C SER F 210 -11.07 -7.05 36.98
N ALA F 211 -11.00 -5.83 36.44
CA ALA F 211 -11.50 -4.69 37.16
C ALA F 211 -12.99 -4.83 37.42
N VAL F 212 -13.76 -5.13 36.37
CA VAL F 212 -15.20 -5.34 36.52
C VAL F 212 -15.54 -6.45 37.54
N MET F 213 -14.87 -7.59 37.48
CA MET F 213 -15.16 -8.69 38.44
C MET F 213 -14.95 -8.23 39.89
N GLU F 214 -13.80 -7.63 40.15
CA GLU F 214 -13.45 -7.16 41.47
C GLU F 214 -14.38 -6.02 41.95
N CYS F 215 -14.67 -5.06 41.08
CA CYS F 215 -15.45 -3.91 41.50
C CYS F 215 -16.90 -4.31 41.69
N ALA F 216 -17.37 -5.27 40.91
CA ALA F 216 -18.76 -5.75 41.00
C ALA F 216 -18.98 -6.41 42.35
N ASP F 217 -18.06 -7.28 42.77
CA ASP F 217 -18.17 -7.92 44.08
C ASP F 217 -18.19 -6.88 45.19
N ALA F 218 -17.24 -5.94 45.18
CA ALA F 218 -17.23 -4.85 46.18
C ALA F 218 -18.55 -4.02 46.22
N ALA F 219 -19.05 -3.60 45.05
CA ALA F 219 -20.29 -2.83 44.98
C ALA F 219 -21.48 -3.62 45.49
N HIS F 220 -21.62 -4.84 45.01
CA HIS F 220 -22.77 -5.66 45.31
C HIS F 220 -22.81 -6.08 46.79
N GLY F 221 -21.64 -6.23 47.41
CA GLY F 221 -21.52 -6.41 48.87
C GLY F 221 -22.17 -5.31 49.68
N LEU F 222 -22.20 -4.08 49.16
CA LEU F 222 -22.82 -2.94 49.81
C LEU F 222 -24.15 -2.62 49.15
N LYS F 223 -24.66 -3.48 48.29
CA LYS F 223 -25.91 -3.22 47.58
C LYS F 223 -25.84 -2.03 46.64
N GLY F 224 -24.62 -1.70 46.19
CA GLY F 224 -24.44 -0.74 45.11
C GLY F 224 -24.36 -1.41 43.73
N HIS F 225 -23.93 -0.65 42.75
CA HIS F 225 -23.94 -1.05 41.38
C HIS F 225 -22.69 -0.52 40.69
N ILE F 226 -22.34 -1.12 39.55
CA ILE F 226 -21.25 -0.57 38.72
C ILE F 226 -21.58 -0.42 37.25
N ILE F 227 -20.75 0.40 36.60
CA ILE F 227 -20.77 0.58 35.16
C ILE F 227 -19.39 0.13 34.66
N SER F 228 -19.36 -0.82 33.72
CA SER F 228 -18.12 -1.12 33.01
C SER F 228 -17.97 -0.04 31.95
N ASP F 229 -17.01 0.87 32.15
CA ASP F 229 -16.78 2.01 31.27
C ASP F 229 -15.50 1.85 30.44
N GLY F 230 -15.69 1.56 29.15
CA GLY F 230 -14.60 1.49 28.20
C GLY F 230 -14.13 0.10 27.80
N GLY F 231 -13.55 0.02 26.61
CA GLY F 231 -12.87 -1.19 26.18
C GLY F 231 -13.72 -2.15 25.38
N CYS F 232 -15.03 -1.91 25.24
CA CYS F 232 -15.85 -2.77 24.35
C CYS F 232 -15.76 -2.36 22.90
N SER F 233 -15.48 -3.29 22.02
CA SER F 233 -15.44 -2.95 20.61
C SER F 233 -16.32 -3.85 19.77
N CYS F 234 -17.03 -4.79 20.38
CA CYS F 234 -18.03 -5.59 19.71
C CYS F 234 -19.10 -5.98 20.72
N PRO F 235 -20.24 -6.48 20.24
CA PRO F 235 -21.27 -6.91 21.18
C PRO F 235 -20.86 -7.98 22.15
N GLY F 236 -20.02 -8.90 21.72
CA GLY F 236 -19.45 -9.91 22.66
C GLY F 236 -18.73 -9.36 23.86
N ASP F 237 -18.03 -8.24 23.70
CA ASP F 237 -17.36 -7.55 24.83
C ASP F 237 -18.38 -7.04 25.86
N VAL F 238 -19.47 -6.46 25.34
CA VAL F 238 -20.57 -5.97 26.20
C VAL F 238 -21.15 -7.14 26.99
N ALA F 239 -21.36 -8.27 26.30
CA ALA F 239 -21.87 -9.47 26.91
C ALA F 239 -20.95 -9.99 28.00
N LYS F 240 -19.65 -9.99 27.72
CA LYS F 240 -18.64 -10.39 28.72
C LYS F 240 -18.65 -9.49 29.95
N ALA F 241 -18.73 -8.17 29.74
CA ALA F 241 -18.80 -7.24 30.86
C ALA F 241 -20.02 -7.55 31.79
N PHE F 242 -21.23 -7.63 31.22
CA PHE F 242 -22.42 -8.02 31.97
C PHE F 242 -22.23 -9.37 32.65
N GLY F 243 -21.61 -10.31 31.92
CA GLY F 243 -21.30 -11.64 32.45
C GLY F 243 -20.39 -11.63 33.68
N ALA F 244 -19.50 -10.64 33.72
CA ALA F 244 -18.53 -10.49 34.80
C ALA F 244 -19.18 -9.79 36.01
N GLY F 245 -20.43 -9.38 35.83
CA GLY F 245 -21.25 -8.82 36.90
C GLY F 245 -21.43 -7.33 36.80
N ALA F 246 -21.06 -6.69 35.68
CA ALA F 246 -21.38 -5.30 35.54
C ALA F 246 -22.89 -5.12 35.50
N ASP F 247 -23.38 -4.12 36.23
CA ASP F 247 -24.81 -3.77 36.20
C ASP F 247 -25.18 -2.97 34.94
N PHE F 248 -24.31 -2.04 34.57
CA PHE F 248 -24.41 -1.28 33.32
C PHE F 248 -23.10 -1.43 32.52
N VAL F 249 -23.16 -1.19 31.22
CA VAL F 249 -21.98 -1.11 30.38
C VAL F 249 -22.08 0.21 29.64
N MET F 250 -20.98 0.99 29.67
CA MET F 250 -20.94 2.29 28.97
C MET F 250 -20.08 2.20 27.73
N LEU F 251 -20.59 2.76 26.65
CA LEU F 251 -19.97 2.73 25.35
C LEU F 251 -19.66 4.12 24.78
N GLY F 252 -18.39 4.28 24.32
CA GLY F 252 -17.94 5.43 23.53
C GLY F 252 -17.76 5.03 22.08
N GLY F 253 -16.62 4.40 21.78
CA GLY F 253 -16.22 4.08 20.41
C GLY F 253 -17.25 3.37 19.60
N MET F 254 -17.97 2.41 20.21
CA MET F 254 -18.95 1.65 19.44
C MET F 254 -20.13 2.52 19.00
N LEU F 255 -20.30 3.68 19.64
CA LEU F 255 -21.39 4.59 19.31
C LEU F 255 -20.94 5.83 18.55
N ALA F 256 -19.63 6.03 18.48
CA ALA F 256 -19.06 7.09 17.64
C ALA F 256 -19.26 6.81 16.14
N GLY F 257 -19.17 7.87 15.33
CA GLY F 257 -19.17 7.75 13.89
C GLY F 257 -20.55 7.60 13.23
N HIS F 258 -21.62 7.83 14.01
CA HIS F 258 -22.98 7.71 13.48
C HIS F 258 -23.53 9.09 13.13
N SER F 259 -24.68 9.10 12.45
CA SER F 259 -25.40 10.36 12.16
C SER F 259 -25.67 11.15 13.41
N GLU F 260 -26.04 10.44 14.47
CA GLU F 260 -26.44 11.04 15.74
C GLU F 260 -25.26 11.42 16.63
N SER F 261 -24.06 10.96 16.26
CA SER F 261 -22.85 11.25 16.98
C SER F 261 -22.40 12.67 16.65
N GLY F 262 -21.75 13.31 17.61
CA GLY F 262 -21.00 14.50 17.35
C GLY F 262 -19.72 14.13 16.61
N GLY F 263 -18.87 15.12 16.41
CA GLY F 263 -17.66 14.92 15.61
C GLY F 263 -17.97 15.34 14.20
N GLU F 264 -17.06 16.08 13.60
CA GLU F 264 -17.28 16.63 12.27
C GLU F 264 -17.34 15.49 11.27
N LEU F 265 -18.31 15.56 10.36
CA LEU F 265 -18.37 14.74 9.14
C LEU F 265 -17.38 15.23 8.10
N ILE F 266 -16.46 14.36 7.76
CA ILE F 266 -15.36 14.67 6.87
C ILE F 266 -15.43 13.76 5.65
N GLU F 267 -15.60 14.36 4.48
CA GLU F 267 -15.57 13.61 3.24
C GLU F 267 -14.27 13.90 2.51
N ARG F 268 -13.42 12.91 2.44
CA ARG F 268 -12.12 13.05 1.80
C ARG F 268 -11.75 11.72 1.15
N ASP F 269 -11.13 11.82 -0.03
CA ASP F 269 -10.68 10.64 -0.81
C ASP F 269 -11.79 9.65 -1.18
N GLY F 270 -12.96 10.19 -1.46
CA GLY F 270 -14.11 9.38 -1.81
C GLY F 270 -14.83 8.74 -0.64
N LYS F 271 -14.37 8.97 0.59
CA LYS F 271 -14.94 8.27 1.77
C LYS F 271 -15.42 9.25 2.82
N LYS F 272 -16.23 8.74 3.74
CA LYS F 272 -16.81 9.57 4.78
C LYS F 272 -16.31 9.09 6.12
N TYR F 273 -15.91 10.06 6.94
CA TYR F 273 -15.38 9.85 8.27
C TYR F 273 -16.03 10.81 9.23
N LYS F 274 -15.92 10.44 10.49
CA LYS F 274 -16.26 11.27 11.62
C LYS F 274 -15.12 11.24 12.62
N LEU F 275 -14.78 12.43 13.11
CA LEU F 275 -13.90 12.61 14.23
C LEU F 275 -14.46 12.02 15.52
N PHE F 276 -13.53 11.42 16.26
CA PHE F 276 -13.78 10.88 17.61
C PHE F 276 -12.50 11.06 18.39
N TYR F 277 -12.61 11.58 19.59
CA TYR F 277 -11.45 11.95 20.38
C TYR F 277 -11.71 11.87 21.88
N GLY F 278 -10.63 11.68 22.61
CA GLY F 278 -10.71 11.60 24.05
C GLY F 278 -11.03 12.97 24.62
N MET F 279 -11.72 12.97 25.74
CA MET F 279 -12.08 14.22 26.39
C MET F 279 -10.91 14.97 27.05
N SER F 280 -9.75 14.29 27.14
CA SER F 280 -8.53 14.93 27.58
C SER F 280 -7.49 14.91 26.44
N SER F 281 -7.96 14.72 25.20
CA SER F 281 -7.09 14.92 24.04
C SER F 281 -6.82 16.43 23.90
N GLU F 282 -5.73 16.79 23.23
CA GLU F 282 -5.55 18.18 22.79
C GLU F 282 -6.71 18.74 21.96
N MET F 283 -7.31 17.91 21.12
CA MET F 283 -8.48 18.36 20.33
C MET F 283 -9.63 18.84 21.24
N ALA F 284 -9.97 18.00 22.22
CA ALA F 284 -10.95 18.39 23.21
C ALA F 284 -10.53 19.64 24.01
N MET F 285 -9.33 19.65 24.59
CA MET F 285 -8.83 20.78 25.40
C MET F 285 -8.82 22.07 24.61
N LYS F 286 -8.31 22.02 23.38
CA LYS F 286 -8.29 23.19 22.50
C LYS F 286 -9.71 23.68 22.26
N LYS F 287 -10.61 22.75 21.98
CA LYS F 287 -12.01 23.07 21.68
C LYS F 287 -12.67 23.89 22.77
N TYR F 288 -12.45 23.54 24.02
CA TYR F 288 -13.19 24.17 25.09
C TYR F 288 -12.35 25.21 25.83
N ALA F 297 -1.19 18.99 28.98
CA ALA F 297 -1.06 17.60 29.49
C ALA F 297 -2.26 16.75 28.98
N SER F 298 -1.99 15.70 28.22
CA SER F 298 -3.03 14.99 27.50
C SER F 298 -3.03 13.47 27.80
N GLU F 299 -4.22 12.90 27.94
CA GLU F 299 -4.37 11.43 28.11
C GLU F 299 -5.41 10.83 27.14
N GLY F 300 -5.62 11.54 26.02
CA GLY F 300 -6.51 11.10 24.98
C GLY F 300 -5.95 11.43 23.62
N LYS F 301 -6.50 10.77 22.61
CA LYS F 301 -6.09 10.92 21.25
C LYS F 301 -7.32 11.16 20.36
N THR F 302 -7.04 11.47 19.10
CA THR F 302 -8.04 11.70 18.06
C THR F 302 -7.90 10.63 17.01
N VAL F 303 -9.05 10.11 16.56
CA VAL F 303 -9.12 9.25 15.39
C VAL F 303 -10.24 9.73 14.46
N GLU F 304 -10.17 9.26 13.22
CA GLU F 304 -11.27 9.40 12.30
C GLU F 304 -11.88 8.01 11.98
N VAL F 305 -13.15 7.90 12.30
CA VAL F 305 -13.92 6.65 12.22
C VAL F 305 -14.67 6.68 10.88
N PRO F 306 -14.60 5.59 10.07
CA PRO F 306 -15.46 5.53 8.88
C PRO F 306 -16.93 5.68 9.29
N PHE F 307 -17.66 6.49 8.54
CA PHE F 307 -19.02 6.83 8.87
C PHE F 307 -19.90 5.57 8.89
N LYS F 308 -20.73 5.44 9.93
CA LYS F 308 -21.46 4.23 10.14
C LYS F 308 -22.96 4.39 9.80
N GLY F 309 -23.41 5.61 9.48
CA GLY F 309 -24.86 5.82 9.29
C GLY F 309 -25.62 5.90 10.59
N ASP F 310 -26.91 5.52 10.55
CA ASP F 310 -27.83 5.73 11.67
C ASP F 310 -27.57 4.75 12.84
N VAL F 311 -27.44 5.29 14.05
CA VAL F 311 -27.11 4.44 15.23
C VAL F 311 -28.10 3.29 15.48
N GLU F 312 -29.33 3.45 15.01
CA GLU F 312 -30.38 2.45 15.22
C GLU F 312 -29.97 1.03 14.82
N HIS F 313 -29.34 0.89 13.66
CA HIS F 313 -28.88 -0.43 13.19
C HIS F 313 -27.77 -1.02 14.09
N THR F 314 -26.92 -0.14 14.63
CA THR F 314 -25.89 -0.55 15.61
C THR F 314 -26.49 -1.01 16.92
N ILE F 315 -27.48 -0.29 17.43
CA ILE F 315 -28.19 -0.70 18.65
C ILE F 315 -28.83 -2.08 18.43
N ARG F 316 -29.46 -2.29 17.28
CA ARG F 316 -30.11 -3.59 16.99
C ARG F 316 -29.07 -4.71 16.92
N ASP F 317 -27.91 -4.43 16.30
CA ASP F 317 -26.82 -5.41 16.29
C ASP F 317 -26.32 -5.76 17.70
N ILE F 318 -26.16 -4.77 18.57
CA ILE F 318 -25.67 -5.00 19.92
C ILE F 318 -26.65 -5.79 20.77
N LEU F 319 -27.93 -5.42 20.76
CA LEU F 319 -28.90 -6.10 21.57
C LEU F 319 -29.13 -7.52 21.06
N GLY F 320 -29.10 -7.69 19.75
CA GLY F 320 -29.17 -9.02 19.11
C GLY F 320 -28.06 -9.93 19.56
N GLY F 321 -26.83 -9.38 19.58
CA GLY F 321 -25.69 -10.15 20.02
C GLY F 321 -25.89 -10.64 21.45
N ILE F 322 -26.26 -9.73 22.34
CA ILE F 322 -26.42 -10.06 23.75
C ILE F 322 -27.62 -11.01 24.01
N ARG F 323 -28.73 -10.84 23.28
CA ARG F 323 -29.83 -11.82 23.35
C ARG F 323 -29.32 -13.21 23.01
N SER F 324 -28.49 -13.32 21.99
CA SER F 324 -27.89 -14.60 21.65
C SER F 324 -26.97 -15.11 22.70
N THR F 325 -26.16 -14.25 23.29
CA THR F 325 -25.39 -14.66 24.47
C THR F 325 -26.29 -15.28 25.52
N CYS F 326 -27.36 -14.57 25.91
CA CYS F 326 -28.25 -15.10 26.93
C CYS F 326 -28.77 -16.46 26.52
N THR F 327 -29.17 -16.59 25.25
CA THR F 327 -29.71 -17.84 24.74
C THR F 327 -28.66 -18.98 24.87
N TYR F 328 -27.41 -18.68 24.47
CA TYR F 328 -26.33 -19.68 24.53
C TYR F 328 -26.05 -20.14 25.95
N VAL F 329 -26.34 -19.33 26.97
CA VAL F 329 -26.08 -19.77 28.35
C VAL F 329 -27.35 -20.14 29.15
N GLY F 330 -28.51 -20.02 28.52
CA GLY F 330 -29.77 -20.40 29.14
C GLY F 330 -30.45 -19.33 29.96
N ALA F 331 -30.07 -18.06 29.76
CA ALA F 331 -30.59 -16.95 30.49
C ALA F 331 -31.81 -16.36 29.80
N ALA F 332 -32.97 -16.43 30.49
CA ALA F 332 -34.21 -15.87 29.96
C ALA F 332 -34.23 -14.35 30.10
N LYS F 333 -33.50 -13.85 31.09
CA LYS F 333 -33.42 -12.43 31.39
C LYS F 333 -31.95 -12.03 31.62
N LEU F 334 -31.62 -10.76 31.40
CA LEU F 334 -30.22 -10.29 31.58
C LEU F 334 -29.70 -10.44 33.01
N LYS F 335 -30.63 -10.32 33.96
CA LYS F 335 -30.33 -10.54 35.38
C LYS F 335 -29.68 -11.92 35.64
N GLU F 336 -29.97 -12.89 34.77
CA GLU F 336 -29.45 -14.24 34.93
C GLU F 336 -28.08 -14.48 34.32
N LEU F 337 -27.67 -13.57 33.46
CA LEU F 337 -26.44 -13.78 32.71
C LEU F 337 -25.22 -14.00 33.60
N SER F 338 -24.98 -13.13 34.57
CA SER F 338 -23.76 -13.30 35.37
C SER F 338 -23.76 -14.62 36.09
N ARG F 339 -24.89 -15.02 36.64
CA ARG F 339 -24.94 -16.30 37.31
C ARG F 339 -24.72 -17.48 36.38
N ARG F 340 -25.10 -17.37 35.12
CA ARG F 340 -24.88 -18.48 34.19
C ARG F 340 -23.56 -18.38 33.42
N THR F 341 -22.76 -17.37 33.73
CA THR F 341 -21.47 -17.18 33.08
C THR F 341 -20.35 -17.95 33.74
N THR F 342 -19.72 -18.81 32.93
CA THR F 342 -18.44 -19.41 33.17
C THR F 342 -17.48 -18.99 32.02
N PHE F 343 -16.41 -18.29 32.39
CA PHE F 343 -15.45 -17.84 31.40
C PHE F 343 -14.45 -18.92 31.10
N ILE F 344 -14.12 -19.05 29.82
CA ILE F 344 -13.05 -19.91 29.36
C ILE F 344 -11.89 -19.01 28.90
N ARG F 345 -10.76 -19.17 29.58
CA ARG F 345 -9.46 -18.54 29.24
C ARG F 345 -8.96 -19.01 27.89
N VAL F 346 -8.70 -18.08 26.98
CA VAL F 346 -8.20 -18.44 25.66
C VAL F 346 -6.81 -17.87 25.43
N THR F 347 -6.02 -18.55 24.61
CA THR F 347 -4.63 -18.13 24.29
C THR F 347 -4.66 -16.88 23.41
N SER G 19 8.71 -25.29 26.20
CA SER G 19 8.97 -25.61 24.75
C SER G 19 9.55 -24.44 23.94
N LEU G 20 10.88 -24.39 23.88
CA LEU G 20 11.59 -23.20 23.47
C LEU G 20 12.03 -23.15 22.01
N ASP G 21 11.78 -21.99 21.42
CA ASP G 21 12.36 -21.61 20.14
C ASP G 21 13.41 -20.52 20.41
N PHE G 22 14.22 -20.20 19.41
CA PHE G 22 15.28 -19.19 19.59
C PHE G 22 14.71 -17.88 20.12
N LYS G 23 13.56 -17.49 19.57
CA LYS G 23 12.96 -16.21 19.94
C LYS G 23 12.53 -16.15 21.40
N ASP G 24 12.45 -17.27 22.10
CA ASP G 24 11.96 -17.29 23.50
C ASP G 24 13.03 -17.04 24.54
N VAL G 25 14.29 -16.87 24.12
CA VAL G 25 15.40 -16.70 25.06
C VAL G 25 16.41 -15.64 24.62
N LEU G 26 17.14 -15.15 25.61
CA LEU G 26 18.39 -14.40 25.44
C LEU G 26 19.47 -15.07 26.30
N LEU G 27 20.72 -14.82 25.97
CA LEU G 27 21.83 -15.22 26.83
C LEU G 27 22.17 -14.13 27.83
N ARG G 28 22.30 -14.51 29.10
CA ARG G 28 22.77 -13.58 30.13
C ARG G 28 24.27 -13.23 29.94
N PRO G 29 24.63 -11.94 30.00
CA PRO G 29 26.06 -11.62 29.99
C PRO G 29 26.72 -12.03 31.29
N LYS G 30 28.04 -12.21 31.26
CA LYS G 30 28.78 -12.65 32.44
C LYS G 30 30.14 -11.97 32.53
N ARG G 31 30.55 -11.79 33.79
CA ARG G 31 31.91 -11.37 34.17
C ARG G 31 32.95 -12.14 33.38
N SER G 32 33.86 -11.41 32.75
CA SER G 32 34.94 -12.03 32.03
C SER G 32 36.29 -11.38 32.28
N THR G 33 37.32 -12.11 31.89
CA THR G 33 38.68 -11.68 32.03
C THR G 33 39.45 -11.83 30.70
N LEU G 34 38.77 -11.69 29.58
CA LEU G 34 39.39 -11.94 28.29
C LEU G 34 40.51 -10.93 28.00
N GLU G 39 41.39 -12.09 21.34
CA GLU G 39 40.40 -12.48 20.34
C GLU G 39 39.80 -13.88 20.56
N VAL G 40 38.50 -13.97 20.21
CA VAL G 40 37.74 -15.19 20.40
C VAL G 40 38.06 -16.16 19.26
N ASP G 41 38.47 -17.36 19.64
CA ASP G 41 38.70 -18.43 18.68
C ASP G 41 37.37 -19.18 18.37
N LEU G 42 36.89 -19.10 17.14
CA LEU G 42 35.62 -19.76 16.76
C LEU G 42 35.83 -21.17 16.23
N THR G 43 37.08 -21.62 16.21
CA THR G 43 37.42 -22.97 15.77
C THR G 43 37.06 -24.03 16.82
N ARG G 44 36.71 -25.21 16.32
CA ARG G 44 36.50 -26.35 17.15
C ARG G 44 37.30 -27.51 16.63
N SER G 45 37.76 -28.35 17.56
CA SER G 45 38.40 -29.62 17.24
C SER G 45 37.49 -30.72 17.77
N PHE G 46 37.12 -31.63 16.89
CA PHE G 46 36.30 -32.76 17.24
C PHE G 46 36.98 -34.05 16.79
N SER G 47 36.72 -35.11 17.51
CA SER G 47 37.00 -36.46 17.04
C SER G 47 35.73 -37.27 17.15
N PHE G 48 35.41 -37.94 16.04
CA PHE G 48 34.10 -38.53 15.84
C PHE G 48 34.04 -39.99 16.30
N ARG G 49 32.91 -40.33 16.90
CA ARG G 49 32.74 -41.54 17.66
C ARG G 49 32.94 -42.81 16.84
N ASN G 50 32.43 -42.83 15.62
CA ASN G 50 32.33 -44.07 14.88
C ASN G 50 33.31 -44.12 13.73
N SER G 51 33.49 -43.00 13.05
CA SER G 51 34.47 -42.90 11.97
C SER G 51 35.89 -42.78 12.52
N LYS G 52 36.01 -42.36 13.78
CA LYS G 52 37.30 -42.14 14.44
C LYS G 52 38.14 -41.00 13.84
N GLN G 53 37.61 -40.30 12.83
CA GLN G 53 38.31 -39.16 12.21
C GLN G 53 38.24 -37.91 13.10
N THR G 54 39.01 -36.88 12.72
CA THR G 54 39.09 -35.65 13.52
C THR G 54 38.77 -34.46 12.65
N TYR G 55 38.41 -33.37 13.31
CA TYR G 55 37.94 -32.18 12.65
C TYR G 55 38.54 -31.02 13.37
N SER G 56 38.98 -30.03 12.61
CA SER G 56 39.21 -28.69 13.17
C SER G 56 38.72 -27.68 12.17
N GLY G 57 37.95 -26.71 12.61
CA GLY G 57 37.33 -25.75 11.70
C GLY G 57 36.27 -24.90 12.37
N VAL G 58 35.70 -23.95 11.66
CA VAL G 58 34.53 -23.19 12.20
C VAL G 58 33.26 -23.96 11.83
N PRO G 59 32.56 -24.52 12.82
CA PRO G 59 31.50 -25.49 12.63
C PRO G 59 30.12 -24.91 12.28
N ILE G 60 30.10 -24.12 11.21
CA ILE G 60 28.90 -23.63 10.56
C ILE G 60 28.88 -24.24 9.16
N ILE G 61 27.75 -24.84 8.85
CA ILE G 61 27.57 -25.58 7.62
C ILE G 61 26.54 -24.93 6.67
N ALA G 62 26.94 -24.74 5.41
CA ALA G 62 26.02 -24.47 4.32
C ALA G 62 25.15 -25.69 4.08
N ALA G 63 23.83 -25.51 4.23
CA ALA G 63 22.88 -26.57 3.94
C ALA G 63 22.98 -27.17 2.52
N ASN G 64 22.80 -28.48 2.43
CA ASN G 64 22.74 -29.19 1.14
C ASN G 64 21.44 -28.99 0.36
N MET G 65 20.99 -27.76 0.27
CA MET G 65 19.91 -27.40 -0.62
C MET G 65 20.59 -27.02 -1.91
N ASP G 66 19.90 -27.18 -3.04
CA ASP G 66 20.49 -26.91 -4.35
C ASP G 66 20.81 -25.42 -4.59
N THR G 67 20.27 -24.53 -3.77
CA THR G 67 20.55 -23.10 -3.92
C THR G 67 21.60 -22.64 -2.90
N VAL G 68 22.02 -23.51 -1.99
CA VAL G 68 22.92 -23.12 -0.91
C VAL G 68 24.26 -23.87 -0.92
N GLY G 69 24.18 -25.20 -0.93
CA GLY G 69 25.39 -26.03 -0.88
C GLY G 69 26.06 -26.20 -2.24
N THR G 70 26.48 -25.08 -2.82
CA THR G 70 27.04 -25.05 -4.15
C THR G 70 28.56 -25.02 -4.04
N PHE G 71 29.21 -25.43 -5.11
CA PHE G 71 30.66 -25.25 -5.21
C PHE G 71 31.10 -23.81 -5.06
N GLU G 72 30.36 -22.87 -5.63
CA GLU G 72 30.72 -21.43 -5.47
C GLU G 72 30.64 -20.97 -3.98
N MET G 73 29.67 -21.51 -3.25
CA MET G 73 29.54 -21.21 -1.83
C MET G 73 30.73 -21.78 -1.08
N ALA G 74 31.06 -23.03 -1.38
CA ALA G 74 32.15 -23.72 -0.69
C ALA G 74 33.49 -23.00 -0.87
N LYS G 75 33.76 -22.49 -2.06
CA LYS G 75 35.01 -21.72 -2.31
C LYS G 75 35.18 -20.50 -1.43
N VAL G 76 34.10 -19.77 -1.15
CA VAL G 76 34.17 -18.64 -0.26
C VAL G 76 34.24 -19.12 1.18
N LEU G 77 33.40 -20.07 1.56
CA LEU G 77 33.32 -20.50 2.96
C LEU G 77 34.61 -21.18 3.47
N CYS G 78 35.30 -21.93 2.60
CA CYS G 78 36.54 -22.54 3.06
C CYS G 78 37.59 -21.47 3.43
N LYS G 79 37.55 -20.30 2.82
CA LYS G 79 38.45 -19.23 3.21
C LYS G 79 38.28 -18.80 4.70
N PHE G 80 37.07 -19.01 5.21
CA PHE G 80 36.78 -18.69 6.62
C PHE G 80 36.81 -19.95 7.44
N SER G 81 37.17 -21.03 6.77
CA SER G 81 37.23 -22.37 7.32
C SER G 81 35.83 -22.87 7.82
N LEU G 82 34.81 -22.55 7.01
CA LEU G 82 33.46 -23.04 7.21
C LEU G 82 33.24 -24.28 6.31
N PHE G 83 32.16 -25.00 6.59
CA PHE G 83 31.86 -26.31 6.04
C PHE G 83 30.70 -26.19 5.04
N THR G 84 30.78 -26.95 3.96
CA THR G 84 29.71 -26.99 2.96
C THR G 84 29.21 -28.43 2.75
N ALA G 85 27.92 -28.66 3.04
CA ALA G 85 27.28 -29.88 2.62
C ALA G 85 26.71 -29.65 1.22
N VAL G 86 27.39 -30.26 0.25
CA VAL G 86 27.11 -30.03 -1.16
C VAL G 86 25.80 -30.72 -1.50
N HIS G 87 25.06 -30.12 -2.43
CA HIS G 87 23.79 -30.69 -2.87
C HIS G 87 24.02 -31.92 -3.73
N LYS G 88 22.95 -32.63 -4.04
CA LYS G 88 23.09 -33.93 -4.70
C LYS G 88 22.71 -33.92 -6.18
N HIS G 89 22.90 -32.77 -6.83
CA HIS G 89 22.52 -32.58 -8.24
C HIS G 89 23.69 -32.03 -9.04
N TYR G 90 24.90 -32.40 -8.65
CA TYR G 90 26.07 -32.22 -9.50
C TYR G 90 26.47 -33.58 -10.05
N SER G 91 26.99 -33.58 -11.27
CA SER G 91 27.54 -34.81 -11.88
C SER G 91 28.88 -35.17 -11.25
N LEU G 92 29.26 -36.44 -11.39
CA LEU G 92 30.60 -36.88 -11.00
C LEU G 92 31.65 -36.09 -11.81
N VAL G 93 31.29 -35.65 -13.02
CA VAL G 93 32.18 -34.81 -13.82
C VAL G 93 32.38 -33.47 -13.10
N GLN G 94 31.28 -32.73 -12.95
CA GLN G 94 31.29 -31.46 -12.24
C GLN G 94 32.11 -31.55 -10.97
N TRP G 95 31.92 -32.63 -10.21
CA TRP G 95 32.69 -32.84 -9.00
C TRP G 95 34.17 -32.95 -9.33
N GLN G 96 34.49 -33.84 -10.26
CA GLN G 96 35.90 -34.07 -10.70
C GLN G 96 36.57 -32.74 -11.04
N GLU G 97 35.95 -31.99 -11.96
CA GLU G 97 36.41 -30.66 -12.36
C GLU G 97 36.59 -29.79 -11.11
N PHE G 98 35.59 -29.76 -10.24
CA PHE G 98 35.64 -28.91 -9.05
C PHE G 98 36.85 -29.26 -8.19
N ALA G 99 36.99 -30.55 -7.87
CA ALA G 99 38.14 -31.02 -7.10
C ALA G 99 39.49 -30.73 -7.81
N GLY G 100 39.48 -30.75 -9.14
CA GLY G 100 40.68 -30.49 -9.94
C GLY G 100 41.15 -29.04 -9.82
N GLN G 101 40.21 -28.10 -10.02
CA GLN G 101 40.47 -26.66 -9.89
C GLN G 101 40.66 -26.17 -8.45
N ASN G 102 40.12 -26.90 -7.46
CA ASN G 102 40.02 -26.39 -6.08
C ASN G 102 40.47 -27.35 -4.99
N PRO G 103 41.69 -27.90 -5.12
CA PRO G 103 42.19 -28.87 -4.16
C PRO G 103 42.25 -28.39 -2.71
N ASP G 104 42.28 -27.08 -2.49
CA ASP G 104 42.23 -26.54 -1.12
C ASP G 104 40.90 -26.74 -0.38
N CYS G 105 39.79 -26.98 -1.10
CA CYS G 105 38.43 -26.84 -0.54
C CYS G 105 37.74 -28.12 -0.12
N LEU G 106 38.44 -29.24 -0.17
CA LEU G 106 37.83 -30.56 0.01
C LEU G 106 37.82 -31.01 1.46
N GLU G 107 38.63 -30.36 2.29
CA GLU G 107 38.73 -30.72 3.70
C GLU G 107 37.39 -30.60 4.42
N HIS G 108 36.63 -29.54 4.13
CA HIS G 108 35.39 -29.25 4.87
C HIS G 108 34.18 -29.33 3.93
N LEU G 109 33.98 -30.52 3.38
CA LEU G 109 33.04 -30.76 2.31
C LEU G 109 32.34 -32.07 2.60
N ALA G 110 31.05 -32.16 2.26
CA ALA G 110 30.31 -33.40 2.44
C ALA G 110 29.54 -33.70 1.21
N ALA G 111 29.48 -34.98 0.87
CA ALA G 111 28.66 -35.44 -0.23
C ALA G 111 27.37 -35.97 0.36
N SER G 112 26.27 -35.66 -0.31
CA SER G 112 24.90 -35.88 0.20
C SER G 112 24.16 -37.02 -0.48
N SER G 113 23.33 -37.74 0.25
CA SER G 113 22.49 -38.74 -0.39
C SER G 113 21.17 -38.89 0.34
N GLY G 114 20.13 -39.24 -0.41
CA GLY G 114 18.91 -39.82 0.19
C GLY G 114 19.06 -41.33 0.33
N THR G 115 17.95 -42.02 0.49
CA THR G 115 17.97 -43.47 0.70
C THR G 115 17.85 -44.31 -0.57
N GLY G 116 17.60 -43.71 -1.71
CA GLY G 116 17.36 -44.46 -2.92
C GLY G 116 18.64 -45.02 -3.53
N SER G 117 18.51 -46.17 -4.20
CA SER G 117 19.55 -46.77 -5.05
C SER G 117 20.37 -45.79 -5.90
N SER G 118 19.65 -44.98 -6.64
CA SER G 118 20.23 -44.02 -7.55
C SER G 118 21.06 -42.96 -6.82
N ASP G 119 20.53 -42.44 -5.70
CA ASP G 119 21.26 -41.48 -4.88
C ASP G 119 22.51 -42.14 -4.33
N PHE G 120 22.34 -43.33 -3.77
CA PHE G 120 23.45 -44.07 -3.18
C PHE G 120 24.55 -44.42 -4.21
N GLU G 121 24.17 -44.83 -5.42
CA GLU G 121 25.20 -45.12 -6.42
C GLU G 121 25.94 -43.83 -6.82
N GLN G 122 25.19 -42.74 -7.01
CA GLN G 122 25.78 -41.41 -7.16
C GLN G 122 26.82 -41.09 -6.09
N LEU G 123 26.50 -41.45 -4.85
CA LEU G 123 27.36 -41.14 -3.71
C LEU G 123 28.69 -41.91 -3.78
N GLU G 124 28.57 -43.23 -3.89
CA GLU G 124 29.70 -44.13 -4.10
C GLU G 124 30.66 -43.61 -5.15
N GLN G 125 30.10 -43.24 -6.30
CA GLN G 125 30.89 -42.77 -7.41
C GLN G 125 31.71 -41.52 -7.09
N ILE G 126 31.11 -40.56 -6.39
CA ILE G 126 31.86 -39.39 -5.93
C ILE G 126 32.91 -39.80 -4.89
N LEU G 127 32.53 -40.61 -3.92
CA LEU G 127 33.44 -40.89 -2.84
C LEU G 127 34.67 -41.67 -3.32
N GLU G 128 34.44 -42.69 -4.15
CA GLU G 128 35.53 -43.50 -4.72
C GLU G 128 36.46 -42.64 -5.58
N ALA G 129 35.86 -41.84 -6.45
CA ALA G 129 36.61 -40.92 -7.30
C ALA G 129 37.34 -39.76 -6.58
N ILE G 130 37.10 -39.58 -5.27
CA ILE G 130 37.63 -38.42 -4.53
C ILE G 130 37.83 -38.72 -3.03
N PRO G 131 38.99 -39.32 -2.69
CA PRO G 131 39.34 -39.71 -1.31
C PRO G 131 39.45 -38.55 -0.33
N GLN G 132 39.61 -37.34 -0.89
CA GLN G 132 39.66 -36.11 -0.11
C GLN G 132 38.31 -35.80 0.52
N VAL G 133 37.21 -36.16 -0.16
CA VAL G 133 35.87 -35.99 0.44
C VAL G 133 35.72 -37.04 1.51
N LYS G 134 35.76 -36.62 2.77
CA LYS G 134 35.74 -37.56 3.90
C LYS G 134 34.48 -37.51 4.76
N TYR G 135 33.47 -36.77 4.29
CA TYR G 135 32.21 -36.58 5.03
C TYR G 135 31.02 -36.95 4.17
N ILE G 136 30.04 -37.59 4.81
CA ILE G 136 28.83 -37.98 4.13
C ILE G 136 27.64 -37.34 4.86
N CYS G 137 26.71 -36.79 4.10
CA CYS G 137 25.46 -36.23 4.65
C CYS G 137 24.25 -37.03 4.16
N LEU G 138 23.68 -37.84 5.04
CA LEU G 138 22.51 -38.66 4.72
C LEU G 138 21.26 -37.97 5.23
N ASP G 139 20.35 -37.70 4.31
CA ASP G 139 19.19 -36.87 4.60
C ASP G 139 17.93 -37.47 4.14
N VAL G 140 17.01 -37.60 5.11
CA VAL G 140 15.60 -37.79 4.87
C VAL G 140 14.85 -36.75 5.73
N ALA G 141 13.62 -36.47 5.33
CA ALA G 141 12.75 -35.62 6.13
C ALA G 141 12.32 -36.38 7.42
N ASN G 142 12.07 -37.69 7.30
CA ASN G 142 11.79 -38.57 8.47
C ASN G 142 12.88 -39.55 8.95
N GLY G 143 13.80 -39.05 9.77
CA GLY G 143 14.83 -39.87 10.38
C GLY G 143 14.39 -40.88 11.44
N TYR G 144 13.07 -40.99 11.69
CA TYR G 144 12.55 -41.90 12.70
C TYR G 144 12.19 -43.27 12.10
N SER G 145 12.34 -43.44 10.80
CA SER G 145 11.98 -44.74 10.22
C SER G 145 13.12 -45.74 10.29
N GLU G 146 12.73 -46.97 10.57
CA GLU G 146 13.65 -48.08 10.71
C GLU G 146 14.41 -48.29 9.42
N HIS G 147 13.76 -47.96 8.31
CA HIS G 147 14.39 -48.06 7.02
C HIS G 147 15.59 -47.13 6.91
N PHE G 148 15.48 -45.92 7.47
CA PHE G 148 16.61 -44.99 7.46
C PHE G 148 17.72 -45.49 8.37
N VAL G 149 17.33 -46.07 9.51
CA VAL G 149 18.26 -46.64 10.48
C VAL G 149 19.14 -47.73 9.84
N GLU G 150 18.51 -48.62 9.07
CA GLU G 150 19.21 -49.74 8.44
C GLU G 150 20.06 -49.26 7.28
N PHE G 151 19.60 -48.22 6.59
CA PHE G 151 20.41 -47.58 5.55
C PHE G 151 21.66 -46.90 6.10
N VAL G 152 21.55 -46.33 7.29
CA VAL G 152 22.71 -45.71 7.91
C VAL G 152 23.77 -46.81 8.23
N LYS G 153 23.33 -47.93 8.80
CA LYS G 153 24.18 -49.14 9.02
C LYS G 153 24.89 -49.63 7.75
N ASP G 154 24.18 -49.61 6.63
CA ASP G 154 24.73 -49.97 5.35
C ASP G 154 25.82 -49.01 4.92
N VAL G 155 25.56 -47.71 4.99
CA VAL G 155 26.55 -46.74 4.53
C VAL G 155 27.79 -46.78 5.43
N ARG G 156 27.59 -47.01 6.72
CA ARG G 156 28.68 -47.17 7.68
C ARG G 156 29.57 -48.38 7.32
N LYS G 157 28.93 -49.47 6.92
CA LYS G 157 29.65 -50.70 6.57
C LYS G 157 30.46 -50.43 5.32
N ARG G 158 29.86 -49.78 4.33
CA ARG G 158 30.53 -49.49 3.07
C ARG G 158 31.69 -48.48 3.15
N PHE G 159 31.57 -47.50 4.06
CA PHE G 159 32.58 -46.44 4.23
C PHE G 159 32.96 -46.29 5.70
N PRO G 160 33.73 -47.25 6.25
CA PRO G 160 34.00 -47.24 7.68
C PRO G 160 34.84 -46.08 8.17
N GLN G 161 35.56 -45.43 7.25
CA GLN G 161 36.50 -44.34 7.56
C GLN G 161 35.86 -42.94 7.39
N HIS G 162 34.62 -42.91 6.96
CA HIS G 162 33.97 -41.67 6.57
C HIS G 162 33.14 -41.10 7.72
N THR G 163 33.12 -39.79 7.84
CA THR G 163 32.32 -39.19 8.89
C THR G 163 30.89 -39.02 8.35
N ILE G 164 29.95 -39.60 9.10
CA ILE G 164 28.56 -39.65 8.64
C ILE G 164 27.68 -38.67 9.42
N MET G 165 27.09 -37.75 8.68
CA MET G 165 26.04 -36.87 9.19
C MET G 165 24.72 -37.45 8.80
N ALA G 166 23.80 -37.59 9.76
CA ALA G 166 22.51 -38.17 9.41
C ALA G 166 21.35 -37.46 10.12
N GLY G 167 20.23 -37.33 9.43
CA GLY G 167 19.06 -36.71 9.98
C GLY G 167 17.91 -36.80 9.01
N ASN G 168 16.74 -36.32 9.43
CA ASN G 168 16.58 -35.42 10.60
C ASN G 168 15.66 -35.95 11.69
N VAL G 169 16.02 -35.63 12.93
CA VAL G 169 15.25 -35.98 14.13
C VAL G 169 15.19 -34.78 15.08
N VAL G 170 14.38 -34.91 16.14
CA VAL G 170 14.26 -33.85 17.13
C VAL G 170 14.29 -34.34 18.57
N THR G 171 14.46 -35.65 18.78
CA THR G 171 14.42 -36.18 20.13
C THR G 171 15.56 -37.17 20.40
N GLY G 172 15.89 -37.35 21.69
CA GLY G 172 17.10 -38.07 22.11
C GLY G 172 17.16 -39.57 21.85
N GLU G 173 16.02 -40.26 21.93
CA GLU G 173 15.99 -41.70 21.65
C GLU G 173 16.46 -41.97 20.24
N MET G 174 16.10 -41.08 19.31
CA MET G 174 16.42 -41.33 17.92
C MET G 174 17.82 -40.91 17.60
N VAL G 175 18.28 -39.84 18.23
CA VAL G 175 19.69 -39.47 18.18
C VAL G 175 20.58 -40.70 18.55
N GLU G 176 20.25 -41.31 19.67
CA GLU G 176 20.98 -42.48 20.18
C GLU G 176 20.95 -43.63 19.20
N GLU G 177 19.75 -44.04 18.80
CA GLU G 177 19.60 -45.11 17.81
C GLU G 177 20.48 -44.87 16.59
N LEU G 178 20.47 -43.66 16.05
CA LEU G 178 21.24 -43.34 14.86
C LEU G 178 22.77 -43.36 15.05
N ILE G 179 23.22 -42.91 16.24
CA ILE G 179 24.67 -42.98 16.62
C ILE G 179 25.12 -44.45 16.79
N LEU G 180 24.31 -45.22 17.52
CA LEU G 180 24.56 -46.66 17.68
C LEU G 180 24.42 -47.48 16.39
N SER G 181 23.75 -46.92 15.39
CA SER G 181 23.65 -47.58 14.09
C SER G 181 24.76 -47.13 13.17
N GLY G 182 25.63 -46.24 13.62
CA GLY G 182 26.83 -45.91 12.86
C GLY G 182 27.03 -44.42 12.55
N ALA G 183 26.02 -43.60 12.83
CA ALA G 183 26.14 -42.17 12.55
C ALA G 183 27.06 -41.47 13.54
N ASP G 184 27.87 -40.56 13.01
CA ASP G 184 28.74 -39.71 13.82
C ASP G 184 28.04 -38.44 14.34
N ILE G 185 27.40 -37.75 13.41
CA ILE G 185 26.79 -36.44 13.66
C ILE G 185 25.31 -36.46 13.28
N ILE G 186 24.44 -36.14 14.22
CA ILE G 186 22.98 -36.19 14.00
C ILE G 186 22.44 -34.81 13.67
N LYS G 187 21.77 -34.72 12.53
CA LYS G 187 21.16 -33.49 12.10
C LYS G 187 19.80 -33.36 12.81
N VAL G 188 19.65 -32.28 13.55
CA VAL G 188 18.49 -32.02 14.41
C VAL G 188 17.62 -30.88 13.90
N GLY G 189 16.34 -31.19 13.66
CA GLY G 189 15.38 -30.17 13.21
C GLY G 189 14.29 -30.74 12.33
N ILE G 190 13.04 -30.65 12.76
CA ILE G 190 11.92 -31.00 11.87
C ILE G 190 10.91 -29.86 11.90
N GLY G 191 10.81 -29.17 10.78
CA GLY G 191 9.88 -28.12 10.63
C GLY G 191 10.31 -26.70 10.83
N PRO G 192 11.54 -26.44 11.34
CA PRO G 192 11.84 -25.04 11.63
C PRO G 192 12.32 -24.25 10.42
N GLY G 193 12.66 -24.94 9.33
CA GLY G 193 13.37 -24.29 8.22
C GLY G 193 12.55 -23.23 7.53
N SER G 194 13.20 -22.17 7.09
CA SER G 194 12.49 -21.03 6.51
C SER G 194 11.61 -21.35 5.29
N VAL G 195 11.89 -22.40 4.54
CA VAL G 195 11.05 -22.73 3.39
C VAL G 195 10.42 -24.12 3.54
N CYS G 196 10.40 -24.58 4.79
CA CYS G 196 9.72 -25.80 5.17
C CYS G 196 8.26 -25.53 5.42
N THR G 197 7.38 -26.41 4.96
CA THR G 197 5.94 -26.33 5.26
C THR G 197 5.41 -27.57 6.00
N THR G 198 6.30 -28.36 6.56
CA THR G 198 5.93 -29.54 7.36
C THR G 198 4.84 -29.24 8.44
N ARG G 199 4.99 -28.17 9.20
CA ARG G 199 4.04 -27.86 10.26
C ARG G 199 2.62 -27.60 9.77
N LYS G 200 2.49 -26.81 8.71
CA LYS G 200 1.23 -26.54 8.03
C LYS G 200 0.62 -27.77 7.38
N LYS G 201 1.44 -28.57 6.70
CA LYS G 201 0.95 -29.75 5.97
C LYS G 201 0.65 -30.93 6.83
N THR G 202 1.35 -31.06 7.95
CA THR G 202 1.29 -32.30 8.75
C THR G 202 1.00 -32.09 10.21
N GLY G 203 1.27 -30.90 10.70
CA GLY G 203 1.19 -30.62 12.14
C GLY G 203 2.35 -31.13 12.98
N VAL G 204 3.33 -31.77 12.33
CA VAL G 204 4.46 -32.34 13.00
C VAL G 204 5.61 -31.33 13.10
N GLY G 205 6.32 -31.36 14.24
CA GLY G 205 7.44 -30.49 14.43
C GLY G 205 7.86 -30.47 15.85
N TYR G 206 8.80 -29.61 16.17
CA TYR G 206 9.40 -29.52 17.51
C TYR G 206 10.11 -28.16 17.66
N PRO G 207 9.83 -27.42 18.74
CA PRO G 207 10.60 -26.18 18.92
C PRO G 207 12.12 -26.45 18.88
N GLN G 208 12.81 -25.70 18.01
CA GLN G 208 14.18 -25.97 17.67
C GLN G 208 15.20 -25.90 18.83
N LEU G 209 15.06 -24.89 19.67
CA LEU G 209 15.97 -24.77 20.80
C LEU G 209 15.82 -25.92 21.82
N SER G 210 14.59 -26.27 22.20
CA SER G 210 14.37 -27.46 23.03
C SER G 210 14.89 -28.72 22.33
N ALA G 211 14.65 -28.84 21.03
CA ALA G 211 15.17 -29.97 20.28
C ALA G 211 16.71 -30.06 20.39
N VAL G 212 17.38 -28.92 20.23
CA VAL G 212 18.84 -28.89 20.31
C VAL G 212 19.33 -29.29 21.69
N MET G 213 18.74 -28.71 22.74
CA MET G 213 19.15 -29.00 24.11
C MET G 213 19.03 -30.49 24.43
N GLU G 214 17.91 -31.10 24.06
CA GLU G 214 17.68 -32.53 24.33
C GLU G 214 18.61 -33.44 23.52
N CYS G 215 18.78 -33.13 22.23
CA CYS G 215 19.54 -33.97 21.32
C CYS G 215 21.03 -33.88 21.57
N ALA G 216 21.47 -32.69 21.99
CA ALA G 216 22.87 -32.43 22.34
C ALA G 216 23.34 -33.29 23.52
N ASP G 217 22.59 -33.24 24.63
CA ASP G 217 22.79 -34.12 25.78
C ASP G 217 22.82 -35.59 25.40
N ALA G 218 21.88 -36.04 24.59
CA ALA G 218 21.80 -37.43 24.16
C ALA G 218 22.99 -37.85 23.34
N ALA G 219 23.38 -37.00 22.39
CA ALA G 219 24.53 -37.24 21.52
C ALA G 219 25.81 -37.26 22.32
N HIS G 220 25.96 -36.24 23.16
CA HIS G 220 27.18 -36.05 23.92
C HIS G 220 27.37 -37.17 24.97
N GLY G 221 26.26 -37.68 25.50
CA GLY G 221 26.26 -38.90 26.33
C GLY G 221 26.94 -40.12 25.69
N LEU G 222 26.93 -40.20 24.37
CA LEU G 222 27.56 -41.28 23.64
C LEU G 222 28.83 -40.82 22.96
N LYS G 223 29.34 -39.67 23.36
CA LYS G 223 30.46 -39.03 22.68
C LYS G 223 30.19 -38.84 21.19
N GLY G 224 28.91 -38.64 20.83
CA GLY G 224 28.55 -38.25 19.48
C GLY G 224 28.45 -36.74 19.39
N HIS G 225 27.92 -36.25 18.27
CA HIS G 225 27.78 -34.82 17.95
C HIS G 225 26.46 -34.50 17.24
N ILE G 226 26.05 -33.24 17.30
CA ILE G 226 24.89 -32.80 16.52
C ILE G 226 25.06 -31.55 15.70
N ILE G 227 24.21 -31.47 14.68
CA ILE G 227 24.00 -30.27 13.89
C ILE G 227 22.60 -29.73 14.21
N SER G 228 22.51 -28.45 14.56
CA SER G 228 21.25 -27.73 14.60
C SER G 228 20.94 -27.27 13.19
N ASP G 229 19.96 -27.92 12.56
CA ASP G 229 19.66 -27.73 11.16
C ASP G 229 18.31 -26.96 10.97
N GLY G 230 18.39 -25.68 10.63
CA GLY G 230 17.20 -24.89 10.35
C GLY G 230 16.80 -23.93 11.44
N GLY G 231 16.12 -22.86 11.01
CA GLY G 231 15.45 -21.93 11.90
C GLY G 231 16.28 -20.73 12.33
N CYS G 232 17.57 -20.66 11.97
CA CYS G 232 18.35 -19.48 12.25
C CYS G 232 18.05 -18.41 11.20
N SER G 233 17.75 -17.19 11.67
CA SER G 233 17.40 -16.00 10.87
C SER G 233 18.39 -14.87 11.05
N CYS G 234 19.25 -14.98 12.04
CA CYS G 234 20.18 -13.91 12.38
C CYS G 234 21.33 -14.53 13.15
N PRO G 235 22.44 -13.80 13.27
CA PRO G 235 23.59 -14.32 14.02
C PRO G 235 23.29 -14.75 15.44
N GLY G 236 22.39 -14.03 16.12
CA GLY G 236 21.99 -14.33 17.48
C GLY G 236 21.38 -15.70 17.62
N ASP G 237 20.62 -16.15 16.61
CA ASP G 237 20.06 -17.52 16.61
C ASP G 237 21.16 -18.59 16.54
N VAL G 238 22.12 -18.36 15.66
CA VAL G 238 23.24 -19.27 15.54
C VAL G 238 23.99 -19.37 16.89
N ALA G 239 24.22 -18.25 17.53
CA ALA G 239 24.84 -18.26 18.86
C ALA G 239 24.01 -19.04 19.90
N LYS G 240 22.68 -18.91 19.83
CA LYS G 240 21.79 -19.59 20.74
C LYS G 240 21.86 -21.09 20.56
N ALA G 241 21.92 -21.52 19.31
CA ALA G 241 22.02 -22.94 19.00
C ALA G 241 23.33 -23.51 19.58
N PHE G 242 24.45 -22.79 19.40
CA PHE G 242 25.75 -23.22 19.95
C PHE G 242 25.68 -23.22 21.48
N GLY G 243 25.07 -22.17 22.02
CA GLY G 243 24.77 -22.05 23.45
C GLY G 243 23.98 -23.20 24.05
N ALA G 244 23.07 -23.77 23.30
CA ALA G 244 22.29 -24.91 23.73
C ALA G 244 23.00 -26.23 23.63
N GLY G 245 24.20 -26.24 23.04
CA GLY G 245 25.06 -27.44 22.97
C GLY G 245 25.21 -27.99 21.57
N ALA G 246 24.70 -27.29 20.54
CA ALA G 246 24.93 -27.78 19.20
C ALA G 246 26.45 -27.74 18.88
N ASP G 247 26.94 -28.80 18.27
CA ASP G 247 28.34 -28.91 17.86
C ASP G 247 28.53 -28.14 16.58
N PHE G 248 27.57 -28.29 15.66
CA PHE G 248 27.52 -27.50 14.44
C PHE G 248 26.15 -26.84 14.31
N VAL G 249 26.08 -25.82 13.43
CA VAL G 249 24.84 -25.21 13.00
C VAL G 249 24.84 -25.18 11.47
N MET G 250 23.73 -25.60 10.89
CA MET G 250 23.53 -25.63 9.44
C MET G 250 22.54 -24.53 9.00
N LEU G 251 22.93 -23.78 7.97
CA LEU G 251 22.21 -22.58 7.52
C LEU G 251 21.76 -22.79 6.09
N GLY G 252 20.46 -22.54 5.84
CA GLY G 252 19.92 -22.45 4.47
C GLY G 252 19.59 -21.01 4.10
N GLY G 253 18.46 -20.49 4.61
CA GLY G 253 17.98 -19.15 4.22
C GLY G 253 18.96 -18.04 4.46
N MET G 254 19.72 -18.12 5.55
CA MET G 254 20.74 -17.09 5.79
C MET G 254 21.81 -17.03 4.69
N LEU G 255 22.03 -18.14 3.98
CA LEU G 255 23.01 -18.18 2.84
C LEU G 255 22.38 -18.14 1.43
N ALA G 256 21.06 -18.29 1.36
CA ALA G 256 20.31 -18.08 0.12
C ALA G 256 20.48 -16.63 -0.35
N GLY G 257 20.26 -16.40 -1.65
CA GLY G 257 20.17 -15.04 -2.19
C GLY G 257 21.46 -14.28 -2.40
N HIS G 258 22.60 -14.95 -2.33
CA HIS G 258 23.91 -14.32 -2.64
C HIS G 258 24.38 -14.62 -4.06
N SER G 259 25.41 -13.93 -4.51
CA SER G 259 26.12 -14.26 -5.78
C SER G 259 26.47 -15.73 -5.92
N GLU G 260 27.01 -16.30 -4.86
CA GLU G 260 27.47 -17.68 -4.82
C GLU G 260 26.34 -18.70 -4.64
N SER G 261 25.14 -18.20 -4.35
CA SER G 261 23.97 -19.06 -4.12
C SER G 261 23.45 -19.48 -5.47
N GLY G 262 22.85 -20.67 -5.54
CA GLY G 262 22.05 -21.03 -6.71
C GLY G 262 20.72 -20.28 -6.66
N GLY G 263 19.76 -20.71 -7.46
CA GLY G 263 18.54 -19.94 -7.63
C GLY G 263 18.74 -18.87 -8.70
N GLU G 264 17.76 -18.78 -9.60
CA GLU G 264 17.82 -17.86 -10.71
C GLU G 264 17.77 -16.42 -10.19
N LEU G 265 18.61 -15.54 -10.77
CA LEU G 265 18.53 -14.09 -10.56
C LEU G 265 17.38 -13.56 -11.39
N ILE G 266 16.44 -12.93 -10.72
CA ILE G 266 15.27 -12.39 -11.35
C ILE G 266 15.26 -10.91 -11.10
N GLU G 267 15.36 -10.12 -12.16
CA GLU G 267 15.29 -8.67 -12.04
C GLU G 267 13.93 -8.21 -12.49
N ARG G 268 13.13 -7.75 -11.55
CA ARG G 268 11.77 -7.34 -11.86
C ARG G 268 11.37 -6.16 -11.00
N ASP G 269 10.55 -5.27 -11.57
CA ASP G 269 10.12 -4.04 -10.90
C ASP G 269 11.28 -3.18 -10.36
N GLY G 270 12.37 -3.11 -11.11
CA GLY G 270 13.54 -2.31 -10.71
C GLY G 270 14.39 -2.94 -9.60
N LYS G 271 14.05 -4.16 -9.14
CA LYS G 271 14.75 -4.83 -8.06
C LYS G 271 15.27 -6.20 -8.46
N LYS G 272 16.26 -6.68 -7.71
CA LYS G 272 16.85 -7.98 -7.93
C LYS G 272 16.49 -9.00 -6.84
N TYR G 273 16.16 -10.20 -7.30
CA TYR G 273 15.79 -11.30 -6.42
C TYR G 273 16.50 -12.53 -6.87
N LYS G 274 16.53 -13.50 -5.95
CA LYS G 274 16.94 -14.84 -6.19
C LYS G 274 15.91 -15.83 -5.63
N LEU G 275 15.61 -16.86 -6.42
CA LEU G 275 14.78 -17.95 -5.95
C LEU G 275 15.45 -18.74 -4.81
N PHE G 276 14.60 -19.24 -3.93
CA PHE G 276 15.03 -20.07 -2.81
C PHE G 276 13.80 -20.89 -2.48
N TYR G 277 13.99 -22.20 -2.42
CA TYR G 277 12.89 -23.14 -2.31
C TYR G 277 13.27 -24.41 -1.57
N GLY G 278 12.26 -25.01 -0.93
CA GLY G 278 12.42 -26.24 -0.21
C GLY G 278 12.83 -27.36 -1.13
N MET G 279 13.59 -28.33 -0.62
CA MET G 279 13.95 -29.49 -1.44
C MET G 279 12.81 -30.47 -1.63
N SER G 280 11.70 -30.32 -0.90
CA SER G 280 10.48 -31.07 -1.25
C SER G 280 9.39 -30.15 -1.83
N SER G 281 9.75 -28.91 -2.17
CA SER G 281 8.83 -28.02 -2.90
C SER G 281 8.50 -28.59 -4.30
N GLU G 282 7.33 -28.24 -4.82
CA GLU G 282 6.93 -28.52 -6.19
C GLU G 282 7.98 -28.00 -7.16
N MET G 283 8.51 -26.80 -6.91
CA MET G 283 9.54 -26.26 -7.76
C MET G 283 10.67 -27.28 -7.87
N ALA G 284 11.14 -27.80 -6.74
CA ALA G 284 12.28 -28.71 -6.75
C ALA G 284 11.93 -30.01 -7.44
N MET G 285 10.73 -30.53 -7.17
CA MET G 285 10.30 -31.84 -7.69
C MET G 285 10.14 -31.78 -9.19
N LYS G 286 9.58 -30.68 -9.66
CA LYS G 286 9.45 -30.44 -11.09
C LYS G 286 10.83 -30.28 -11.72
N LYS G 287 11.74 -29.59 -11.04
CA LYS G 287 13.08 -29.38 -11.57
C LYS G 287 13.80 -30.71 -11.78
N TYR G 288 13.61 -31.64 -10.87
CA TYR G 288 14.40 -32.86 -10.92
C TYR G 288 13.55 -34.07 -11.26
N ALA G 297 3.17 -35.14 -2.59
CA ALA G 297 2.97 -34.40 -1.34
C ALA G 297 4.15 -33.47 -1.05
N SER G 298 3.95 -32.17 -1.15
CA SER G 298 5.04 -31.23 -0.91
C SER G 298 5.11 -30.80 0.56
N GLU G 299 6.34 -30.68 1.07
CA GLU G 299 6.59 -30.14 2.38
C GLU G 299 7.55 -28.96 2.37
N GLY G 300 7.62 -28.30 1.21
CA GLY G 300 8.43 -27.11 1.02
C GLY G 300 7.76 -26.08 0.14
N LYS G 301 8.21 -24.84 0.27
CA LYS G 301 7.68 -23.76 -0.54
C LYS G 301 8.78 -22.97 -1.26
N THR G 302 8.34 -22.02 -2.08
CA THR G 302 9.22 -21.14 -2.82
C THR G 302 9.04 -19.72 -2.37
N VAL G 303 10.16 -19.03 -2.22
CA VAL G 303 10.17 -17.59 -2.00
C VAL G 303 11.15 -16.93 -3.00
N GLU G 304 11.04 -15.61 -3.11
CA GLU G 304 12.04 -14.83 -3.80
C GLU G 304 12.69 -13.94 -2.78
N VAL G 305 14.00 -14.06 -2.69
CA VAL G 305 14.80 -13.39 -1.67
C VAL G 305 15.45 -12.17 -2.34
N PRO G 306 15.28 -10.97 -1.75
CA PRO G 306 16.06 -9.86 -2.30
C PRO G 306 17.54 -10.18 -2.33
N PHE G 307 18.17 -9.83 -3.44
CA PHE G 307 19.56 -10.20 -3.73
C PHE G 307 20.50 -9.61 -2.69
N LYS G 308 21.45 -10.38 -2.17
CA LYS G 308 22.27 -9.95 -1.01
C LYS G 308 23.73 -9.63 -1.36
N GLY G 309 24.14 -9.93 -2.57
CA GLY G 309 25.50 -9.66 -2.99
C GLY G 309 26.39 -10.81 -2.60
N ASP G 310 27.65 -10.52 -2.27
CA ASP G 310 28.63 -11.56 -2.04
C ASP G 310 28.49 -12.10 -0.64
N VAL G 311 28.61 -13.41 -0.50
CA VAL G 311 28.36 -14.08 0.75
C VAL G 311 29.42 -13.79 1.80
N GLU G 312 30.62 -13.35 1.39
CA GLU G 312 31.67 -13.07 2.38
C GLU G 312 31.26 -12.06 3.46
N HIS G 313 30.47 -11.07 3.09
CA HIS G 313 30.05 -10.01 4.01
C HIS G 313 29.08 -10.57 5.06
N THR G 314 28.20 -11.45 4.60
CA THR G 314 27.29 -12.19 5.50
C THR G 314 28.07 -13.08 6.45
N ILE G 315 29.03 -13.83 5.92
CA ILE G 315 29.86 -14.66 6.77
C ILE G 315 30.58 -13.84 7.84
N ARG G 316 31.13 -12.69 7.45
CA ARG G 316 31.77 -11.82 8.42
C ARG G 316 30.77 -11.32 9.48
N ASP G 317 29.55 -10.96 9.05
CA ASP G 317 28.49 -10.54 9.99
C ASP G 317 28.17 -11.67 10.98
N ILE G 318 28.04 -12.89 10.49
CA ILE G 318 27.72 -14.00 11.36
C ILE G 318 28.81 -14.28 12.39
N LEU G 319 30.08 -14.36 11.93
CA LEU G 319 31.20 -14.67 12.82
C LEU G 319 31.42 -13.55 13.83
N GLY G 320 31.31 -12.28 13.38
CA GLY G 320 31.40 -11.12 14.26
C GLY G 320 30.38 -11.18 15.40
N GLY G 321 29.14 -11.54 15.04
CA GLY G 321 28.06 -11.68 16.01
C GLY G 321 28.38 -12.69 17.09
N ILE G 322 28.75 -13.90 16.66
CA ILE G 322 29.09 -14.99 17.58
C ILE G 322 30.34 -14.66 18.45
N ARG G 323 31.34 -14.00 17.85
CA ARG G 323 32.50 -13.54 18.62
C ARG G 323 32.05 -12.61 19.74
N SER G 324 31.08 -11.74 19.46
CA SER G 324 30.56 -10.88 20.53
C SER G 324 29.77 -11.63 21.57
N THR G 325 29.04 -12.67 21.18
CA THR G 325 28.34 -13.50 22.16
C THR G 325 29.38 -14.05 23.15
N CYS G 326 30.43 -14.69 22.61
CA CYS G 326 31.49 -15.28 23.43
C CYS G 326 32.06 -14.26 24.38
N THR G 327 32.38 -13.09 23.86
CA THR G 327 32.86 -11.99 24.69
C THR G 327 31.91 -11.60 25.84
N TYR G 328 30.61 -11.46 25.51
CA TYR G 328 29.62 -11.11 26.52
C TYR G 328 29.50 -12.12 27.67
N VAL G 329 29.70 -13.39 27.38
CA VAL G 329 29.54 -14.42 28.40
C VAL G 329 30.89 -14.96 28.93
N GLY G 330 31.99 -14.46 28.41
CA GLY G 330 33.32 -14.71 28.95
C GLY G 330 33.93 -15.94 28.37
N ALA G 331 33.55 -16.27 27.14
CA ALA G 331 34.07 -17.46 26.48
C ALA G 331 35.19 -17.00 25.55
N ALA G 332 36.37 -17.56 25.81
CA ALA G 332 37.58 -17.20 25.06
C ALA G 332 37.63 -17.99 23.74
N LYS G 333 36.98 -19.15 23.74
CA LYS G 333 36.81 -19.99 22.56
C LYS G 333 35.36 -20.47 22.49
N LEU G 334 34.94 -20.79 21.28
CA LEU G 334 33.62 -21.35 21.00
C LEU G 334 33.32 -22.60 21.84
N LYS G 335 34.36 -23.42 22.08
CA LYS G 335 34.22 -24.60 22.94
C LYS G 335 33.60 -24.28 24.30
N GLU G 336 33.85 -23.08 24.84
CA GLU G 336 33.38 -22.75 26.20
C GLU G 336 31.96 -22.11 26.24
N LEU G 337 31.45 -21.71 25.08
CA LEU G 337 30.17 -21.00 24.97
C LEU G 337 29.02 -21.70 25.65
N SER G 338 28.72 -22.94 25.30
CA SER G 338 27.59 -23.62 25.94
C SER G 338 27.77 -23.77 27.44
N ARG G 339 29.00 -24.03 27.87
CA ARG G 339 29.28 -24.11 29.31
C ARG G 339 28.96 -22.80 30.03
N ARG G 340 29.21 -21.66 29.38
CA ARG G 340 28.99 -20.35 29.99
C ARG G 340 27.60 -19.71 29.72
N THR G 341 26.72 -20.48 29.08
CA THR G 341 25.41 -19.98 28.68
C THR G 341 24.38 -20.18 29.76
N THR G 342 23.73 -19.09 30.17
CA THR G 342 22.50 -19.15 30.97
C THR G 342 21.42 -18.45 30.16
N PHE G 343 20.39 -19.20 29.80
CA PHE G 343 19.31 -18.68 29.01
C PHE G 343 18.32 -17.99 29.96
N ILE G 344 17.89 -16.78 29.58
CA ILE G 344 16.78 -16.09 30.22
C ILE G 344 15.54 -16.19 29.33
N ARG G 345 14.42 -16.65 29.90
CA ARG G 345 13.12 -16.70 29.19
C ARG G 345 12.57 -15.29 29.00
N VAL G 346 12.26 -14.91 27.76
CA VAL G 346 11.71 -13.59 27.46
C VAL G 346 10.27 -13.71 26.91
N THR G 347 9.49 -12.64 27.07
CA THR G 347 8.12 -12.58 26.54
C THR G 347 8.17 -12.43 25.03
N SER H 19 10.51 -12.30 34.25
CA SER H 19 11.25 -11.72 33.06
C SER H 19 10.46 -10.60 32.43
N LEU H 20 10.45 -9.43 33.06
CA LEU H 20 9.54 -8.36 32.69
C LEU H 20 10.20 -7.27 31.83
N ASP H 21 9.48 -6.89 30.78
CA ASP H 21 9.72 -5.64 30.09
C ASP H 21 8.63 -4.66 30.52
N PHE H 22 8.83 -3.38 30.17
CA PHE H 22 7.87 -2.29 30.43
C PHE H 22 6.48 -2.63 29.95
N LYS H 23 6.38 -3.21 28.75
CA LYS H 23 5.05 -3.57 28.20
C LYS H 23 4.33 -4.65 29.00
N ASP H 24 5.02 -5.37 29.90
CA ASP H 24 4.36 -6.43 30.66
C ASP H 24 3.57 -5.98 31.88
N VAL H 25 3.64 -4.68 32.23
CA VAL H 25 3.06 -4.23 33.49
C VAL H 25 2.31 -2.95 33.34
N LEU H 26 1.42 -2.71 34.30
CA LEU H 26 0.82 -1.39 34.57
C LEU H 26 1.04 -1.06 36.04
N LEU H 27 1.01 0.22 36.37
CA LEU H 27 0.95 0.62 37.80
C LEU H 27 -0.51 0.70 38.29
N ARG H 28 -0.77 0.10 39.44
CA ARG H 28 -2.09 0.19 40.10
C ARG H 28 -2.33 1.58 40.68
N PRO H 29 -3.48 2.17 40.38
CA PRO H 29 -3.79 3.45 41.01
C PRO H 29 -4.13 3.24 42.51
N LYS H 30 -3.96 4.28 43.32
CA LYS H 30 -4.14 4.20 44.74
C LYS H 30 -4.77 5.47 45.29
N ARG H 31 -5.47 5.33 46.41
CA ARG H 31 -6.05 6.45 47.12
C ARG H 31 -5.00 7.51 47.39
N SER H 32 -5.36 8.77 47.16
CA SER H 32 -4.44 9.89 47.39
C SER H 32 -5.12 11.07 48.08
N THR H 33 -4.27 11.95 48.61
CA THR H 33 -4.65 13.16 49.32
C THR H 33 -3.78 14.35 48.88
N LEU H 34 -3.55 14.48 47.57
CA LEU H 34 -2.65 15.51 47.06
C LEU H 34 -3.42 16.82 47.00
N LYS H 35 -2.76 17.93 47.36
CA LYS H 35 -3.46 19.21 47.53
C LYS H 35 -3.54 19.99 46.22
N SER H 36 -4.68 20.65 46.01
CA SER H 36 -4.90 21.53 44.83
C SER H 36 -3.80 22.55 44.61
N ARG H 37 -3.19 23.04 45.69
CA ARG H 37 -2.14 24.07 45.65
C ARG H 37 -0.73 23.57 45.32
N SER H 38 -0.55 22.26 45.42
CA SER H 38 0.70 21.60 45.15
C SER H 38 0.68 21.06 43.73
N GLU H 39 1.87 20.74 43.28
CA GLU H 39 2.06 19.96 42.10
C GLU H 39 3.10 18.94 42.52
N VAL H 40 3.16 17.85 41.79
CA VAL H 40 4.12 16.85 42.17
C VAL H 40 5.53 17.32 41.87
N ASP H 41 6.40 17.04 42.81
CA ASP H 41 7.78 17.44 42.71
C ASP H 41 8.58 16.32 42.05
N LEU H 42 9.12 16.59 40.87
CA LEU H 42 9.88 15.59 40.10
C LEU H 42 11.39 15.68 40.32
N THR H 43 11.80 16.64 41.13
CA THR H 43 13.16 16.78 41.55
C THR H 43 13.54 15.65 42.53
N ARG H 44 14.80 15.24 42.49
CA ARG H 44 15.35 14.32 43.46
C ARG H 44 16.63 14.93 44.03
N SER H 45 16.96 14.59 45.28
CA SER H 45 18.27 14.94 45.88
C SER H 45 19.04 13.67 46.21
N PHE H 46 20.20 13.52 45.61
CA PHE H 46 21.03 12.35 45.87
C PHE H 46 22.38 12.80 46.46
N SER H 47 23.00 11.90 47.23
CA SER H 47 24.43 12.00 47.61
C SER H 47 25.14 10.78 47.13
N PHE H 48 26.20 10.98 46.38
CA PHE H 48 26.81 9.89 45.69
C PHE H 48 27.82 9.25 46.54
N ARG H 49 27.85 7.93 46.42
CA ARG H 49 28.61 7.09 47.30
C ARG H 49 30.10 7.38 47.31
N ASN H 50 30.69 7.51 46.13
CA ASN H 50 32.12 7.51 46.01
C ASN H 50 32.68 8.90 45.81
N SER H 51 32.05 9.71 44.96
CA SER H 51 32.52 11.09 44.75
C SER H 51 32.17 12.02 45.92
N LYS H 52 31.14 11.64 46.70
CA LYS H 52 30.68 12.40 47.85
C LYS H 52 30.00 13.69 47.39
N GLN H 53 29.73 13.83 46.09
CA GLN H 53 29.06 15.03 45.60
C GLN H 53 27.57 14.86 45.74
N THR H 54 26.86 16.01 45.72
CA THR H 54 25.40 16.02 45.84
C THR H 54 24.75 16.47 44.55
N TYR H 55 23.52 16.03 44.34
CA TYR H 55 22.74 16.31 43.11
C TYR H 55 21.38 16.82 43.52
N SER H 56 20.86 17.77 42.76
CA SER H 56 19.45 18.13 42.85
C SER H 56 18.95 18.45 41.43
N GLY H 57 17.89 17.78 41.01
CA GLY H 57 17.35 18.03 39.67
C GLY H 57 16.33 16.98 39.30
N VAL H 58 15.87 17.06 38.06
CA VAL H 58 14.95 16.07 37.51
C VAL H 58 15.80 14.98 36.86
N PRO H 59 15.80 13.76 37.43
CA PRO H 59 16.76 12.72 37.05
C PRO H 59 16.41 11.97 35.74
N ILE H 60 16.19 12.73 34.67
CA ILE H 60 16.03 12.20 33.34
C ILE H 60 17.21 12.71 32.51
N ILE H 61 17.86 11.80 31.80
CA ILE H 61 19.09 12.09 31.12
C ILE H 61 18.99 11.91 29.59
N ALA H 62 19.39 12.94 28.85
CA ALA H 62 19.63 12.79 27.41
C ALA H 62 20.83 11.90 27.18
N ALA H 63 20.64 10.81 26.43
CA ALA H 63 21.71 9.85 26.15
C ALA H 63 22.90 10.48 25.43
N ASN H 64 24.06 9.92 25.68
CA ASN H 64 25.30 10.39 25.10
C ASN H 64 25.49 9.91 23.66
N MET H 65 24.40 9.78 22.92
CA MET H 65 24.42 9.51 21.50
C MET H 65 24.73 10.81 20.73
N ASP H 66 25.46 10.71 19.62
CA ASP H 66 25.78 11.91 18.83
C ASP H 66 24.54 12.67 18.31
N THR H 67 23.39 12.02 18.27
CA THR H 67 22.14 12.66 17.82
C THR H 67 21.26 13.22 18.96
N VAL H 68 21.65 12.93 20.20
CA VAL H 68 20.80 13.23 21.35
C VAL H 68 21.46 14.14 22.37
N GLY H 69 22.68 13.78 22.76
CA GLY H 69 23.39 14.55 23.79
C GLY H 69 24.18 15.70 23.21
N THR H 70 23.42 16.66 22.66
CA THR H 70 23.97 17.80 21.98
C THR H 70 23.89 19.02 22.88
N PHE H 71 24.64 20.06 22.50
CA PHE H 71 24.64 21.30 23.22
C PHE H 71 23.30 21.98 23.15
N GLU H 72 22.65 21.90 21.99
CA GLU H 72 21.33 22.48 21.84
C GLU H 72 20.32 21.74 22.68
N MET H 73 20.48 20.40 22.81
CA MET H 73 19.59 19.64 23.70
C MET H 73 19.79 20.08 25.15
N ALA H 74 21.06 20.13 25.58
CA ALA H 74 21.40 20.65 26.89
C ALA H 74 20.75 21.99 27.25
N LYS H 75 20.79 22.97 26.36
CA LYS H 75 20.23 24.29 26.71
C LYS H 75 18.73 24.26 27.03
N VAL H 76 17.99 23.44 26.30
CA VAL H 76 16.56 23.33 26.56
C VAL H 76 16.29 22.50 27.82
N LEU H 77 17.02 21.40 27.97
CA LEU H 77 16.81 20.49 29.08
C LEU H 77 17.10 21.16 30.43
N CYS H 78 18.13 22.03 30.48
CA CYS H 78 18.43 22.89 31.64
C CYS H 78 17.27 23.75 32.10
N LYS H 79 16.52 24.30 31.17
CA LYS H 79 15.35 25.06 31.55
C LYS H 79 14.46 24.23 32.45
N PHE H 80 14.51 22.91 32.27
CA PHE H 80 13.62 22.00 33.01
C PHE H 80 14.31 21.24 34.12
N SER H 81 15.58 21.56 34.39
CA SER H 81 16.43 20.83 35.39
C SER H 81 16.69 19.36 35.03
N LEU H 82 16.65 19.07 33.73
CA LEU H 82 17.08 17.77 33.18
C LEU H 82 18.58 17.77 32.87
N PHE H 83 19.08 16.56 32.71
CA PHE H 83 20.48 16.26 32.64
C PHE H 83 20.86 15.85 31.21
N THR H 84 22.08 16.18 30.81
CA THR H 84 22.59 15.77 29.51
C THR H 84 23.92 15.11 29.62
N ALA H 85 24.00 13.86 29.14
CA ALA H 85 25.27 13.21 28.91
C ALA H 85 25.75 13.56 27.51
N VAL H 86 26.68 14.52 27.44
CA VAL H 86 27.16 15.04 26.16
C VAL H 86 27.88 13.95 25.38
N HIS H 87 27.68 13.93 24.06
CA HIS H 87 28.37 12.95 23.22
C HIS H 87 29.86 13.24 23.15
N LYS H 88 30.63 12.25 22.68
CA LYS H 88 32.08 12.36 22.72
C LYS H 88 32.76 12.80 21.40
N HIS H 89 32.01 13.50 20.55
CA HIS H 89 32.50 13.93 19.24
C HIS H 89 32.46 15.44 19.04
N TYR H 90 32.46 16.19 20.13
CA TYR H 90 32.67 17.63 20.07
C TYR H 90 34.12 17.94 20.38
N SER H 91 34.60 19.06 19.84
CA SER H 91 35.96 19.56 20.11
C SER H 91 35.98 20.37 21.39
N LEU H 92 37.17 20.52 21.95
CA LEU H 92 37.31 21.40 23.09
C LEU H 92 36.87 22.84 22.75
N VAL H 93 37.18 23.30 21.53
CA VAL H 93 36.74 24.66 21.15
C VAL H 93 35.23 24.75 21.25
N GLN H 94 34.56 23.72 20.72
CA GLN H 94 33.09 23.67 20.79
C GLN H 94 32.59 23.66 22.23
N TRP H 95 33.28 22.90 23.09
CA TRP H 95 32.97 22.91 24.53
C TRP H 95 33.13 24.29 25.17
N GLN H 96 34.29 24.93 24.95
CA GLN H 96 34.57 26.26 25.54
C GLN H 96 33.56 27.27 25.06
N GLU H 97 33.32 27.24 23.77
CA GLU H 97 32.29 28.12 23.21
C GLU H 97 30.96 27.93 23.91
N PHE H 98 30.56 26.67 24.10
CA PHE H 98 29.28 26.39 24.77
C PHE H 98 29.32 26.90 26.22
N ALA H 99 30.40 26.55 26.94
CA ALA H 99 30.53 27.00 28.35
C ALA H 99 30.58 28.53 28.47
N GLY H 100 31.25 29.16 27.51
CA GLY H 100 31.33 30.61 27.41
C GLY H 100 29.97 31.22 27.31
N GLN H 101 29.12 30.69 26.42
CA GLN H 101 27.81 31.28 26.17
C GLN H 101 26.75 30.87 27.18
N ASN H 102 26.93 29.69 27.79
CA ASN H 102 25.88 29.04 28.62
C ASN H 102 26.38 28.60 29.99
N PRO H 103 26.88 29.55 30.80
CA PRO H 103 27.48 29.18 32.09
C PRO H 103 26.52 28.50 33.02
N ASP H 104 25.23 28.74 32.88
CA ASP H 104 24.26 28.15 33.79
C ASP H 104 23.79 26.73 33.41
N CYS H 105 24.36 26.18 32.33
CA CYS H 105 23.98 24.84 31.82
C CYS H 105 25.03 23.79 32.05
N LEU H 106 26.03 24.07 32.88
CA LEU H 106 27.13 23.12 33.06
C LEU H 106 26.99 22.23 34.28
N GLU H 107 26.04 22.52 35.17
CA GLU H 107 25.93 21.77 36.42
C GLU H 107 25.29 20.38 36.24
N HIS H 108 24.46 20.21 35.21
CA HIS H 108 23.84 18.92 34.94
C HIS H 108 24.25 18.44 33.58
N LEU H 109 25.57 18.40 33.42
CA LEU H 109 26.23 17.95 32.22
C LEU H 109 27.21 16.86 32.60
N ALA H 110 27.28 15.79 31.84
CA ALA H 110 28.42 14.86 31.93
C ALA H 110 29.22 14.85 30.65
N ALA H 111 30.55 14.71 30.80
CA ALA H 111 31.41 14.42 29.68
C ALA H 111 31.67 12.91 29.62
N SER H 112 31.68 12.36 28.41
CA SER H 112 31.66 10.93 28.17
C SER H 112 32.96 10.42 27.57
N SER H 113 33.23 9.12 27.77
CA SER H 113 34.38 8.48 27.16
C SER H 113 34.17 6.96 27.13
N GLY H 114 34.74 6.32 26.12
CA GLY H 114 34.96 4.88 26.17
C GLY H 114 36.27 4.63 26.89
N THR H 115 36.78 3.41 26.78
CA THR H 115 38.01 3.00 27.47
C THR H 115 39.31 3.29 26.70
N GLY H 116 39.18 3.67 25.43
CA GLY H 116 40.33 3.95 24.58
C GLY H 116 41.17 5.09 25.11
N SER H 117 42.47 4.93 24.98
CA SER H 117 43.46 5.93 25.37
C SER H 117 43.16 7.31 24.81
N SER H 118 42.80 7.38 23.54
CA SER H 118 42.34 8.62 22.89
C SER H 118 41.05 9.27 23.50
N ASP H 119 40.02 8.45 23.70
CA ASP H 119 38.84 8.90 24.43
C ASP H 119 39.22 9.52 25.78
N PHE H 120 40.04 8.81 26.55
CA PHE H 120 40.38 9.30 27.89
C PHE H 120 41.12 10.65 27.89
N GLU H 121 42.07 10.77 26.97
CA GLU H 121 42.83 12.01 26.68
C GLU H 121 41.89 13.18 26.43
N GLN H 122 40.95 13.02 25.49
CA GLN H 122 39.91 14.03 25.21
C GLN H 122 39.10 14.41 26.44
N LEU H 123 38.65 13.41 27.18
CA LEU H 123 37.89 13.67 28.41
C LEU H 123 38.69 14.51 29.43
N GLU H 124 39.95 14.14 29.64
CA GLU H 124 40.82 14.90 30.58
C GLU H 124 40.91 16.34 30.19
N GLN H 125 41.15 16.59 28.89
CA GLN H 125 41.27 17.98 28.43
C GLN H 125 40.03 18.77 28.74
N ILE H 126 38.86 18.18 28.47
CA ILE H 126 37.60 18.85 28.70
C ILE H 126 37.41 19.15 30.18
N LEU H 127 37.62 18.12 30.99
CA LEU H 127 37.45 18.22 32.42
C LEU H 127 38.44 19.20 33.03
N GLU H 128 39.67 19.22 32.54
CA GLU H 128 40.64 20.25 32.94
C GLU H 128 40.21 21.64 32.48
N ALA H 129 39.80 21.79 31.22
CA ALA H 129 39.52 23.10 30.64
C ALA H 129 38.19 23.66 31.02
N ILE H 130 37.26 22.77 31.39
CA ILE H 130 35.94 23.20 31.86
C ILE H 130 35.72 22.55 33.25
N PRO H 131 36.20 23.22 34.32
CA PRO H 131 36.12 22.64 35.66
C PRO H 131 34.69 22.63 36.27
N GLN H 132 33.75 23.31 35.63
CA GLN H 132 32.34 23.30 36.07
C GLN H 132 31.63 21.96 35.77
N VAL H 133 32.23 21.15 34.92
CA VAL H 133 31.72 19.83 34.57
C VAL H 133 32.20 18.82 35.61
N LYS H 134 31.24 18.37 36.40
CA LYS H 134 31.47 17.54 37.59
C LYS H 134 31.04 16.09 37.41
N TYR H 135 30.61 15.73 36.20
CA TYR H 135 30.15 14.36 35.92
C TYR H 135 30.84 13.77 34.72
N ILE H 136 31.20 12.50 34.86
CA ILE H 136 31.81 11.70 33.84
C ILE H 136 30.86 10.53 33.55
N CYS H 137 30.73 10.21 32.27
CA CYS H 137 29.94 9.07 31.81
C CYS H 137 30.85 8.13 31.05
N LEU H 138 31.25 7.03 31.71
CA LEU H 138 32.03 5.94 31.15
C LEU H 138 31.14 4.84 30.54
N ASP H 139 31.33 4.54 29.27
CA ASP H 139 30.28 3.86 28.54
C ASP H 139 30.86 2.87 27.54
N VAL H 140 30.50 1.60 27.70
CA VAL H 140 30.88 0.51 26.84
C VAL H 140 29.65 -0.40 26.67
N ALA H 141 29.62 -1.14 25.57
CA ALA H 141 28.51 -2.06 25.29
C ALA H 141 28.53 -3.21 26.30
N ASN H 142 29.75 -3.65 26.67
CA ASN H 142 29.97 -4.67 27.71
C ASN H 142 30.72 -4.24 29.00
N GLY H 143 29.94 -3.86 30.00
CA GLY H 143 30.48 -3.55 31.29
C GLY H 143 30.98 -4.68 32.18
N TYR H 144 30.95 -5.91 31.68
CA TYR H 144 31.30 -7.10 32.45
C TYR H 144 32.79 -7.50 32.33
N SER H 145 33.54 -6.83 31.47
CA SER H 145 34.96 -7.13 31.25
C SER H 145 35.88 -6.60 32.36
N GLU H 146 36.94 -7.34 32.68
CA GLU H 146 37.96 -6.85 33.65
C GLU H 146 38.56 -5.53 33.17
N HIS H 147 38.82 -5.44 31.87
CA HIS H 147 39.35 -4.22 31.27
C HIS H 147 38.50 -3.01 31.64
N PHE H 148 37.17 -3.13 31.56
CA PHE H 148 36.32 -2.04 31.96
C PHE H 148 36.41 -1.74 33.45
N VAL H 149 36.40 -2.76 34.27
CA VAL H 149 36.46 -2.59 35.73
C VAL H 149 37.73 -1.82 36.14
N GLU H 150 38.84 -2.17 35.49
CA GLU H 150 40.12 -1.52 35.76
C GLU H 150 40.15 -0.08 35.26
N PHE H 151 39.48 0.17 34.12
CA PHE H 151 39.34 1.52 33.63
C PHE H 151 38.55 2.40 34.60
N VAL H 152 37.50 1.85 35.18
CA VAL H 152 36.71 2.61 36.15
C VAL H 152 37.60 2.99 37.36
N LYS H 153 38.42 2.02 37.80
CA LYS H 153 39.33 2.22 38.94
C LYS H 153 40.29 3.35 38.65
N ASP H 154 40.89 3.28 37.48
CA ASP H 154 41.86 4.28 37.05
C ASP H 154 41.24 5.66 36.93
N VAL H 155 40.01 5.76 36.43
CA VAL H 155 39.37 7.06 36.30
C VAL H 155 39.02 7.63 37.66
N ARG H 156 38.53 6.76 38.57
CA ARG H 156 38.24 7.21 39.93
C ARG H 156 39.51 7.75 40.66
N LYS H 157 40.64 7.10 40.45
CA LYS H 157 41.97 7.55 40.91
C LYS H 157 42.28 8.97 40.43
N ARG H 158 42.14 9.16 39.12
CA ARG H 158 42.48 10.40 38.44
C ARG H 158 41.52 11.53 38.81
N PHE H 159 40.25 11.17 39.07
CA PHE H 159 39.19 12.13 39.32
C PHE H 159 38.37 11.78 40.55
N PRO H 160 38.99 11.90 41.74
CA PRO H 160 38.39 11.51 43.01
C PRO H 160 37.16 12.26 43.41
N GLN H 161 36.98 13.50 42.97
CA GLN H 161 35.77 14.24 43.32
C GLN H 161 34.73 14.34 42.17
N HIS H 162 35.04 13.76 41.01
CA HIS H 162 34.05 13.68 39.93
C HIS H 162 33.05 12.53 40.12
N THR H 163 31.78 12.82 39.93
CA THR H 163 30.77 11.76 39.94
C THR H 163 30.82 10.94 38.63
N ILE H 164 30.93 9.61 38.79
CA ILE H 164 31.09 8.68 37.67
C ILE H 164 29.86 7.78 37.42
N MET H 165 29.36 7.91 36.19
CA MET H 165 28.42 6.99 35.61
C MET H 165 29.20 5.95 34.83
N ALA H 166 28.89 4.68 35.04
CA ALA H 166 29.52 3.62 34.26
C ALA H 166 28.55 2.49 33.96
N GLY H 167 28.63 1.98 32.75
CA GLY H 167 27.77 0.89 32.29
C GLY H 167 28.26 0.46 30.94
N ASN H 168 27.64 -0.55 30.33
CA ASN H 168 26.35 -1.05 30.73
C ASN H 168 26.36 -2.47 31.24
N VAL H 169 25.52 -2.72 32.23
CA VAL H 169 25.32 -4.06 32.79
C VAL H 169 23.82 -4.30 33.00
N VAL H 170 23.45 -5.52 33.32
CA VAL H 170 22.03 -5.81 33.61
C VAL H 170 21.80 -6.66 34.88
N THR H 171 22.86 -6.99 35.61
CA THR H 171 22.73 -7.89 36.78
C THR H 171 23.47 -7.36 38.05
N GLY H 172 22.95 -7.76 39.20
CA GLY H 172 23.40 -7.30 40.50
C GLY H 172 24.86 -7.43 40.85
N GLU H 173 25.46 -8.56 40.52
CA GLU H 173 26.86 -8.80 40.88
C GLU H 173 27.73 -7.73 40.27
N MET H 174 27.43 -7.39 39.02
CA MET H 174 28.31 -6.49 38.28
C MET H 174 28.07 -5.04 38.70
N VAL H 175 26.82 -4.72 39.02
CA VAL H 175 26.50 -3.43 39.63
C VAL H 175 27.34 -3.22 40.89
N GLU H 176 27.37 -4.25 41.75
CA GLU H 176 28.16 -4.18 42.99
C GLU H 176 29.64 -3.99 42.70
N GLU H 177 30.19 -4.76 41.78
CA GLU H 177 31.62 -4.67 41.55
C GLU H 177 32.02 -3.31 40.97
N LEU H 178 31.20 -2.73 40.10
CA LEU H 178 31.54 -1.42 39.52
C LEU H 178 31.43 -0.28 40.52
N ILE H 179 30.49 -0.36 41.44
CA ILE H 179 30.40 0.61 42.53
C ILE H 179 31.61 0.47 43.47
N LEU H 180 31.93 -0.77 43.86
CA LEU H 180 33.11 -1.02 44.71
C LEU H 180 34.40 -0.59 44.00
N SER H 181 34.39 -0.64 42.67
CA SER H 181 35.54 -0.25 41.86
C SER H 181 35.68 1.25 41.67
N GLY H 182 34.66 2.02 42.07
CA GLY H 182 34.75 3.49 41.99
C GLY H 182 33.57 4.23 41.45
N ALA H 183 32.67 3.58 40.71
CA ALA H 183 31.54 4.31 40.10
C ALA H 183 30.49 4.65 41.10
N ASP H 184 29.82 5.77 40.88
CA ASP H 184 28.72 6.23 41.69
C ASP H 184 27.34 5.72 41.22
N ILE H 185 27.16 5.71 39.89
CA ILE H 185 25.87 5.48 39.24
C ILE H 185 26.10 4.47 38.12
N ILE H 186 25.38 3.35 38.20
CA ILE H 186 25.49 2.30 37.19
C ILE H 186 24.40 2.39 36.09
N LYS H 187 24.84 2.32 34.84
CA LYS H 187 23.96 2.40 33.67
C LYS H 187 23.53 0.97 33.34
N VAL H 188 22.23 0.73 33.43
CA VAL H 188 21.62 -0.59 33.29
C VAL H 188 20.88 -0.69 31.96
N GLY H 189 21.25 -1.71 31.20
CA GLY H 189 20.58 -2.06 29.95
C GLY H 189 21.55 -2.62 28.96
N ILE H 190 21.29 -3.84 28.50
CA ILE H 190 22.00 -4.42 27.37
C ILE H 190 20.97 -4.90 26.33
N GLY H 191 20.90 -4.19 25.22
CA GLY H 191 19.99 -4.59 24.16
C GLY H 191 18.61 -3.98 24.04
N PRO H 192 18.15 -3.21 25.05
CA PRO H 192 16.77 -2.74 24.94
C PRO H 192 16.61 -1.49 24.04
N GLY H 193 17.72 -0.91 23.61
CA GLY H 193 17.69 0.37 22.88
C GLY H 193 16.94 0.36 21.56
N SER H 194 16.28 1.47 21.25
CA SER H 194 15.46 1.53 20.05
C SER H 194 16.28 1.33 18.74
N VAL H 195 17.57 1.67 18.73
CA VAL H 195 18.41 1.44 17.55
C VAL H 195 19.59 0.48 17.80
N CYS H 196 19.39 -0.38 18.78
CA CYS H 196 20.29 -1.44 19.13
C CYS H 196 19.95 -2.70 18.40
N THR H 197 20.95 -3.43 17.95
CA THR H 197 20.70 -4.76 17.32
C THR H 197 21.47 -5.88 18.05
N THR H 198 22.00 -5.57 19.24
CA THR H 198 22.71 -6.56 20.05
C THR H 198 21.99 -7.91 20.18
N ARG H 199 20.72 -7.83 20.47
CA ARG H 199 19.92 -9.03 20.60
C ARG H 199 19.85 -9.89 19.33
N LYS H 200 19.67 -9.28 18.16
CA LYS H 200 19.62 -10.01 16.89
C LYS H 200 21.01 -10.54 16.45
N LYS H 201 22.03 -9.72 16.67
CA LYS H 201 23.43 -10.06 16.34
C LYS H 201 24.12 -11.03 17.27
N THR H 202 23.73 -11.05 18.53
CA THR H 202 24.48 -11.85 19.52
C THR H 202 23.65 -12.74 20.39
N GLY H 203 22.35 -12.45 20.50
CA GLY H 203 21.47 -13.19 21.41
C GLY H 203 21.56 -12.77 22.85
N VAL H 204 22.36 -11.75 23.13
CA VAL H 204 22.61 -11.35 24.50
C VAL H 204 21.69 -10.21 24.89
N GLY H 205 21.11 -10.31 26.08
CA GLY H 205 20.45 -9.21 26.72
C GLY H 205 19.66 -9.65 27.92
N TYR H 206 18.73 -8.82 28.35
CA TYR H 206 18.00 -9.03 29.56
C TYR H 206 16.79 -8.12 29.57
N PRO H 207 15.60 -8.64 29.93
CA PRO H 207 14.39 -7.77 30.03
C PRO H 207 14.60 -6.58 30.94
N GLN H 208 14.30 -5.39 30.44
CA GLN H 208 14.77 -4.14 31.06
C GLN H 208 14.12 -3.86 32.40
N LEU H 209 12.83 -4.12 32.53
CA LEU H 209 12.22 -3.88 33.83
C LEU H 209 12.80 -4.72 34.92
N SER H 210 13.01 -6.00 34.61
CA SER H 210 13.64 -6.96 35.54
C SER H 210 15.06 -6.51 35.88
N ALA H 211 15.77 -6.03 34.86
CA ALA H 211 17.14 -5.54 35.06
C ALA H 211 17.16 -4.35 36.03
N VAL H 212 16.24 -3.44 35.86
CA VAL H 212 16.14 -2.30 36.75
C VAL H 212 15.79 -2.74 38.20
N MET H 213 14.79 -3.59 38.38
CA MET H 213 14.43 -4.08 39.72
C MET H 213 15.64 -4.69 40.44
N GLU H 214 16.26 -5.66 39.80
CA GLU H 214 17.45 -6.31 40.34
C GLU H 214 18.66 -5.38 40.57
N CYS H 215 18.95 -4.50 39.61
CA CYS H 215 20.15 -3.66 39.71
C CYS H 215 19.97 -2.52 40.69
N ALA H 216 18.74 -2.01 40.78
CA ALA H 216 18.42 -0.99 41.76
C ALA H 216 18.68 -1.47 43.20
N ASP H 217 18.18 -2.67 43.51
CA ASP H 217 18.36 -3.27 44.82
C ASP H 217 19.81 -3.48 45.14
N ALA H 218 20.55 -4.04 44.19
CA ALA H 218 22.02 -4.18 44.32
C ALA H 218 22.72 -2.85 44.62
N ALA H 219 22.34 -1.80 43.89
CA ALA H 219 23.03 -0.54 44.00
C ALA H 219 22.64 0.10 45.34
N HIS H 220 21.36 0.11 45.64
CA HIS H 220 20.86 0.79 46.82
C HIS H 220 21.37 0.16 48.12
N GLY H 221 21.65 -1.13 48.09
CA GLY H 221 22.24 -1.80 49.23
C GLY H 221 23.63 -1.29 49.54
N LEU H 222 24.31 -0.71 48.55
CA LEU H 222 25.63 -0.12 48.71
C LEU H 222 25.57 1.40 48.75
N LYS H 223 24.38 1.98 48.87
CA LYS H 223 24.21 3.44 48.83
C LYS H 223 24.68 4.03 47.50
N GLY H 224 24.59 3.21 46.44
CA GLY H 224 24.86 3.64 45.09
C GLY H 224 23.55 3.92 44.35
N HIS H 225 23.68 4.25 43.07
CA HIS H 225 22.54 4.66 42.23
C HIS H 225 22.61 3.98 40.90
N ILE H 226 21.48 3.92 40.19
CA ILE H 226 21.42 3.37 38.82
C ILE H 226 20.69 4.26 37.83
N ILE H 227 21.05 4.11 36.55
CA ILE H 227 20.35 4.73 35.44
C ILE H 227 19.68 3.66 34.66
N SER H 228 18.38 3.78 34.46
CA SER H 228 17.70 2.89 33.47
C SER H 228 18.00 3.43 32.08
N ASP H 229 18.80 2.69 31.31
CA ASP H 229 19.28 3.18 30.01
C ASP H 229 18.76 2.35 28.81
N GLY H 230 17.81 2.96 28.08
CA GLY H 230 17.21 2.37 26.89
C GLY H 230 15.85 1.71 27.06
N GLY H 231 15.16 1.58 25.94
CA GLY H 231 13.90 0.89 25.88
C GLY H 231 12.66 1.68 26.27
N CYS H 232 12.80 2.94 26.73
CA CYS H 232 11.57 3.77 26.94
C CYS H 232 11.10 4.38 25.64
N SER H 233 9.82 4.15 25.30
CA SER H 233 9.27 4.74 24.08
C SER H 233 8.06 5.63 24.32
N CYS H 234 7.63 5.75 25.57
CA CYS H 234 6.52 6.64 25.95
C CYS H 234 6.79 7.10 27.35
N PRO H 235 6.08 8.16 27.79
CA PRO H 235 6.29 8.61 29.14
C PRO H 235 5.92 7.60 30.22
N GLY H 236 4.92 6.74 29.98
CA GLY H 236 4.59 5.62 30.89
C GLY H 236 5.75 4.67 31.18
N ASP H 237 6.60 4.43 30.19
CA ASP H 237 7.78 3.60 30.34
C ASP H 237 8.79 4.23 31.27
N VAL H 238 8.92 5.56 31.18
CA VAL H 238 9.80 6.32 32.06
C VAL H 238 9.33 6.15 33.50
N ALA H 239 8.03 6.29 33.70
CA ALA H 239 7.43 6.14 35.02
C ALA H 239 7.57 4.74 35.59
N LYS H 240 7.45 3.72 34.73
CA LYS H 240 7.63 2.35 35.16
C LYS H 240 9.04 2.09 35.65
N ALA H 241 10.02 2.63 34.94
CA ALA H 241 11.42 2.46 35.30
C ALA H 241 11.71 3.12 36.66
N PHE H 242 11.24 4.35 36.85
CA PHE H 242 11.35 5.00 38.19
C PHE H 242 10.60 4.24 39.26
N GLY H 243 9.38 3.80 38.92
CA GLY H 243 8.57 2.96 39.83
C GLY H 243 9.27 1.70 40.25
N ALA H 244 10.08 1.14 39.36
CA ALA H 244 10.86 -0.06 39.65
C ALA H 244 12.13 0.19 40.46
N GLY H 245 12.47 1.43 40.75
CA GLY H 245 13.66 1.72 41.53
C GLY H 245 14.78 2.49 40.85
N ALA H 246 14.66 2.77 39.55
CA ALA H 246 15.69 3.60 38.85
C ALA H 246 15.83 4.96 39.49
N ASP H 247 17.06 5.36 39.79
CA ASP H 247 17.31 6.72 40.29
C ASP H 247 17.14 7.72 39.16
N PHE H 248 17.67 7.36 38.00
CA PHE H 248 17.67 8.15 36.77
C PHE H 248 17.11 7.32 35.62
N VAL H 249 16.54 7.97 34.61
CA VAL H 249 16.17 7.30 33.35
C VAL H 249 16.91 8.02 32.19
N MET H 250 17.55 7.24 31.30
CA MET H 250 18.26 7.79 30.16
C MET H 250 17.48 7.47 28.88
N LEU H 251 17.35 8.51 28.05
CA LEU H 251 16.56 8.47 26.82
C LEU H 251 17.40 8.81 25.60
N GLY H 252 17.33 7.94 24.60
CA GLY H 252 17.81 8.23 23.25
C GLY H 252 16.63 8.55 22.33
N GLY H 253 16.00 7.49 21.83
CA GLY H 253 14.89 7.58 20.87
C GLY H 253 13.84 8.61 21.12
N MET H 254 13.40 8.72 22.36
CA MET H 254 12.35 9.72 22.66
C MET H 254 12.79 11.17 22.39
N LEU H 255 14.10 11.42 22.44
CA LEU H 255 14.64 12.74 22.24
C LEU H 255 15.24 12.93 20.85
N ALA H 256 15.37 11.84 20.10
CA ALA H 256 15.79 11.90 18.71
C ALA H 256 14.74 12.58 17.83
N GLY H 257 15.18 13.15 16.70
CA GLY H 257 14.26 13.73 15.73
C GLY H 257 13.73 15.12 15.96
N HIS H 258 14.21 15.80 16.99
CA HIS H 258 13.85 17.20 17.24
C HIS H 258 14.77 18.23 16.57
N SER H 259 14.38 19.51 16.58
CA SER H 259 15.30 20.59 16.12
C SER H 259 16.64 20.58 16.81
N GLU H 260 16.64 20.27 18.09
CA GLU H 260 17.86 20.34 18.89
C GLU H 260 18.66 19.04 18.83
N SER H 261 18.01 18.01 18.31
CA SER H 261 18.68 16.73 18.06
C SER H 261 19.70 16.91 16.94
N GLY H 262 20.71 16.05 16.95
CA GLY H 262 21.57 15.84 15.81
C GLY H 262 20.90 14.97 14.78
N GLY H 263 21.64 14.63 13.74
CA GLY H 263 21.15 13.73 12.71
C GLY H 263 20.64 14.58 11.57
N GLU H 264 20.98 14.20 10.35
CA GLU H 264 20.67 15.03 9.19
C GLU H 264 19.15 15.17 8.99
N LEU H 265 18.71 16.38 8.66
CA LEU H 265 17.33 16.64 8.26
C LEU H 265 17.16 16.27 6.79
N ILE H 266 16.23 15.40 6.51
CA ILE H 266 16.06 14.89 5.18
C ILE H 266 14.62 15.17 4.81
N GLU H 267 14.43 16.04 3.82
CA GLU H 267 13.09 16.30 3.31
C GLU H 267 12.93 15.54 2.05
N ARG H 268 12.07 14.54 2.07
CA ARG H 268 11.88 13.71 0.90
C ARG H 268 10.43 13.28 0.85
N ASP H 269 9.93 13.14 -0.38
CA ASP H 269 8.53 12.77 -0.64
C ASP H 269 7.53 13.61 0.14
N GLY H 270 7.80 14.93 0.16
CA GLY H 270 7.01 15.89 0.88
C GLY H 270 6.97 15.76 2.40
N LYS H 271 7.88 14.99 3.01
CA LYS H 271 7.92 14.89 4.46
C LYS H 271 9.30 15.18 4.98
N LYS H 272 9.40 15.42 6.28
CA LYS H 272 10.68 15.70 6.92
C LYS H 272 11.03 14.60 7.90
N TYR H 273 12.27 14.12 7.81
CA TYR H 273 12.83 13.12 8.71
C TYR H 273 14.13 13.62 9.27
N LYS H 274 14.56 12.97 10.34
CA LYS H 274 15.91 13.12 10.89
C LYS H 274 16.53 11.75 11.07
N LEU H 275 17.81 11.60 10.75
CA LEU H 275 18.53 10.35 10.99
C LEU H 275 18.72 10.13 12.50
N PHE H 276 18.60 8.87 12.88
CA PHE H 276 18.89 8.43 14.23
C PHE H 276 19.49 7.05 14.10
N TYR H 277 20.64 6.83 14.73
CA TYR H 277 21.34 5.56 14.52
C TYR H 277 22.16 5.17 15.78
N GLY H 278 22.41 3.88 15.93
CA GLY H 278 23.17 3.34 17.02
C GLY H 278 24.63 3.78 16.96
N MET H 279 25.27 3.91 18.11
CA MET H 279 26.65 4.36 18.14
C MET H 279 27.59 3.28 17.70
N SER H 280 27.12 2.05 17.61
CA SER H 280 27.89 1.00 16.96
C SER H 280 27.27 0.55 15.64
N SER H 281 26.34 1.33 15.06
CA SER H 281 25.89 1.10 13.69
C SER H 281 27.02 1.34 12.71
N GLU H 282 26.90 0.75 11.53
CA GLU H 282 27.81 1.09 10.41
C GLU H 282 27.84 2.56 10.09
N MET H 283 26.68 3.22 10.17
CA MET H 283 26.61 4.65 9.91
C MET H 283 27.53 5.43 10.85
N ALA H 284 27.48 5.09 12.14
CA ALA H 284 28.34 5.75 13.14
C ALA H 284 29.81 5.44 12.89
N MET H 285 30.12 4.18 12.61
CA MET H 285 31.51 3.72 12.49
C MET H 285 32.16 4.33 11.25
N LYS H 286 31.41 4.42 10.17
CA LYS H 286 31.85 5.10 8.96
C LYS H 286 32.10 6.58 9.27
N LYS H 287 31.13 7.23 9.90
CA LYS H 287 31.23 8.63 10.19
C LYS H 287 32.48 8.98 10.99
N TYR H 288 32.85 8.17 11.96
CA TYR H 288 33.95 8.55 12.83
C TYR H 288 35.27 7.84 12.48
N ALA H 297 32.16 -5.10 12.95
CA ALA H 297 30.88 -5.79 13.23
C ALA H 297 29.94 -4.86 13.98
N SER H 298 28.68 -4.82 13.59
CA SER H 298 27.79 -3.79 14.07
C SER H 298 26.78 -4.36 15.09
N GLU H 299 26.42 -3.56 16.09
CA GLU H 299 25.32 -3.91 16.99
C GLU H 299 24.32 -2.73 17.15
N GLY H 300 24.23 -1.94 16.08
CA GLY H 300 23.38 -0.76 15.99
C GLY H 300 22.79 -0.67 14.60
N LYS H 301 21.64 0.00 14.48
CA LYS H 301 20.99 0.21 13.18
C LYS H 301 20.73 1.70 12.97
N THR H 302 20.26 2.02 11.77
CA THR H 302 19.88 3.37 11.38
C THR H 302 18.41 3.43 11.14
N VAL H 303 17.75 4.48 11.64
CA VAL H 303 16.38 4.78 11.22
C VAL H 303 16.25 6.25 10.81
N GLU H 304 15.17 6.53 10.13
CA GLU H 304 14.72 7.89 9.88
C GLU H 304 13.45 8.14 10.69
N VAL H 305 13.51 9.15 11.54
CA VAL H 305 12.43 9.53 12.46
C VAL H 305 11.67 10.70 11.83
N PRO H 306 10.32 10.62 11.68
CA PRO H 306 9.61 11.84 11.28
C PRO H 306 9.95 12.99 12.21
N PHE H 307 10.21 14.14 11.63
CA PHE H 307 10.62 15.32 12.35
C PHE H 307 9.59 15.77 13.39
N LYS H 308 10.07 16.03 14.61
CA LYS H 308 9.21 16.25 15.79
C LYS H 308 9.12 17.73 16.19
N GLY H 309 9.99 18.56 15.66
CA GLY H 309 9.98 19.96 16.03
C GLY H 309 10.78 20.19 17.29
N ASP H 310 10.35 21.14 18.11
CA ASP H 310 11.14 21.60 19.25
C ASP H 310 10.98 20.62 20.42
N VAL H 311 12.09 20.25 21.04
CA VAL H 311 12.11 19.26 22.10
C VAL H 311 11.36 19.71 23.37
N GLU H 312 11.26 21.03 23.58
CA GLU H 312 10.51 21.55 24.71
C GLU H 312 9.12 20.90 24.88
N HIS H 313 8.39 20.75 23.77
CA HIS H 313 7.02 20.19 23.83
C HIS H 313 7.06 18.71 24.21
N THR H 314 8.09 18.01 23.75
CA THR H 314 8.31 16.64 24.16
C THR H 314 8.61 16.56 25.67
N ILE H 315 9.48 17.43 26.15
CA ILE H 315 9.86 17.39 27.56
C ILE H 315 8.66 17.61 28.45
N ARG H 316 7.84 18.60 28.09
CA ARG H 316 6.60 18.89 28.81
C ARG H 316 5.67 17.69 28.87
N ASP H 317 5.50 17.01 27.74
CA ASP H 317 4.69 15.76 27.70
C ASP H 317 5.24 14.71 28.62
N ILE H 318 6.56 14.49 28.63
CA ILE H 318 7.16 13.45 29.45
C ILE H 318 6.92 13.76 30.94
N LEU H 319 7.25 14.97 31.35
CA LEU H 319 7.07 15.37 32.74
C LEU H 319 5.60 15.37 33.16
N GLY H 320 4.72 15.84 32.28
CA GLY H 320 3.28 15.84 32.58
C GLY H 320 2.74 14.43 32.84
N GLY H 321 3.26 13.50 32.04
CA GLY H 321 2.85 12.12 32.15
C GLY H 321 3.35 11.55 33.43
N ILE H 322 4.60 11.82 33.78
CA ILE H 322 5.14 11.30 35.06
C ILE H 322 4.44 11.88 36.31
N ARG H 323 4.16 13.17 36.28
CA ARG H 323 3.44 13.82 37.38
C ARG H 323 2.08 13.16 37.57
N SER H 324 1.48 12.78 36.45
CA SER H 324 0.17 12.19 36.46
C SER H 324 0.21 10.72 37.01
N THR H 325 1.27 9.98 36.70
CA THR H 325 1.52 8.66 37.33
C THR H 325 1.58 8.79 38.88
N CYS H 326 2.38 9.77 39.33
CA CYS H 326 2.58 10.00 40.74
C CYS H 326 1.23 10.35 41.38
N THR H 327 0.44 11.20 40.73
CA THR H 327 -0.90 11.51 41.25
C THR H 327 -1.79 10.28 41.35
N TYR H 328 -1.78 9.44 40.30
CA TYR H 328 -2.59 8.22 40.31
C TYR H 328 -2.23 7.26 41.43
N VAL H 329 -0.95 7.17 41.79
CA VAL H 329 -0.55 6.26 42.86
C VAL H 329 -0.37 6.92 44.24
N GLY H 330 -0.64 8.22 44.34
CA GLY H 330 -0.56 8.98 45.56
C GLY H 330 0.79 9.45 46.03
N ALA H 331 1.72 9.68 45.09
CA ALA H 331 3.08 10.14 45.41
C ALA H 331 3.13 11.62 45.15
N ALA H 332 3.38 12.39 46.22
CA ALA H 332 3.49 13.85 46.08
C ALA H 332 4.82 14.24 45.44
N LYS H 333 5.78 13.35 45.53
CA LYS H 333 7.15 13.55 45.11
C LYS H 333 7.61 12.29 44.42
N LEU H 334 8.47 12.47 43.44
CA LEU H 334 9.06 11.34 42.70
C LEU H 334 9.77 10.32 43.61
N LYS H 335 10.40 10.85 44.67
CA LYS H 335 11.09 10.06 45.65
C LYS H 335 10.15 8.98 46.23
N GLU H 336 8.86 9.29 46.33
CA GLU H 336 7.85 8.33 46.86
C GLU H 336 7.28 7.31 45.85
N LEU H 337 7.61 7.45 44.57
CA LEU H 337 6.95 6.68 43.52
C LEU H 337 7.25 5.19 43.64
N SER H 338 8.52 4.82 43.74
CA SER H 338 8.86 3.41 43.81
C SER H 338 8.21 2.72 45.02
N ARG H 339 8.20 3.36 46.17
CA ARG H 339 7.54 2.77 47.33
C ARG H 339 6.00 2.68 47.16
N ARG H 340 5.41 3.59 46.38
CA ARG H 340 3.98 3.54 46.14
C ARG H 340 3.59 2.74 44.86
N THR H 341 4.56 2.11 44.21
CA THR H 341 4.34 1.30 43.01
C THR H 341 3.94 -0.14 43.35
N THR H 342 2.80 -0.54 42.82
CA THR H 342 2.40 -1.94 42.79
C THR H 342 2.15 -2.24 41.33
N PHE H 343 2.97 -3.11 40.75
CA PHE H 343 2.85 -3.51 39.35
C PHE H 343 1.77 -4.60 39.25
N ILE H 344 0.92 -4.43 38.23
CA ILE H 344 -0.04 -5.41 37.74
C ILE H 344 0.51 -6.00 36.41
N ARG H 345 0.66 -7.30 36.36
CA ARG H 345 1.07 -8.04 35.17
C ARG H 345 -0.10 -8.07 34.16
N VAL H 346 0.16 -7.67 32.90
CA VAL H 346 -0.86 -7.64 31.84
C VAL H 346 -0.52 -8.57 30.71
#